data_8HG6
#
_entry.id   8HG6
#
_cell.length_a   1.00
_cell.length_b   1.00
_cell.length_c   1.00
_cell.angle_alpha   90.00
_cell.angle_beta   90.00
_cell.angle_gamma   90.00
#
_symmetry.space_group_name_H-M   'P 1'
#
loop_
_entity.id
_entity.type
_entity.pdbx_description
1 polymer 'Chlorophyll a-b binding protein, chloroplastic'
2 non-polymer 'CHLOROPHYLL A'
3 non-polymer 'CHLOROPHYLL B'
4 non-polymer 'Chlorophyll c2'
5 non-polymer (1~{S})-3,5,5-trimethyl-4-[(3~{E},5~{E},7~{E},9~{E},11~{E},13~{E},15~{E},17~{E})-3,7,12,16-tetramethyl-18-[(1~{R},4~{R})-2,6,6-trimethyl-4-oxidanyl-cyclohex-2-en-1-yl]octadeca-3,5,7,9,11,13,15,17-octaenyl]cyclohex-3-en-1-ol
6 non-polymer (3~{E},5~{E},7~{E},9~{E},11~{E},13~{E},15~{E},17~{E})-1-[(1~{S},4~{S})-2,2-dimethyl-6-methylidene-1,4-bis(oxidanyl)cyclohexyl]-3,7,12,16-tetramethyl-18-[(1~{R},4~{R})-2,6,6-trimethyl-4-oxidanyl-cyclohex-2-en-1-yl]octadeca-3,5,7,9,11,13,15,17-octaen-2-one
7 non-polymer (1R,3R)-6-{(3E,5E,7E,9E,11E,13E,15E,17E)-18-[(1S,4R,6R)-4-HYDROXY-2,2,6-TRIMETHYL-7-OXABICYCLO[4.1.0]HEPT-1-YL]-3,7,12,16-TETRAMETHYLOCTADECA-1,3,5,7,9,11,13,15,17-NONAENYLIDENE}-1,5,5-TRIMETHYLCYCLOHEXANE-1,3-DIOL
#
_entity_poly.entity_id   1
_entity_poly.type   'polypeptide(L)'
_entity_poly.pdbx_seq_one_letter_code
;MSALLASSFVSRVAAFKAQKVQNKSVSTTVKADIYPEFGTYPGGGESPIIPFGSEKNAEREVIHGRWAMLGVTGAWAAEN
GTGIPWFTAGTLCTPDDCTAVADKFPGAVAPLAPEGSGYPSFWNVLIIEIVLVGAAEAYRTGISDSPFDDGLTVGDVNPG
GRFDPLGLAESGDLEELKIKELKHCRLSMFAWLGCIFQALATQEGPIANWQSHVADPVHSNVLTNAAKGFGFY
;
_entity_poly.pdbx_strand_id   V,W,X
#
loop_
_chem_comp.id
_chem_comp.type
_chem_comp.name
_chem_comp.formula
CHL non-polymer 'CHLOROPHYLL B' 'C55 H70 Mg N4 O6 2'
CLA non-polymer 'CHLOROPHYLL A' 'C55 H72 Mg N4 O5'
IWJ non-polymer (3~{E},5~{E},7~{E},9~{E},11~{E},13~{E},15~{E},17~{E})-1-[(1~{S},4~{S})-2,2-dimethyl-6-methylidene-1,4-bis(oxidanyl)cyclohexyl]-3,7,12,16-tetramethyl-18-[(1~{R},4~{R})-2,6,6-trimethyl-4-oxidanyl-cyclohex-2-en-1-yl]octadeca-3,5,7,9,11,13,15,17-octaen-2-one 'C40 H56 O4'
KC2 non-polymer 'Chlorophyll c2' 'C35 H28 Mg N4 O5'
NEX non-polymer (1R,3R)-6-{(3E,5E,7E,9E,11E,13E,15E,17E)-18-[(1S,4R,6R)-4-HYDROXY-2,2,6-TRIMETHYL-7-OXABICYCLO[4.1.0]HEPT-1-YL]-3,7,12,16-TETRAMETHYLOCTADECA-1,3,5,7,9,11,13,15,17-NONAENYLIDENE}-1,5,5-TRIMETHYLCYCLOHEXANE-1,3-DIOL 'C40 H56 O4'
Q6L non-polymer (1~{S})-3,5,5-trimethyl-4-[(3~{E},5~{E},7~{E},9~{E},11~{E},13~{E},15~{E},17~{E})-3,7,12,16-tetramethyl-18-[(1~{R},4~{R})-2,6,6-trimethyl-4-oxidanyl-cyclohex-2-en-1-yl]octadeca-3,5,7,9,11,13,15,17-octaenyl]cyclohex-3-en-1-ol 'C40 H58 O2'
#
# COMPACT_ATOMS: atom_id res chain seq x y z
N ASP A 33 -12.80 25.14 22.37
CA ASP A 33 -12.54 24.50 21.07
C ASP A 33 -12.02 23.09 21.36
N ILE A 34 -12.90 22.09 21.32
CA ILE A 34 -12.47 20.71 21.57
C ILE A 34 -12.23 20.02 20.23
N TYR A 35 -11.00 19.55 20.03
CA TYR A 35 -10.47 18.97 18.81
C TYR A 35 -10.57 19.98 17.65
N PRO A 36 -9.87 21.13 17.73
CA PRO A 36 -9.49 21.88 16.54
C PRO A 36 -8.43 21.28 15.65
N GLU A 37 -7.97 20.06 15.87
CA GLU A 37 -7.04 19.50 14.91
C GLU A 37 -7.82 19.03 13.69
N PHE A 38 -7.08 18.75 12.61
CA PHE A 38 -7.69 18.36 11.34
C PHE A 38 -8.55 17.12 11.52
N GLY A 39 -9.75 17.16 10.94
CA GLY A 39 -10.70 16.08 11.06
C GLY A 39 -11.71 16.29 12.17
N THR A 40 -12.47 15.23 12.43
CA THR A 40 -13.41 15.20 13.53
C THR A 40 -13.35 13.84 14.21
N TYR A 41 -13.88 13.78 15.41
CA TYR A 41 -13.91 12.55 16.19
C TYR A 41 -15.05 11.64 15.71
N PRO A 42 -14.94 10.31 15.88
CA PRO A 42 -15.93 9.40 15.28
C PRO A 42 -17.35 9.59 15.76
N GLY A 43 -17.56 10.05 17.00
CA GLY A 43 -18.92 10.19 17.49
C GLY A 43 -19.72 11.26 16.77
N GLY A 44 -19.06 12.36 16.41
CA GLY A 44 -19.73 13.50 15.79
C GLY A 44 -18.97 14.09 14.63
N GLY A 45 -19.65 14.30 13.51
CA GLY A 45 -19.04 14.84 12.32
C GLY A 45 -18.50 13.76 11.42
N GLU A 46 -18.73 13.89 10.11
CA GLU A 46 -18.10 13.00 9.16
C GLU A 46 -16.64 13.41 8.99
N SER A 47 -15.78 12.39 8.84
CA SER A 47 -14.39 12.58 8.56
C SER A 47 -14.15 13.56 7.41
N PRO A 48 -12.94 14.11 7.34
CA PRO A 48 -12.58 14.97 6.21
C PRO A 48 -12.14 14.21 4.99
N ILE A 49 -11.75 12.92 5.11
CA ILE A 49 -11.22 12.17 3.99
C ILE A 49 -12.00 10.88 3.74
N ILE A 50 -11.95 9.92 4.66
CA ILE A 50 -12.51 8.59 4.45
C ILE A 50 -13.95 8.60 5.00
N PRO A 51 -14.97 8.58 4.16
CA PRO A 51 -16.32 8.40 4.69
C PRO A 51 -16.52 6.99 5.22
N PHE A 52 -17.43 6.86 6.18
CA PHE A 52 -17.73 5.57 6.76
C PHE A 52 -19.14 5.56 7.30
N GLY A 53 -19.69 4.36 7.42
CA GLY A 53 -21.04 4.15 7.93
C GLY A 53 -21.13 3.08 9.00
N SER A 54 -19.99 2.50 9.39
CA SER A 54 -19.95 1.41 10.36
C SER A 54 -19.34 1.92 11.66
N GLU A 55 -20.04 1.68 12.77
CA GLU A 55 -19.51 1.98 14.09
C GLU A 55 -18.42 1.01 14.52
N LYS A 56 -18.28 -0.11 13.81
CA LYS A 56 -17.26 -1.09 14.17
C LYS A 56 -15.86 -0.49 14.04
N ASN A 57 -15.60 0.19 12.93
CA ASN A 57 -14.29 0.81 12.77
C ASN A 57 -14.10 1.97 13.76
N ALA A 58 -15.18 2.64 14.14
CA ALA A 58 -15.09 3.69 15.16
C ALA A 58 -14.63 3.11 16.50
N GLU A 59 -15.13 1.93 16.85
CA GLU A 59 -14.62 1.16 17.98
C GLU A 59 -13.15 0.78 17.77
N ARG A 60 -12.83 0.37 16.55
CA ARG A 60 -11.55 -0.27 16.29
C ARG A 60 -10.40 0.72 16.32
N GLU A 61 -10.66 1.97 15.93
CA GLU A 61 -9.60 2.96 15.97
C GLU A 61 -9.10 3.13 17.39
N VAL A 62 -10.01 3.20 18.34
CA VAL A 62 -9.58 3.50 19.71
C VAL A 62 -8.89 2.30 20.31
N ILE A 63 -9.34 1.10 19.99
CA ILE A 63 -8.58 -0.04 20.53
C ILE A 63 -7.21 -0.20 19.84
N HIS A 64 -7.14 0.02 18.52
CA HIS A 64 -5.86 -0.05 17.82
C HIS A 64 -4.91 0.98 18.36
N GLY A 65 -5.41 2.16 18.67
CA GLY A 65 -4.52 3.15 19.21
C GLY A 65 -4.07 2.85 20.62
N ARG A 66 -4.97 2.33 21.46
CA ARG A 66 -4.56 1.97 22.81
C ARG A 66 -3.42 0.95 22.78
N TRP A 67 -3.59 -0.06 21.94
CA TRP A 67 -2.51 -1.02 21.74
C TRP A 67 -1.26 -0.36 21.19
N ALA A 68 -1.42 0.63 20.32
CA ALA A 68 -0.25 1.36 19.87
C ALA A 68 0.42 2.05 21.06
N MET A 69 -0.34 2.75 21.91
CA MET A 69 0.27 3.57 22.96
C MET A 69 1.08 2.70 23.88
N LEU A 70 0.56 1.51 24.16
CA LEU A 70 1.36 0.56 24.91
C LEU A 70 2.61 0.16 24.12
N GLY A 71 2.48 -0.07 22.80
CA GLY A 71 3.64 -0.46 22.01
C GLY A 71 4.71 0.62 21.92
N VAL A 72 4.31 1.84 21.56
CA VAL A 72 5.24 2.95 21.40
C VAL A 72 5.88 3.31 22.75
N THR A 73 5.07 3.31 23.81
CA THR A 73 5.61 3.60 25.13
C THR A 73 6.67 2.58 25.50
N GLY A 74 6.34 1.30 25.32
CA GLY A 74 7.34 0.27 25.56
C GLY A 74 8.53 0.40 24.64
N ALA A 75 8.33 1.02 23.47
CA ALA A 75 9.47 1.25 22.57
C ALA A 75 10.52 2.09 23.26
N TRP A 76 10.12 3.24 23.81
CA TRP A 76 11.12 4.03 24.55
C TRP A 76 11.62 3.26 25.74
N ALA A 77 10.70 2.85 26.59
CA ALA A 77 11.05 2.25 27.86
C ALA A 77 12.03 1.10 27.71
N ALA A 78 11.72 0.16 26.81
CA ALA A 78 12.62 -0.93 26.52
C ALA A 78 13.92 -0.45 25.87
N GLU A 79 13.82 0.32 24.79
CA GLU A 79 15.04 0.72 24.10
C GLU A 79 15.96 1.56 24.98
N ASN A 80 15.39 2.30 25.94
CA ASN A 80 16.17 3.10 26.87
C ASN A 80 16.70 2.25 28.01
N GLY A 81 15.93 1.25 28.44
CA GLY A 81 16.37 0.40 29.53
C GLY A 81 17.46 -0.57 29.13
N THR A 82 17.35 -1.15 27.93
CA THR A 82 18.28 -2.17 27.46
C THR A 82 19.30 -1.64 26.46
N GLY A 83 19.02 -0.52 25.80
CA GLY A 83 19.93 -0.02 24.80
C GLY A 83 19.92 -0.74 23.47
N ILE A 84 18.85 -1.46 23.14
CA ILE A 84 18.72 -2.18 21.87
C ILE A 84 17.44 -1.71 21.19
N PRO A 85 17.35 -1.83 19.87
CA PRO A 85 16.08 -1.53 19.20
C PRO A 85 15.04 -2.63 19.42
N TRP A 86 13.79 -2.20 19.34
CA TRP A 86 12.62 -3.05 19.59
C TRP A 86 12.49 -4.17 18.55
N PHE A 87 12.86 -3.90 17.31
CA PHE A 87 12.70 -4.93 16.29
C PHE A 87 13.74 -6.04 16.43
N THR A 88 14.94 -5.72 16.94
CA THR A 88 15.86 -6.77 17.32
C THR A 88 15.53 -7.32 18.71
N ALA A 89 14.78 -6.56 19.52
CA ALA A 89 14.26 -7.10 20.78
C ALA A 89 13.29 -8.23 20.52
N GLY A 90 12.58 -8.19 19.39
CA GLY A 90 11.75 -9.31 19.04
C GLY A 90 12.52 -10.61 18.86
N THR A 91 13.60 -10.57 18.10
CA THR A 91 14.43 -11.75 17.85
C THR A 91 15.46 -11.99 18.94
N LEU A 92 15.51 -11.13 19.97
CA LEU A 92 16.35 -11.44 21.11
C LEU A 92 15.95 -12.75 21.75
N CYS A 93 14.67 -13.07 21.69
CA CYS A 93 14.12 -14.32 22.18
C CYS A 93 14.10 -15.31 21.04
N THR A 94 14.41 -16.56 21.35
CA THR A 94 14.46 -17.64 20.39
C THR A 94 13.46 -18.70 20.80
N PRO A 95 12.98 -19.51 19.86
CA PRO A 95 12.06 -20.59 20.26
C PRO A 95 12.66 -21.54 21.25
N ASP A 96 13.94 -21.81 21.08
CA ASP A 96 14.63 -22.74 21.95
C ASP A 96 14.70 -22.20 23.37
N ASP A 97 14.96 -20.90 23.54
CA ASP A 97 15.11 -20.33 24.86
C ASP A 97 14.96 -18.81 24.81
N CYS A 98 14.57 -18.25 25.97
CA CYS A 98 14.43 -16.82 26.15
C CYS A 98 15.03 -16.46 27.51
N THR A 99 16.35 -16.31 27.56
CA THR A 99 17.07 -15.86 28.75
C THR A 99 17.74 -14.51 28.57
N ALA A 100 17.62 -13.91 27.39
CA ALA A 100 18.29 -12.63 27.16
C ALA A 100 17.69 -11.55 28.05
N VAL A 101 16.39 -11.58 28.25
CA VAL A 101 15.72 -10.59 29.10
C VAL A 101 16.12 -10.70 30.56
N ALA A 102 16.73 -11.80 30.98
CA ALA A 102 17.11 -11.98 32.36
C ALA A 102 18.13 -10.90 32.75
N ASP A 103 17.78 -10.10 33.76
CA ASP A 103 18.57 -8.96 34.21
C ASP A 103 18.78 -7.93 33.10
N LYS A 104 17.96 -7.95 32.05
CA LYS A 104 18.02 -6.93 31.02
C LYS A 104 17.23 -5.69 31.41
N PHE A 105 16.28 -5.83 32.33
CA PHE A 105 15.50 -4.70 32.78
C PHE A 105 16.38 -3.75 33.61
N PRO A 106 16.12 -2.44 33.55
CA PRO A 106 16.95 -1.52 34.34
C PRO A 106 16.46 -1.42 35.78
N GLY A 107 17.40 -1.56 36.71
CA GLY A 107 17.11 -1.46 38.12
C GLY A 107 16.46 -2.68 38.74
N ALA A 108 16.43 -3.80 38.03
CA ALA A 108 15.79 -5.00 38.55
C ALA A 108 16.51 -5.49 39.80
N VAL A 109 15.78 -5.54 40.91
CA VAL A 109 16.38 -5.98 42.18
C VAL A 109 16.79 -7.44 42.09
N ALA A 110 16.01 -8.26 41.38
CA ALA A 110 16.34 -9.64 41.10
C ALA A 110 15.98 -9.89 39.64
N PRO A 111 16.79 -10.63 38.87
CA PRO A 111 16.40 -10.96 37.50
C PRO A 111 15.13 -11.82 37.48
N LEU A 112 14.35 -11.67 36.40
CA LEU A 112 13.10 -12.41 36.30
C LEU A 112 13.35 -13.91 36.21
N ALA A 113 14.41 -14.30 35.52
CA ALA A 113 14.81 -15.70 35.51
C ALA A 113 15.51 -16.06 36.82
N PRO A 114 15.41 -17.32 37.28
CA PRO A 114 16.10 -17.67 38.52
C PRO A 114 17.60 -17.86 38.33
N TYR A 119 12.90 -20.76 34.65
CA TYR A 119 12.93 -21.21 33.27
C TYR A 119 12.95 -20.01 32.35
N PRO A 120 14.13 -19.58 31.95
CA PRO A 120 14.17 -18.53 30.93
C PRO A 120 14.01 -19.12 29.54
N SER A 121 12.81 -19.62 29.26
CA SER A 121 12.52 -20.33 28.03
C SER A 121 11.34 -19.69 27.31
N PHE A 122 11.46 -19.60 26.00
CA PHE A 122 10.45 -18.91 25.20
C PHE A 122 9.09 -19.58 25.30
N TRP A 123 9.02 -20.89 25.11
CA TRP A 123 7.71 -21.54 25.08
C TRP A 123 7.02 -21.46 26.42
N ASN A 124 7.79 -21.49 27.49
CA ASN A 124 7.23 -21.39 28.83
C ASN A 124 6.53 -20.06 29.01
N VAL A 125 7.16 -18.98 28.53
CA VAL A 125 6.50 -17.67 28.59
C VAL A 125 5.49 -17.50 27.47
N LEU A 126 5.62 -18.28 26.39
CA LEU A 126 4.73 -18.14 25.26
C LEU A 126 3.36 -18.66 25.57
N ILE A 127 3.28 -19.89 26.08
CA ILE A 127 1.95 -20.46 26.35
C ILE A 127 1.22 -19.59 27.35
N ILE A 128 1.92 -19.07 28.34
CA ILE A 128 1.24 -18.24 29.34
C ILE A 128 0.87 -16.91 28.72
N GLU A 129 1.70 -16.37 27.82
CA GLU A 129 1.34 -15.12 27.17
C GLU A 129 0.14 -15.30 26.25
N ILE A 130 0.15 -16.32 25.41
CA ILE A 130 -0.93 -16.50 24.46
C ILE A 130 -2.22 -16.84 25.19
N VAL A 131 -2.14 -17.60 26.29
CA VAL A 131 -3.35 -17.90 27.05
C VAL A 131 -3.88 -16.64 27.71
N LEU A 132 -3.03 -15.85 28.35
CA LEU A 132 -3.51 -14.66 29.04
C LEU A 132 -4.08 -13.64 28.04
N VAL A 133 -3.38 -13.42 26.93
CA VAL A 133 -3.87 -12.45 25.96
C VAL A 133 -5.13 -12.95 25.27
N GLY A 134 -5.14 -14.24 24.92
CA GLY A 134 -6.30 -14.81 24.27
C GLY A 134 -7.52 -14.66 25.16
N ALA A 135 -7.35 -14.98 26.44
CA ALA A 135 -8.46 -14.85 27.38
C ALA A 135 -8.92 -13.41 27.43
N ALA A 136 -7.97 -12.48 27.47
CA ALA A 136 -8.33 -11.07 27.53
C ALA A 136 -9.17 -10.68 26.33
N GLU A 137 -8.75 -11.12 25.14
CA GLU A 137 -9.50 -10.82 23.94
C GLU A 137 -10.90 -11.40 23.99
N ALA A 138 -11.01 -12.67 24.40
CA ALA A 138 -12.31 -13.30 24.47
C ALA A 138 -13.19 -12.59 25.46
N TYR A 139 -12.59 -12.13 26.56
CA TYR A 139 -13.36 -11.47 27.60
C TYR A 139 -13.75 -10.06 27.18
N ARG A 140 -12.91 -9.38 26.39
CA ARG A 140 -13.24 -8.02 25.99
C ARG A 140 -14.18 -7.96 24.80
N THR A 141 -14.17 -8.97 23.93
CA THR A 141 -14.99 -8.95 22.72
C THR A 141 -16.24 -9.81 22.79
N GLY A 142 -16.31 -10.74 23.75
CA GLY A 142 -17.49 -11.54 23.96
C GLY A 142 -17.42 -12.95 23.42
N ILE A 143 -16.23 -13.43 23.05
CA ILE A 143 -16.11 -14.82 22.62
C ILE A 143 -16.45 -15.75 23.79
N SER A 144 -15.91 -15.47 24.97
CA SER A 144 -16.15 -16.25 26.18
C SER A 144 -16.87 -15.38 27.21
N ASP A 145 -17.25 -16.01 28.32
CA ASP A 145 -17.99 -15.30 29.35
C ASP A 145 -17.08 -14.32 30.08
N SER A 146 -17.68 -13.24 30.57
CA SER A 146 -16.88 -12.31 31.35
C SER A 146 -16.62 -12.92 32.74
N PRO A 147 -15.40 -12.80 33.27
CA PRO A 147 -15.11 -13.38 34.59
C PRO A 147 -15.77 -12.63 35.72
N PHE A 148 -16.06 -11.35 35.51
CA PHE A 148 -16.68 -10.50 36.51
C PHE A 148 -18.18 -10.42 36.30
N ASP A 149 -18.61 -10.28 35.05
CA ASP A 149 -20.01 -10.09 34.72
C ASP A 149 -20.57 -8.90 35.50
N ASP A 150 -19.75 -7.85 35.63
CA ASP A 150 -20.13 -6.65 36.35
C ASP A 150 -20.91 -5.67 35.47
N GLY A 151 -21.43 -6.13 34.34
CA GLY A 151 -22.15 -5.29 33.41
C GLY A 151 -21.30 -4.74 32.30
N LEU A 152 -20.06 -5.18 32.18
CA LEU A 152 -19.16 -4.67 31.15
C LEU A 152 -19.56 -5.29 29.82
N THR A 153 -20.29 -4.53 29.03
CA THR A 153 -20.66 -5.01 27.70
C THR A 153 -19.43 -5.04 26.82
N VAL A 154 -19.21 -6.20 26.19
CA VAL A 154 -18.04 -6.40 25.35
C VAL A 154 -18.04 -5.40 24.21
N GLY A 155 -19.22 -5.06 23.72
CA GLY A 155 -19.30 -4.08 22.65
C GLY A 155 -18.76 -2.73 23.07
N ASP A 156 -18.76 -2.44 24.37
CA ASP A 156 -18.34 -1.14 24.85
C ASP A 156 -16.82 -1.07 24.96
N VAL A 157 -16.25 -0.02 24.35
CA VAL A 157 -14.84 0.28 24.50
C VAL A 157 -14.53 0.92 25.83
N ASN A 158 -15.54 1.45 26.51
CA ASN A 158 -15.36 2.13 27.79
C ASN A 158 -16.23 1.48 28.85
N PRO A 159 -15.88 0.25 29.27
CA PRO A 159 -16.55 -0.37 30.42
C PRO A 159 -15.98 0.14 31.75
N GLY A 160 -16.16 1.44 31.99
CA GLY A 160 -15.60 2.04 33.18
C GLY A 160 -16.14 1.48 34.48
N GLY A 161 -17.25 0.73 34.42
CA GLY A 161 -17.83 0.15 35.63
C GLY A 161 -16.82 -0.64 36.45
N ARG A 162 -15.96 -1.40 35.78
CA ARG A 162 -14.85 -2.09 36.42
C ARG A 162 -13.51 -1.46 36.12
N PHE A 163 -13.41 -0.71 35.04
CA PHE A 163 -12.15 -0.12 34.62
C PHE A 163 -12.01 1.25 35.27
N ASP A 164 -11.05 1.99 34.78
CA ASP A 164 -10.58 3.29 35.39
C ASP A 164 -10.53 3.16 36.90
N PRO A 165 -9.69 2.30 37.50
CA PRO A 165 -9.70 2.09 38.95
C PRO A 165 -9.55 3.37 39.77
N LEU A 166 -8.72 4.31 39.31
CA LEU A 166 -8.62 5.61 39.98
C LEU A 166 -9.99 6.26 40.09
N GLY A 167 -10.84 6.02 39.09
CA GLY A 167 -12.14 6.63 39.07
C GLY A 167 -12.12 8.01 38.47
N LEU A 168 -11.14 8.30 37.61
CA LEU A 168 -11.10 9.59 36.94
C LEU A 168 -12.29 9.77 36.00
N ALA A 169 -12.97 8.68 35.63
CA ALA A 169 -14.15 8.76 34.78
C ALA A 169 -15.24 9.60 35.42
N GLU A 170 -15.45 9.43 36.73
CA GLU A 170 -16.46 10.17 37.47
C GLU A 170 -15.89 11.38 38.21
N SER A 171 -14.57 11.40 38.43
CA SER A 171 -13.95 12.57 39.04
C SER A 171 -14.05 13.79 38.13
N GLY A 172 -13.84 13.59 36.83
CA GLY A 172 -13.99 14.63 35.85
C GLY A 172 -15.06 14.26 34.83
N ASP A 173 -15.40 15.22 33.97
CA ASP A 173 -16.36 14.97 32.91
C ASP A 173 -15.78 14.00 31.89
N LEU A 174 -16.61 13.05 31.45
CA LEU A 174 -16.14 11.93 30.65
C LEU A 174 -15.84 12.32 29.21
N GLU A 175 -16.59 13.28 28.64
CA GLU A 175 -16.49 13.57 27.21
C GLU A 175 -15.11 14.10 26.84
N GLU A 176 -14.64 15.12 27.56
CA GLU A 176 -13.34 15.69 27.24
C GLU A 176 -12.25 14.65 27.36
N LEU A 177 -12.38 13.79 28.35
CA LEU A 177 -11.39 12.78 28.65
C LEU A 177 -11.41 11.67 27.59
N LYS A 178 -12.57 11.40 27.00
CA LYS A 178 -12.62 10.60 25.78
C LYS A 178 -11.81 11.24 24.68
N ILE A 179 -11.94 12.54 24.50
CA ILE A 179 -11.21 13.18 23.42
C ILE A 179 -9.71 13.10 23.67
N LYS A 180 -9.30 13.30 24.92
CA LYS A 180 -7.88 13.31 25.23
C LYS A 180 -7.27 11.95 24.91
N GLU A 181 -7.94 10.90 25.35
CA GLU A 181 -7.45 9.54 25.08
C GLU A 181 -7.39 9.30 23.58
N LEU A 182 -8.43 9.71 22.86
CA LEU A 182 -8.47 9.51 21.42
C LEU A 182 -7.33 10.23 20.72
N LYS A 183 -7.12 11.50 21.07
CA LYS A 183 -6.02 12.26 20.49
C LYS A 183 -4.71 11.50 20.67
N HIS A 184 -4.44 11.07 21.89
CA HIS A 184 -3.22 10.30 22.16
C HIS A 184 -3.24 9.01 21.36
N CYS A 185 -4.42 8.39 21.25
CA CYS A 185 -4.54 7.15 20.49
C CYS A 185 -4.09 7.35 19.05
N ARG A 186 -4.54 8.43 18.43
CA ARG A 186 -4.16 8.72 17.06
C ARG A 186 -2.68 9.11 17.01
N LEU A 187 -2.24 9.89 17.99
CA LEU A 187 -0.85 10.30 18.04
C LEU A 187 0.06 9.11 18.07
N SER A 188 -0.25 8.15 18.92
CA SER A 188 0.63 7.03 19.08
C SER A 188 0.52 6.06 17.92
N MET A 189 -0.64 5.97 17.26
CA MET A 189 -0.72 5.13 16.08
C MET A 189 0.15 5.69 14.96
N PHE A 190 0.09 7.01 14.76
CA PHE A 190 0.95 7.63 13.77
C PHE A 190 2.42 7.50 14.17
N ALA A 191 2.71 7.61 15.47
CA ALA A 191 4.08 7.44 15.94
C ALA A 191 4.57 6.02 15.73
N TRP A 192 3.71 5.02 15.93
CA TRP A 192 4.08 3.65 15.62
C TRP A 192 4.32 3.46 14.14
N LEU A 193 3.45 4.03 13.31
CA LEU A 193 3.64 3.93 11.88
C LEU A 193 4.98 4.54 11.48
N GLY A 194 5.25 5.71 12.04
CA GLY A 194 6.51 6.36 11.77
C GLY A 194 7.64 5.61 12.39
N CYS A 195 7.43 5.07 13.59
CA CYS A 195 8.47 4.28 14.23
C CYS A 195 8.88 3.13 13.33
N ILE A 196 7.91 2.34 12.89
CA ILE A 196 8.21 1.18 12.05
C ILE A 196 8.81 1.61 10.72
N PHE A 197 8.40 2.77 10.21
CA PHE A 197 8.94 3.26 8.96
C PHE A 197 10.42 3.58 9.11
N GLN A 198 10.77 4.27 10.19
CA GLN A 198 12.16 4.61 10.43
C GLN A 198 12.90 3.33 10.69
N ALA A 199 12.21 2.38 11.35
CA ALA A 199 12.87 1.11 11.53
C ALA A 199 13.36 0.56 10.21
N LEU A 200 12.50 0.62 9.21
CA LEU A 200 12.83 0.05 7.91
C LEU A 200 13.82 0.90 7.13
N ALA A 201 13.86 2.20 7.38
CA ALA A 201 14.77 3.03 6.60
C ALA A 201 16.19 3.02 7.17
N THR A 202 16.33 3.26 8.48
CA THR A 202 17.66 3.42 9.08
C THR A 202 18.08 2.25 9.96
N GLN A 203 17.13 1.49 10.49
CA GLN A 203 17.41 0.33 11.33
C GLN A 203 18.25 0.67 12.55
N GLU A 204 18.35 1.96 12.91
CA GLU A 204 19.15 2.38 14.04
C GLU A 204 18.33 2.46 15.32
N GLY A 205 17.01 2.45 15.21
CA GLY A 205 16.13 2.47 16.36
C GLY A 205 15.48 3.84 16.54
N PRO A 206 14.21 3.88 16.98
CA PRO A 206 13.52 5.18 17.05
C PRO A 206 14.22 6.23 17.90
N ILE A 207 14.66 5.89 19.11
CA ILE A 207 15.22 6.91 19.98
C ILE A 207 16.66 7.18 19.56
N ALA A 208 17.37 6.20 19.00
CA ALA A 208 18.68 6.51 18.41
C ALA A 208 18.53 7.46 17.21
N ASN A 209 17.47 7.27 16.42
CA ASN A 209 17.16 8.24 15.38
C ASN A 209 16.86 9.60 15.99
N TRP A 210 16.16 9.62 17.12
CA TRP A 210 15.89 10.88 17.81
C TRP A 210 17.18 11.56 18.24
N GLN A 211 18.09 10.79 18.85
CA GLN A 211 19.34 11.38 19.32
C GLN A 211 20.16 11.90 18.15
N SER A 212 20.21 11.15 17.05
CA SER A 212 20.91 11.62 15.86
C SER A 212 20.27 12.88 15.30
N HIS A 213 18.95 12.96 15.32
CA HIS A 213 18.27 14.14 14.81
C HIS A 213 18.57 15.36 15.66
N VAL A 214 18.43 15.25 16.99
CA VAL A 214 18.65 16.41 17.83
C VAL A 214 20.13 16.78 17.87
N ALA A 215 21.04 15.82 17.58
CA ALA A 215 22.45 16.15 17.59
C ALA A 215 22.81 17.11 16.46
N ASP A 216 22.36 16.82 15.24
CA ASP A 216 22.59 17.68 14.09
C ASP A 216 21.35 17.63 13.20
N PRO A 217 20.31 18.40 13.55
CA PRO A 217 19.04 18.32 12.80
C PRO A 217 19.16 18.70 11.34
N VAL A 218 20.11 19.58 11.00
CA VAL A 218 20.23 20.06 9.63
C VAL A 218 20.68 18.93 8.71
N HIS A 219 21.70 18.19 9.14
CA HIS A 219 22.31 17.13 8.35
C HIS A 219 21.96 15.73 8.88
N SER A 220 20.83 15.59 9.59
CA SER A 220 20.35 14.28 10.03
C SER A 220 18.83 14.33 10.08
N ASN A 221 18.19 13.78 9.05
CA ASN A 221 16.73 13.78 8.93
C ASN A 221 16.36 12.72 7.90
N VAL A 222 15.09 12.68 7.50
CA VAL A 222 14.65 11.72 6.47
C VAL A 222 15.32 12.02 5.14
N LEU A 223 15.50 13.29 4.81
CA LEU A 223 15.96 13.64 3.48
C LEU A 223 17.45 13.41 3.32
N THR A 224 18.26 13.62 4.36
CA THR A 224 19.66 13.25 4.25
C THR A 224 19.85 11.75 4.31
N ASN A 225 18.95 11.02 4.98
CA ASN A 225 19.04 9.57 4.96
C ASN A 225 18.60 9.02 3.61
N ALA A 226 17.67 9.71 2.95
CA ALA A 226 17.32 9.40 1.57
C ALA A 226 18.41 9.82 0.61
N ALA A 227 19.25 10.80 1.00
CA ALA A 227 20.42 11.13 0.20
C ALA A 227 21.47 10.03 0.28
N LYS A 228 21.66 9.44 1.46
CA LYS A 228 22.39 8.18 1.56
C LYS A 228 21.64 7.07 0.87
N GLY A 229 20.33 7.22 0.76
CA GLY A 229 19.49 6.26 0.13
C GLY A 229 18.97 5.18 1.04
N PHE A 230 18.75 5.47 2.32
CA PHE A 230 18.22 4.51 3.29
C PHE A 230 19.02 3.21 3.36
N GLY A 231 20.25 3.18 2.84
CA GLY A 231 21.08 2.00 2.84
C GLY A 231 20.93 1.07 1.65
N PHE A 232 19.84 1.19 0.89
CA PHE A 232 19.57 0.29 -0.23
C PHE A 232 19.84 0.92 -1.59
N TYR A 233 20.27 2.16 -1.64
CA TYR A 233 20.54 2.78 -2.91
C TYR A 233 21.73 3.72 -2.78
N ILE B 34 -16.93 13.15 -21.05
CA ILE B 34 -17.05 11.83 -21.72
C ILE B 34 -15.84 10.97 -21.38
N TYR B 35 -16.05 9.67 -21.26
CA TYR B 35 -14.97 8.72 -21.00
C TYR B 35 -15.24 7.43 -21.76
N PRO B 36 -15.06 7.43 -23.08
CA PRO B 36 -15.09 6.17 -23.82
C PRO B 36 -13.91 5.27 -23.50
N GLU B 37 -12.82 5.82 -22.97
CA GLU B 37 -11.63 5.04 -22.68
C GLU B 37 -11.86 4.11 -21.51
N PHE B 38 -12.08 4.69 -20.33
CA PHE B 38 -12.41 3.91 -19.14
C PHE B 38 -12.95 4.84 -18.07
N GLY B 39 -13.82 4.30 -17.24
CA GLY B 39 -14.35 5.06 -16.13
C GLY B 39 -15.27 6.17 -16.60
N THR B 40 -15.31 7.25 -15.83
CA THR B 40 -16.20 8.37 -16.09
C THR B 40 -15.72 9.57 -15.29
N TYR B 41 -16.40 10.71 -15.49
CA TYR B 41 -16.09 11.95 -14.77
C TYR B 41 -17.02 12.12 -13.57
N PRO B 42 -16.64 12.94 -12.57
CA PRO B 42 -17.51 13.10 -11.37
C PRO B 42 -18.92 13.58 -11.64
N GLY B 43 -19.13 14.39 -12.68
CA GLY B 43 -20.46 14.92 -12.93
C GLY B 43 -21.52 13.88 -13.25
N GLY B 44 -21.13 12.79 -13.91
CA GLY B 44 -22.07 11.76 -14.28
C GLY B 44 -21.42 10.40 -14.28
N GLY B 45 -22.09 9.43 -13.66
CA GLY B 45 -21.53 8.10 -13.53
C GLY B 45 -20.69 7.95 -12.26
N GLU B 46 -20.26 6.70 -12.04
CA GLU B 46 -19.50 6.34 -10.85
C GLU B 46 -18.49 5.27 -11.24
N SER B 47 -17.38 5.21 -10.48
CA SER B 47 -16.37 4.19 -10.73
C SER B 47 -16.78 2.89 -10.08
N PRO B 48 -16.87 1.78 -10.81
CA PRO B 48 -17.00 0.50 -10.12
C PRO B 48 -15.78 0.14 -9.29
N ILE B 49 -14.58 0.64 -9.65
CA ILE B 49 -13.39 0.25 -8.91
C ILE B 49 -13.45 0.77 -7.49
N ILE B 50 -13.96 1.98 -7.29
CA ILE B 50 -14.09 2.52 -5.94
C ILE B 50 -15.33 3.40 -5.88
N PRO B 51 -16.18 3.29 -4.84
CA PRO B 51 -17.33 4.20 -4.74
C PRO B 51 -16.90 5.64 -4.56
N PHE B 52 -17.79 6.58 -4.94
CA PHE B 52 -17.41 7.99 -4.97
C PHE B 52 -17.06 8.49 -3.57
N GLY B 53 -17.81 8.08 -2.56
CA GLY B 53 -17.47 8.47 -1.19
C GLY B 53 -17.74 9.95 -0.96
N SER B 54 -16.77 10.63 -0.36
CA SER B 54 -16.85 12.07 -0.18
C SER B 54 -16.99 12.73 -1.54
N GLU B 55 -17.75 13.82 -1.62
CA GLU B 55 -17.67 14.59 -2.84
C GLU B 55 -16.26 15.09 -3.07
N LYS B 56 -15.69 15.75 -2.04
CA LYS B 56 -14.57 16.66 -2.24
C LYS B 56 -13.36 15.98 -2.88
N ASN B 57 -13.35 14.65 -2.87
CA ASN B 57 -12.52 13.82 -3.73
C ASN B 57 -12.47 14.29 -5.18
N ALA B 58 -13.55 14.83 -5.75
CA ALA B 58 -13.46 15.36 -7.11
C ALA B 58 -12.52 16.55 -7.18
N GLU B 59 -12.74 17.50 -6.27
CA GLU B 59 -11.86 18.65 -6.12
C GLU B 59 -10.44 18.21 -5.85
N ARG B 60 -10.31 17.25 -4.94
CA ARG B 60 -9.01 16.72 -4.55
C ARG B 60 -8.31 16.08 -5.74
N GLU B 61 -9.05 15.31 -6.54
CA GLU B 61 -8.48 14.63 -7.70
C GLU B 61 -7.95 15.63 -8.69
N VAL B 62 -8.73 16.67 -8.98
CA VAL B 62 -8.31 17.61 -10.02
C VAL B 62 -7.07 18.35 -9.60
N ILE B 63 -7.04 18.83 -8.35
CA ILE B 63 -5.86 19.56 -7.90
C ILE B 63 -4.65 18.62 -7.88
N HIS B 64 -4.84 17.38 -7.41
CA HIS B 64 -3.78 16.38 -7.47
C HIS B 64 -3.27 16.23 -8.89
N GLY B 65 -4.17 16.29 -9.87
CA GLY B 65 -3.77 16.09 -11.25
C GLY B 65 -3.03 17.26 -11.85
N ARG B 66 -3.48 18.47 -11.55
CA ARG B 66 -2.72 19.65 -11.95
C ARG B 66 -1.32 19.60 -11.37
N TRP B 67 -1.21 19.14 -10.13
CA TRP B 67 0.10 19.04 -9.51
C TRP B 67 0.94 17.96 -10.17
N ALA B 68 0.34 16.81 -10.50
CA ALA B 68 1.12 15.77 -11.16
C ALA B 68 1.49 16.18 -12.58
N MET B 69 0.65 16.96 -13.24
CA MET B 69 1.01 17.51 -14.54
C MET B 69 2.26 18.35 -14.43
N LEU B 70 2.25 19.28 -13.47
CA LEU B 70 3.42 20.12 -13.29
C LEU B 70 4.63 19.30 -12.86
N GLY B 71 4.43 18.32 -11.99
CA GLY B 71 5.54 17.50 -11.53
C GLY B 71 6.15 16.62 -12.62
N VAL B 72 5.30 15.97 -13.42
CA VAL B 72 5.79 15.12 -14.49
C VAL B 72 6.48 15.97 -15.55
N THR B 73 5.88 17.10 -15.91
CA THR B 73 6.50 17.98 -16.88
C THR B 73 7.83 18.49 -16.36
N GLY B 74 7.89 18.83 -15.07
CA GLY B 74 9.15 19.30 -14.51
C GLY B 74 10.20 18.22 -14.50
N ALA B 75 9.82 16.99 -14.16
CA ALA B 75 10.74 15.87 -14.26
C ALA B 75 11.21 15.69 -15.69
N TRP B 76 10.27 15.73 -16.63
CA TRP B 76 10.58 15.57 -18.04
C TRP B 76 11.57 16.62 -18.49
N ALA B 77 11.28 17.90 -18.24
CA ALA B 77 12.11 18.97 -18.77
C ALA B 77 13.44 19.09 -18.05
N ALA B 78 13.47 18.86 -16.73
CA ALA B 78 14.73 18.92 -16.00
C ALA B 78 15.68 17.82 -16.47
N GLU B 79 15.18 16.60 -16.59
CA GLU B 79 16.04 15.53 -17.08
C GLU B 79 16.27 15.63 -18.59
N ASN B 80 15.44 16.39 -19.32
CA ASN B 80 15.72 16.64 -20.73
C ASN B 80 16.93 17.55 -20.89
N GLY B 81 16.95 18.66 -20.16
CA GLY B 81 18.02 19.62 -20.35
C GLY B 81 19.27 19.25 -19.60
N THR B 82 19.11 19.00 -18.31
CA THR B 82 20.23 18.80 -17.41
C THR B 82 20.69 17.35 -17.41
N GLY B 83 19.74 16.43 -17.45
CA GLY B 83 20.00 15.02 -17.44
C GLY B 83 19.72 14.36 -16.11
N ILE B 84 19.72 15.10 -15.01
CA ILE B 84 19.62 14.44 -13.71
C ILE B 84 18.17 14.05 -13.45
N PRO B 85 17.90 12.89 -12.83
CA PRO B 85 16.52 12.53 -12.51
C PRO B 85 15.92 13.47 -11.48
N TRP B 86 14.60 13.60 -11.53
CA TRP B 86 13.86 14.47 -10.63
C TRP B 86 14.06 14.06 -9.17
N PHE B 87 14.08 12.76 -8.92
CA PHE B 87 14.16 12.26 -7.55
C PHE B 87 15.55 12.49 -6.97
N THR B 88 16.59 12.32 -7.79
CA THR B 88 17.92 12.67 -7.35
C THR B 88 18.05 14.17 -7.18
N ALA B 89 17.33 14.93 -8.02
CA ALA B 89 17.32 16.37 -7.97
C ALA B 89 16.66 16.92 -6.71
N GLY B 90 16.12 16.05 -5.85
CA GLY B 90 15.72 16.50 -4.53
C GLY B 90 16.89 17.18 -3.84
N THR B 91 18.09 16.63 -3.97
CA THR B 91 19.26 17.24 -3.33
C THR B 91 19.84 18.38 -4.14
N LEU B 92 19.07 18.95 -5.06
CA LEU B 92 19.54 20.05 -5.88
C LEU B 92 19.93 21.27 -5.03
N CYS B 93 19.42 21.36 -3.80
CA CYS B 93 19.76 22.41 -2.83
C CYS B 93 19.67 21.79 -1.46
N THR B 94 20.73 21.94 -0.67
CA THR B 94 20.79 21.51 0.71
C THR B 94 21.32 22.69 1.52
N PRO B 95 21.07 22.72 2.84
CA PRO B 95 21.53 23.88 3.64
C PRO B 95 23.00 24.18 3.52
N ASP B 96 23.84 23.16 3.41
CA ASP B 96 25.25 23.41 3.10
C ASP B 96 25.45 23.74 1.63
N ASP B 97 24.75 23.06 0.72
CA ASP B 97 25.00 23.12 -0.73
C ASP B 97 23.70 23.41 -1.47
N CYS B 98 23.39 24.70 -1.69
CA CYS B 98 22.29 25.10 -2.55
C CYS B 98 22.69 25.99 -3.69
N THR B 99 23.86 26.62 -3.62
CA THR B 99 24.40 27.39 -4.73
C THR B 99 24.77 26.53 -5.93
N ALA B 100 24.77 25.20 -5.77
CA ALA B 100 24.95 24.29 -6.89
C ALA B 100 23.92 24.53 -8.01
N VAL B 101 22.71 24.97 -7.65
CA VAL B 101 21.63 25.15 -8.63
C VAL B 101 21.94 26.25 -9.62
N ALA B 102 22.84 27.17 -9.27
CA ALA B 102 23.10 28.32 -10.11
C ALA B 102 23.49 27.88 -11.52
N ASP B 103 22.79 28.47 -12.50
CA ASP B 103 22.99 28.24 -13.93
C ASP B 103 22.68 26.80 -14.34
N LYS B 104 21.81 26.13 -13.59
CA LYS B 104 21.35 24.80 -13.96
C LYS B 104 20.01 24.90 -14.66
N PHE B 105 20.04 25.53 -15.83
CA PHE B 105 18.87 25.61 -16.65
C PHE B 105 19.31 25.68 -18.10
N PRO B 106 18.74 24.88 -19.00
CA PRO B 106 19.22 24.86 -20.39
C PRO B 106 19.11 26.21 -21.07
N GLY B 107 20.26 26.73 -21.52
CA GLY B 107 20.30 27.99 -22.22
C GLY B 107 20.13 29.21 -21.36
N ALA B 108 20.14 29.04 -20.04
CA ALA B 108 19.88 30.17 -19.13
C ALA B 108 20.87 31.29 -19.35
N VAL B 109 20.35 32.52 -19.35
CA VAL B 109 21.13 33.69 -19.74
C VAL B 109 22.25 33.92 -18.75
N ALA B 110 22.04 33.58 -17.49
CA ALA B 110 23.00 33.81 -16.43
C ALA B 110 22.78 32.76 -15.36
N PRO B 111 23.71 32.66 -14.38
CA PRO B 111 23.40 31.72 -13.30
C PRO B 111 22.31 32.30 -12.40
N LEU B 112 21.64 31.46 -11.64
CA LEU B 112 20.59 31.94 -10.74
C LEU B 112 21.17 32.97 -9.79
N ALA B 113 22.29 32.63 -9.15
CA ALA B 113 22.93 33.57 -8.24
C ALA B 113 24.42 33.62 -8.54
N PRO B 114 25.14 34.57 -7.93
CA PRO B 114 26.59 34.56 -8.17
C PRO B 114 27.22 33.22 -7.81
N GLU B 115 28.05 32.74 -8.73
CA GLU B 115 28.64 31.41 -8.61
C GLU B 115 29.65 31.37 -7.47
N GLY B 116 29.52 30.33 -6.62
CA GLY B 116 30.40 30.18 -5.48
C GLY B 116 30.13 31.12 -4.33
N SER B 117 29.16 32.02 -4.45
CA SER B 117 28.88 32.93 -3.35
C SER B 117 28.28 32.20 -2.15
N GLY B 118 27.39 31.24 -2.40
CA GLY B 118 26.62 30.63 -1.35
C GLY B 118 25.47 31.46 -0.86
N TYR B 119 25.32 32.69 -1.35
CA TYR B 119 24.14 33.49 -1.06
C TYR B 119 22.83 32.80 -1.44
N PRO B 120 22.71 32.05 -2.57
CA PRO B 120 21.50 31.22 -2.73
C PRO B 120 21.53 30.05 -1.77
N SER B 121 21.33 30.34 -0.49
CA SER B 121 21.30 29.28 0.51
C SER B 121 19.97 28.56 0.43
N PHE B 122 19.98 27.30 0.85
CA PHE B 122 18.76 26.53 0.91
C PHE B 122 17.75 27.19 1.84
N TRP B 123 18.24 27.70 2.98
CA TRP B 123 17.36 28.31 3.97
C TRP B 123 16.54 29.41 3.32
N ASN B 124 17.21 30.29 2.57
CA ASN B 124 16.54 31.36 1.86
C ASN B 124 15.54 30.82 0.84
N VAL B 125 15.97 29.91 -0.03
CA VAL B 125 15.10 29.51 -1.14
C VAL B 125 13.89 28.74 -0.61
N LEU B 126 14.09 27.90 0.40
CA LEU B 126 12.94 27.20 0.97
C LEU B 126 12.02 28.15 1.69
N ILE B 127 12.57 29.14 2.41
CA ILE B 127 11.71 30.09 3.11
C ILE B 127 10.84 30.85 2.12
N ILE B 128 11.46 31.36 1.05
CA ILE B 128 10.70 32.08 0.03
C ILE B 128 9.66 31.16 -0.57
N GLU B 129 10.04 29.90 -0.84
CA GLU B 129 9.09 28.97 -1.43
C GLU B 129 7.90 28.76 -0.53
N ILE B 130 8.15 28.40 0.72
CA ILE B 130 7.03 28.01 1.56
C ILE B 130 6.16 29.22 1.85
N VAL B 131 6.75 30.42 1.87
CA VAL B 131 5.93 31.62 2.00
C VAL B 131 4.99 31.76 0.81
N LEU B 132 5.53 31.67 -0.41
CA LEU B 132 4.71 31.91 -1.59
C LEU B 132 3.67 30.81 -1.77
N VAL B 133 4.06 29.57 -1.53
CA VAL B 133 3.13 28.46 -1.64
C VAL B 133 2.05 28.57 -0.57
N GLY B 134 2.45 28.78 0.68
CA GLY B 134 1.46 28.83 1.74
C GLY B 134 0.49 29.96 1.55
N ALA B 135 0.97 31.10 1.04
CA ALA B 135 0.05 32.19 0.74
C ALA B 135 -0.89 31.80 -0.39
N ALA B 136 -0.37 31.16 -1.45
CA ALA B 136 -1.23 30.75 -2.55
C ALA B 136 -2.27 29.73 -2.10
N GLU B 137 -1.86 28.77 -1.26
CA GLU B 137 -2.77 27.71 -0.84
C GLU B 137 -3.79 28.21 0.19
N ALA B 138 -3.37 29.09 1.10
CA ALA B 138 -4.32 29.64 2.05
C ALA B 138 -5.33 30.54 1.35
N TYR B 139 -4.89 31.30 0.34
CA TYR B 139 -5.83 32.06 -0.46
C TYR B 139 -6.70 31.14 -1.32
N ARG B 140 -6.18 29.96 -1.67
CA ARG B 140 -6.96 29.02 -2.46
C ARG B 140 -8.08 28.42 -1.66
N THR B 141 -7.79 28.00 -0.44
CA THR B 141 -8.71 27.25 0.38
C THR B 141 -9.38 28.10 1.44
N GLY B 142 -9.12 29.40 1.45
CA GLY B 142 -9.78 30.27 2.39
C GLY B 142 -9.30 30.14 3.81
N ILE B 143 -8.08 29.65 4.04
CA ILE B 143 -7.55 29.64 5.39
C ILE B 143 -7.38 31.08 5.88
N SER B 144 -6.69 31.91 5.10
CA SER B 144 -6.37 33.28 5.52
C SER B 144 -7.44 34.26 5.01
N ASP B 145 -7.52 34.42 3.70
CA ASP B 145 -8.44 35.39 3.10
C ASP B 145 -8.48 35.14 1.60
N SER B 146 -9.10 36.08 0.88
CA SER B 146 -9.05 36.12 -0.58
C SER B 146 -8.67 37.55 -0.97
N PRO B 147 -7.43 37.80 -1.42
CA PRO B 147 -7.05 39.20 -1.73
C PRO B 147 -7.88 39.82 -2.84
N PHE B 148 -8.36 39.03 -3.78
CA PHE B 148 -9.19 39.55 -4.87
C PHE B 148 -10.63 39.67 -4.41
N ASP B 149 -11.30 40.73 -4.86
CA ASP B 149 -12.61 41.10 -4.36
C ASP B 149 -13.76 40.72 -5.29
N ASP B 150 -13.50 40.00 -6.39
CA ASP B 150 -14.53 39.71 -7.40
C ASP B 150 -14.75 38.21 -7.49
N GLY B 151 -15.67 37.71 -6.66
CA GLY B 151 -16.06 36.31 -6.70
C GLY B 151 -14.94 35.41 -6.25
N LEU B 152 -14.48 34.53 -7.14
CA LEU B 152 -13.41 33.58 -6.85
C LEU B 152 -13.74 32.73 -5.63
N THR B 153 -14.78 31.93 -5.85
CA THR B 153 -15.36 31.14 -4.76
C THR B 153 -14.35 30.10 -4.27
N VAL B 154 -14.19 30.04 -2.95
CA VAL B 154 -13.31 29.05 -2.32
C VAL B 154 -13.96 27.68 -2.48
N GLY B 155 -13.17 26.71 -2.93
CA GLY B 155 -13.63 25.36 -3.09
C GLY B 155 -14.06 25.00 -4.50
N ASP B 156 -13.46 25.61 -5.51
CA ASP B 156 -13.74 25.30 -6.92
C ASP B 156 -12.44 24.93 -7.62
N VAL B 157 -12.51 23.90 -8.46
CA VAL B 157 -11.39 23.50 -9.32
C VAL B 157 -10.89 24.68 -10.14
N ASN B 158 -11.80 25.38 -10.80
CA ASN B 158 -11.45 26.27 -11.92
C ASN B 158 -12.39 27.47 -11.92
N PRO B 159 -12.09 28.49 -11.09
CA PRO B 159 -12.98 29.66 -11.04
C PRO B 159 -13.00 30.45 -12.34
N GLY B 160 -11.83 30.86 -12.81
CA GLY B 160 -11.70 31.52 -14.09
C GLY B 160 -12.00 33.00 -14.11
N GLY B 161 -12.36 33.60 -12.99
CA GLY B 161 -12.50 35.05 -12.97
C GLY B 161 -11.15 35.70 -13.12
N ARG B 162 -10.23 35.29 -12.26
CA ARG B 162 -8.87 35.82 -12.18
C ARG B 162 -7.86 34.89 -12.82
N PHE B 163 -8.06 33.58 -12.66
CA PHE B 163 -7.15 32.58 -13.17
C PHE B 163 -7.50 32.13 -14.57
N ASP B 164 -8.15 33.00 -15.34
CA ASP B 164 -8.26 32.86 -16.79
C ASP B 164 -7.91 34.21 -17.41
N PRO B 165 -6.62 34.54 -17.49
CA PRO B 165 -6.26 35.80 -18.15
C PRO B 165 -6.50 35.79 -19.64
N LEU B 166 -6.36 34.65 -20.31
CA LEU B 166 -6.42 34.61 -21.77
C LEU B 166 -7.84 34.41 -22.32
N GLY B 167 -8.81 34.08 -21.48
CA GLY B 167 -10.17 33.97 -21.98
C GLY B 167 -10.41 32.77 -22.88
N LEU B 168 -9.69 31.68 -22.67
CA LEU B 168 -9.89 30.51 -23.52
C LEU B 168 -11.08 29.68 -23.08
N ALA B 169 -11.53 29.83 -21.83
CA ALA B 169 -12.76 29.19 -21.40
C ALA B 169 -13.97 29.85 -22.05
N GLU B 170 -14.02 31.17 -21.99
CA GLU B 170 -15.12 31.89 -22.60
C GLU B 170 -15.02 31.80 -24.11
N SER B 171 -13.80 31.61 -24.62
CA SER B 171 -13.63 31.47 -26.05
C SER B 171 -14.51 30.33 -26.50
N GLY B 172 -14.59 29.28 -25.68
CA GLY B 172 -15.46 28.16 -25.99
C GLY B 172 -14.95 26.84 -25.49
N ASP B 173 -15.75 25.79 -25.62
CA ASP B 173 -15.34 24.45 -25.22
C ASP B 173 -14.66 24.43 -23.86
N LEU B 174 -15.13 25.25 -22.93
CA LEU B 174 -14.58 25.23 -21.58
C LEU B 174 -14.89 23.89 -20.97
N GLU B 175 -16.10 23.40 -21.20
CA GLU B 175 -16.51 22.11 -20.66
C GLU B 175 -15.78 21.00 -21.37
N GLU B 176 -15.55 21.16 -22.67
CA GLU B 176 -14.78 20.18 -23.40
C GLU B 176 -13.39 20.23 -22.83
N LEU B 177 -12.93 21.44 -22.54
CA LEU B 177 -11.62 21.62 -21.96
C LEU B 177 -11.55 21.09 -20.54
N LYS B 178 -12.71 20.98 -19.89
CA LYS B 178 -12.76 20.46 -18.54
C LYS B 178 -12.57 18.96 -18.60
N ILE B 179 -13.28 18.29 -19.50
CA ILE B 179 -13.02 16.86 -19.71
C ILE B 179 -11.59 16.65 -20.16
N LYS B 180 -11.11 17.49 -21.09
CA LYS B 180 -9.72 17.38 -21.52
C LYS B 180 -8.76 17.58 -20.36
N GLU B 181 -9.05 18.58 -19.53
CA GLU B 181 -8.24 18.83 -18.34
C GLU B 181 -8.19 17.60 -17.46
N LEU B 182 -9.36 17.08 -17.10
CA LEU B 182 -9.42 15.97 -16.16
C LEU B 182 -8.75 14.72 -16.72
N LYS B 183 -8.90 14.48 -18.02
CA LYS B 183 -8.20 13.33 -18.59
C LYS B 183 -6.69 13.53 -18.56
N HIS B 184 -6.22 14.74 -18.85
CA HIS B 184 -4.80 15.02 -18.73
C HIS B 184 -4.34 14.87 -17.28
N CYS B 185 -5.20 15.25 -16.34
CA CYS B 185 -4.92 15.07 -14.90
C CYS B 185 -4.65 13.62 -14.58
N ARG B 186 -5.58 12.75 -14.97
CA ARG B 186 -5.45 11.36 -14.59
C ARG B 186 -4.26 10.71 -15.29
N LEU B 187 -4.04 11.06 -16.57
CA LEU B 187 -2.89 10.54 -17.29
C LEU B 187 -1.59 10.98 -16.64
N SER B 188 -1.52 12.22 -16.16
CA SER B 188 -0.29 12.71 -15.57
C SER B 188 -0.04 12.13 -14.19
N MET B 189 -1.10 11.86 -13.42
CA MET B 189 -0.91 11.17 -12.15
C MET B 189 -0.45 9.75 -12.38
N PHE B 190 -1.00 9.09 -13.40
CA PHE B 190 -0.50 7.78 -13.76
C PHE B 190 0.96 7.85 -14.19
N ALA B 191 1.32 8.90 -14.94
CA ALA B 191 2.70 9.08 -15.36
C ALA B 191 3.62 9.33 -14.17
N TRP B 192 3.16 10.09 -13.18
CA TRP B 192 3.96 10.34 -11.99
C TRP B 192 4.13 9.09 -11.15
N LEU B 193 3.05 8.33 -10.99
CA LEU B 193 3.15 7.04 -10.31
C LEU B 193 4.16 6.15 -11.03
N GLY B 194 4.13 6.21 -12.35
CA GLY B 194 5.19 5.64 -13.15
C GLY B 194 6.55 6.12 -12.72
N CYS B 195 6.83 7.42 -12.85
CA CYS B 195 8.19 7.92 -12.62
C CYS B 195 8.70 7.51 -11.25
N ILE B 196 7.79 7.44 -10.27
CA ILE B 196 8.18 6.98 -8.95
C ILE B 196 8.57 5.51 -8.99
N PHE B 197 7.72 4.68 -9.59
CA PHE B 197 7.99 3.25 -9.66
C PHE B 197 9.28 2.94 -10.42
N GLN B 198 9.49 3.61 -11.54
CA GLN B 198 10.69 3.37 -12.32
C GLN B 198 11.91 3.72 -11.49
N ALA B 199 11.82 4.80 -10.72
CA ALA B 199 12.93 5.19 -9.85
C ALA B 199 13.19 4.09 -8.84
N LEU B 200 12.13 3.55 -8.26
CA LEU B 200 12.27 2.50 -7.25
C LEU B 200 12.89 1.23 -7.82
N ALA B 201 12.66 0.95 -9.10
CA ALA B 201 13.16 -0.28 -9.69
C ALA B 201 14.46 -0.07 -10.46
N THR B 202 14.46 0.83 -11.44
CA THR B 202 15.62 0.97 -12.33
C THR B 202 16.69 1.88 -11.77
N GLN B 203 16.31 2.87 -10.97
CA GLN B 203 17.24 3.84 -10.39
C GLN B 203 18.02 4.59 -11.46
N GLU B 204 17.36 4.90 -12.57
CA GLU B 204 18.03 5.49 -13.72
C GLU B 204 17.44 6.80 -14.20
N GLY B 205 16.17 7.07 -13.92
CA GLY B 205 15.52 8.29 -14.37
C GLY B 205 14.57 8.02 -15.52
N PRO B 206 13.40 8.70 -15.54
CA PRO B 206 12.38 8.34 -16.54
C PRO B 206 12.80 8.49 -18.00
N ILE B 207 13.53 9.56 -18.36
CA ILE B 207 13.92 9.74 -19.75
C ILE B 207 14.99 8.73 -20.14
N ALA B 208 15.92 8.44 -19.24
CA ALA B 208 16.93 7.43 -19.54
C ALA B 208 16.26 6.08 -19.78
N ASN B 209 15.24 5.77 -18.97
CA ASN B 209 14.44 4.58 -19.20
C ASN B 209 13.72 4.66 -20.54
N TRP B 210 13.19 5.84 -20.87
CA TRP B 210 12.45 6.00 -22.12
C TRP B 210 13.37 5.85 -23.33
N GLN B 211 14.56 6.42 -23.25
CA GLN B 211 15.53 6.27 -24.34
C GLN B 211 15.97 4.83 -24.48
N SER B 212 16.18 4.15 -23.35
CA SER B 212 16.54 2.74 -23.41
C SER B 212 15.42 1.91 -24.01
N HIS B 213 14.16 2.25 -23.68
CA HIS B 213 13.04 1.50 -24.23
C HIS B 213 12.82 1.79 -25.70
N VAL B 214 12.99 3.03 -26.12
CA VAL B 214 12.80 3.36 -27.52
C VAL B 214 13.92 2.77 -28.35
N ALA B 215 15.14 2.71 -27.82
CA ALA B 215 16.25 2.16 -28.58
C ALA B 215 16.07 0.67 -28.87
N ASP B 216 15.83 -0.13 -27.82
CA ASP B 216 15.64 -1.58 -27.95
C ASP B 216 14.44 -2.01 -27.13
N PRO B 217 13.22 -1.82 -27.65
CA PRO B 217 12.02 -2.13 -26.84
C PRO B 217 11.88 -3.59 -26.45
N VAL B 218 12.46 -4.53 -27.19
CA VAL B 218 12.30 -5.94 -26.86
C VAL B 218 12.96 -6.24 -25.52
N HIS B 219 14.18 -5.75 -25.32
CA HIS B 219 14.98 -6.02 -24.13
C HIS B 219 15.13 -4.80 -23.22
N SER B 220 14.21 -3.85 -23.29
CA SER B 220 14.15 -2.75 -22.33
C SER B 220 12.70 -2.54 -21.93
N ASN B 221 12.28 -3.32 -20.94
CA ASN B 221 10.96 -3.21 -20.35
C ASN B 221 11.05 -3.56 -18.87
N VAL B 222 9.91 -3.51 -18.19
CA VAL B 222 9.87 -3.80 -16.77
C VAL B 222 10.25 -5.26 -16.51
N LEU B 223 9.84 -6.17 -17.40
CA LEU B 223 10.01 -7.59 -17.14
C LEU B 223 11.45 -8.04 -17.34
N THR B 224 12.17 -7.47 -18.29
CA THR B 224 13.59 -7.77 -18.37
C THR B 224 14.33 -7.17 -17.17
N ASN B 225 13.84 -6.05 -16.65
CA ASN B 225 14.39 -5.52 -15.40
C ASN B 225 14.00 -6.40 -14.22
N ALA B 226 12.86 -7.07 -14.31
CA ALA B 226 12.53 -8.07 -13.30
C ALA B 226 13.48 -9.26 -13.42
N ALA B 227 13.86 -9.61 -14.65
CA ALA B 227 14.82 -10.68 -14.86
C ALA B 227 16.19 -10.34 -14.29
N LYS B 228 16.65 -9.10 -14.48
CA LYS B 228 17.87 -8.67 -13.79
C LYS B 228 17.64 -8.56 -12.30
N GLY B 229 16.38 -8.44 -11.89
CA GLY B 229 15.99 -8.41 -10.52
C GLY B 229 15.79 -7.04 -9.93
N PHE B 230 15.55 -6.01 -10.76
CA PHE B 230 15.42 -4.62 -10.32
C PHE B 230 16.58 -4.15 -9.46
N GLY B 231 17.75 -4.79 -9.58
CA GLY B 231 18.90 -4.46 -8.77
C GLY B 231 18.95 -5.13 -7.40
N PHE B 232 17.79 -5.38 -6.80
CA PHE B 232 17.72 -5.87 -5.44
C PHE B 232 17.72 -7.39 -5.37
N TYR B 233 17.75 -8.06 -6.51
CA TYR B 233 17.51 -9.48 -6.66
C TYR B 233 18.31 -10.14 -7.79
N ILE C 34 -22.33 -23.91 3.20
CA ILE C 34 -22.30 -23.13 4.43
C ILE C 34 -20.97 -22.41 4.60
N TYR C 35 -21.01 -21.19 5.15
CA TYR C 35 -19.81 -20.42 5.34
C TYR C 35 -19.64 -20.10 6.82
N PRO C 36 -19.27 -21.11 7.62
CA PRO C 36 -19.11 -20.90 9.06
C PRO C 36 -17.73 -20.34 9.35
N GLU C 37 -17.34 -19.30 8.61
CA GLU C 37 -16.02 -18.73 8.79
C GLU C 37 -16.08 -17.23 8.90
N PHE C 38 -15.01 -16.60 9.38
CA PHE C 38 -14.97 -15.15 9.48
C PHE C 38 -15.55 -14.49 8.24
N GLY C 39 -16.29 -13.41 8.42
CA GLY C 39 -16.81 -12.70 7.27
C GLY C 39 -18.05 -13.37 6.69
N THR C 40 -18.44 -12.86 5.52
CA THR C 40 -19.66 -13.32 4.88
C THR C 40 -19.55 -13.17 3.37
N TYR C 41 -20.04 -14.19 2.68
CA TYR C 41 -20.20 -14.16 1.23
C TYR C 41 -21.13 -13.04 0.77
N PRO C 42 -20.84 -12.38 -0.36
CA PRO C 42 -21.73 -11.31 -0.84
C PRO C 42 -23.13 -11.81 -1.14
N GLY C 43 -24.12 -11.04 -0.68
CA GLY C 43 -25.52 -11.40 -0.78
C GLY C 43 -26.07 -12.15 0.41
N GLY C 44 -25.21 -12.52 1.37
CA GLY C 44 -25.67 -13.22 2.56
C GLY C 44 -25.98 -12.29 3.72
N GLY C 45 -25.32 -12.53 4.85
CA GLY C 45 -25.45 -11.64 6.00
C GLY C 45 -25.00 -10.22 5.73
N GLU C 46 -24.02 -10.04 4.86
CA GLU C 46 -23.56 -8.72 4.41
C GLU C 46 -23.03 -7.85 5.55
N SER C 47 -21.90 -8.31 6.13
CA SER C 47 -21.18 -7.58 7.18
C SER C 47 -19.69 -7.54 6.83
N PRO C 48 -19.29 -6.66 5.91
CA PRO C 48 -17.90 -6.64 5.46
C PRO C 48 -17.02 -5.66 6.21
N ILE C 49 -15.72 -5.98 6.24
CA ILE C 49 -14.75 -5.06 6.82
C ILE C 49 -14.59 -3.84 5.92
N ILE C 50 -14.34 -4.09 4.63
CA ILE C 50 -14.26 -3.05 3.63
C ILE C 50 -15.67 -2.84 3.10
N PRO C 51 -16.17 -1.60 3.02
CA PRO C 51 -17.59 -1.41 2.66
C PRO C 51 -17.93 -1.97 1.30
N PHE C 52 -19.12 -2.57 1.20
CA PHE C 52 -19.62 -3.22 -0.02
C PHE C 52 -20.04 -2.13 -0.98
N GLY C 53 -19.09 -1.65 -1.78
CA GLY C 53 -19.37 -0.54 -2.68
C GLY C 53 -20.37 -0.90 -3.77
N SER C 54 -20.18 -2.06 -4.40
CA SER C 54 -21.04 -2.47 -5.51
C SER C 54 -21.05 -3.99 -5.60
N GLU C 55 -22.05 -4.53 -6.29
CA GLU C 55 -22.01 -5.95 -6.62
C GLU C 55 -20.81 -6.26 -7.49
N LYS C 56 -20.42 -5.34 -8.37
CA LYS C 56 -19.36 -5.62 -9.34
C LYS C 56 -18.07 -6.03 -8.65
N ASN C 57 -17.88 -5.57 -7.41
CA ASN C 57 -16.80 -6.08 -6.57
C ASN C 57 -16.98 -7.56 -6.24
N ALA C 58 -18.22 -8.00 -5.98
CA ALA C 58 -18.43 -9.44 -5.78
C ALA C 58 -18.04 -10.23 -7.02
N GLU C 59 -18.29 -9.65 -8.19
CA GLU C 59 -17.93 -10.33 -9.42
C GLU C 59 -16.42 -10.40 -9.56
N ARG C 60 -15.75 -9.29 -9.27
CA ARG C 60 -14.31 -9.27 -9.38
C ARG C 60 -13.66 -10.18 -8.35
N GLU C 61 -14.28 -10.33 -7.17
CA GLU C 61 -13.72 -11.23 -6.19
C GLU C 61 -13.78 -12.67 -6.68
N VAL C 62 -14.93 -13.10 -7.19
CA VAL C 62 -15.00 -14.50 -7.60
C VAL C 62 -14.17 -14.77 -8.86
N ILE C 63 -14.01 -13.79 -9.74
CA ILE C 63 -13.21 -14.01 -10.95
C ILE C 63 -11.72 -13.98 -10.62
N HIS C 64 -11.27 -13.00 -9.81
CA HIS C 64 -9.93 -13.05 -9.23
C HIS C 64 -9.71 -14.37 -8.52
N GLY C 65 -10.74 -14.92 -7.90
CA GLY C 65 -10.59 -16.16 -7.18
C GLY C 65 -10.33 -17.35 -8.08
N ARG C 66 -11.04 -17.41 -9.20
CA ARG C 66 -10.78 -18.51 -10.14
C ARG C 66 -9.37 -18.40 -10.73
N TRP C 67 -8.98 -17.19 -11.11
CA TRP C 67 -7.63 -17.05 -11.67
C TRP C 67 -6.57 -17.33 -10.62
N ALA C 68 -6.83 -17.01 -9.35
CA ALA C 68 -5.88 -17.36 -8.30
C ALA C 68 -5.89 -18.85 -8.00
N MET C 69 -7.05 -19.51 -8.16
CA MET C 69 -7.10 -20.97 -8.06
C MET C 69 -6.16 -21.60 -9.07
N LEU C 70 -6.34 -21.21 -10.33
CA LEU C 70 -5.52 -21.71 -11.39
C LEU C 70 -4.06 -21.33 -11.20
N GLY C 71 -3.80 -20.13 -10.68
CA GLY C 71 -2.42 -19.72 -10.45
C GLY C 71 -1.74 -20.54 -9.37
N VAL C 72 -2.44 -20.82 -8.28
CA VAL C 72 -1.84 -21.60 -7.20
C VAL C 72 -1.57 -23.02 -7.66
N THR C 73 -2.57 -23.67 -8.29
CA THR C 73 -2.33 -25.05 -8.71
C THR C 73 -1.34 -25.10 -9.86
N GLY C 74 -1.29 -24.06 -10.69
CA GLY C 74 -0.32 -24.03 -11.78
C GLY C 74 1.10 -23.88 -11.27
N ALA C 75 1.30 -23.01 -10.27
CA ALA C 75 2.60 -22.90 -9.64
C ALA C 75 3.00 -24.20 -8.97
N TRP C 76 2.06 -24.81 -8.24
CA TRP C 76 2.35 -26.02 -7.51
C TRP C 76 2.77 -27.13 -8.45
N ALA C 77 2.04 -27.31 -9.55
CA ALA C 77 2.41 -28.33 -10.51
C ALA C 77 3.67 -27.96 -11.28
N ALA C 78 3.87 -26.67 -11.55
CA ALA C 78 5.05 -26.24 -12.30
C ALA C 78 6.33 -26.62 -11.57
N GLU C 79 6.38 -26.36 -10.26
CA GLU C 79 7.63 -26.59 -9.56
C GLU C 79 7.73 -27.99 -8.96
N ASN C 80 6.61 -28.70 -8.74
CA ASN C 80 6.76 -30.11 -8.40
C ASN C 80 7.14 -30.93 -9.63
N GLY C 81 6.81 -30.45 -10.83
CA GLY C 81 7.24 -31.11 -12.04
C GLY C 81 8.60 -30.67 -12.53
N THR C 82 8.77 -29.37 -12.78
CA THR C 82 10.03 -28.89 -13.35
C THR C 82 11.10 -28.74 -12.27
N GLY C 83 10.77 -28.04 -11.18
CA GLY C 83 11.70 -27.79 -10.10
C GLY C 83 12.17 -26.36 -9.99
N ILE C 84 11.59 -25.42 -10.72
CA ILE C 84 11.99 -24.02 -10.69
C ILE C 84 10.89 -23.20 -9.99
N PRO C 85 11.22 -22.04 -9.42
CA PRO C 85 10.17 -21.12 -8.94
C PRO C 85 9.24 -20.69 -10.07
N TRP C 86 7.97 -20.47 -9.72
CA TRP C 86 6.94 -20.13 -10.69
C TRP C 86 7.21 -18.79 -11.38
N PHE C 87 7.70 -17.82 -10.62
CA PHE C 87 7.98 -16.50 -11.17
C PHE C 87 9.12 -16.55 -12.19
N THR C 88 10.13 -17.39 -11.95
CA THR C 88 11.23 -17.49 -12.90
C THR C 88 10.84 -18.22 -14.18
N ALA C 89 9.66 -18.85 -14.23
CA ALA C 89 9.23 -19.53 -15.44
C ALA C 89 9.24 -18.56 -16.62
N GLY C 90 8.67 -17.38 -16.42
CA GLY C 90 8.76 -16.35 -17.45
C GLY C 90 10.20 -15.99 -17.78
N THR C 91 11.05 -15.92 -16.75
CA THR C 91 12.47 -15.67 -17.00
C THR C 91 13.09 -16.78 -17.82
N LEU C 92 12.64 -18.02 -17.61
CA LEU C 92 13.17 -19.13 -18.37
C LEU C 92 12.75 -19.03 -19.84
N CYS C 93 11.51 -18.65 -20.11
CA CYS C 93 11.15 -18.27 -21.47
C CYS C 93 11.86 -16.97 -21.82
N THR C 94 11.98 -16.71 -23.12
CA THR C 94 12.71 -15.55 -23.60
C THR C 94 12.09 -15.15 -24.92
N PRO C 95 12.06 -13.85 -25.27
CA PRO C 95 11.56 -13.47 -26.60
C PRO C 95 12.29 -14.14 -27.75
N ASP C 96 13.60 -14.29 -27.66
CA ASP C 96 14.35 -14.93 -28.73
C ASP C 96 14.20 -16.46 -28.69
N ASP C 97 14.31 -17.06 -27.51
CA ASP C 97 14.14 -18.51 -27.35
C ASP C 97 13.16 -18.81 -26.22
N CYS C 98 11.89 -19.04 -26.57
CA CYS C 98 10.98 -19.71 -25.66
C CYS C 98 11.10 -21.23 -25.76
N THR C 99 11.95 -21.74 -26.63
CA THR C 99 12.26 -23.16 -26.60
C THR C 99 12.97 -23.58 -25.32
N ALA C 100 13.44 -22.61 -24.52
CA ALA C 100 13.96 -22.94 -23.20
C ALA C 100 12.90 -23.56 -22.31
N VAL C 101 11.62 -23.24 -22.54
CA VAL C 101 10.54 -23.86 -21.77
C VAL C 101 9.95 -25.06 -22.48
N ALA C 102 10.48 -25.40 -23.65
CA ALA C 102 9.88 -26.48 -24.43
C ALA C 102 10.07 -27.81 -23.73
N ASP C 103 8.98 -28.54 -23.59
CA ASP C 103 8.98 -29.89 -23.02
C ASP C 103 9.50 -29.89 -21.59
N LYS C 104 8.95 -28.98 -20.78
CA LYS C 104 9.23 -28.92 -19.35
C LYS C 104 8.30 -29.79 -18.53
N PHE C 105 7.42 -30.56 -19.19
CA PHE C 105 6.34 -31.26 -18.52
C PHE C 105 6.76 -32.69 -18.21
N PRO C 106 6.59 -33.20 -16.98
CA PRO C 106 7.12 -34.52 -16.66
C PRO C 106 6.30 -35.66 -17.24
N GLY C 107 7.01 -36.66 -17.77
CA GLY C 107 6.41 -37.87 -18.27
C GLY C 107 5.92 -37.83 -19.70
N ALA C 108 6.08 -36.70 -20.40
CA ALA C 108 5.57 -36.56 -21.75
C ALA C 108 6.38 -37.40 -22.75
N PRO C 111 7.72 -34.33 -26.61
CA PRO C 111 8.16 -33.29 -27.53
C PRO C 111 7.14 -32.16 -27.66
N LEU C 112 7.37 -31.06 -26.93
CA LEU C 112 6.44 -29.94 -27.00
C LEU C 112 6.46 -29.29 -28.37
N ALA C 113 7.63 -29.19 -28.99
CA ALA C 113 7.74 -28.60 -30.31
C ALA C 113 9.03 -29.05 -30.95
N PRO C 114 9.06 -29.37 -32.26
CA PRO C 114 10.30 -29.84 -32.88
C PRO C 114 11.29 -28.72 -33.19
N SER C 117 14.55 -27.56 -33.77
CA SER C 117 14.49 -26.44 -34.69
C SER C 117 14.31 -25.10 -33.99
N GLY C 118 14.03 -25.12 -32.69
CA GLY C 118 13.73 -23.90 -31.98
C GLY C 118 12.46 -23.23 -32.45
N TYR C 119 11.49 -24.03 -32.93
CA TYR C 119 10.22 -23.47 -33.38
C TYR C 119 9.45 -22.68 -32.32
N PRO C 120 9.28 -23.17 -31.07
CA PRO C 120 8.42 -22.41 -30.16
C PRO C 120 9.05 -21.08 -29.81
N SER C 121 8.41 -20.00 -30.24
CA SER C 121 8.84 -18.65 -29.97
C SER C 121 7.91 -18.03 -28.95
N PHE C 122 8.46 -17.08 -28.20
CA PHE C 122 7.64 -16.41 -27.21
C PHE C 122 6.57 -15.57 -27.87
N TRP C 123 6.90 -14.89 -28.98
CA TRP C 123 5.87 -14.18 -29.72
C TRP C 123 4.86 -15.16 -30.32
N ASN C 124 5.28 -16.38 -30.63
CA ASN C 124 4.42 -17.35 -31.28
C ASN C 124 3.34 -17.79 -30.32
N VAL C 125 3.77 -18.18 -29.12
CA VAL C 125 2.80 -18.56 -28.13
C VAL C 125 2.02 -17.34 -27.69
N LEU C 126 2.65 -16.15 -27.71
CA LEU C 126 1.94 -14.93 -27.32
C LEU C 126 0.82 -14.58 -28.28
N ILE C 127 1.03 -14.72 -29.59
CA ILE C 127 -0.01 -14.30 -30.53
C ILE C 127 -1.16 -15.31 -30.50
N ILE C 128 -0.85 -16.60 -30.44
CA ILE C 128 -1.91 -17.58 -30.19
C ILE C 128 -2.63 -17.24 -28.89
N GLU C 129 -1.86 -16.83 -27.88
CA GLU C 129 -2.40 -16.53 -26.57
C GLU C 129 -3.32 -15.32 -26.60
N ILE C 130 -2.83 -14.22 -27.19
CA ILE C 130 -3.57 -12.98 -27.22
C ILE C 130 -4.90 -13.22 -27.92
N VAL C 131 -4.88 -13.98 -29.02
CA VAL C 131 -6.12 -14.29 -29.71
C VAL C 131 -7.06 -15.06 -28.80
N LEU C 132 -6.56 -16.13 -28.15
CA LEU C 132 -7.46 -16.99 -27.39
C LEU C 132 -8.01 -16.29 -26.14
N VAL C 133 -7.13 -15.65 -25.36
CA VAL C 133 -7.58 -15.02 -24.13
C VAL C 133 -8.38 -13.74 -24.44
N GLY C 134 -8.02 -13.00 -25.49
CA GLY C 134 -8.80 -11.84 -25.84
C GLY C 134 -10.19 -12.21 -26.30
N ALA C 135 -10.30 -13.27 -27.12
CA ALA C 135 -11.60 -13.80 -27.48
C ALA C 135 -12.39 -14.18 -26.23
N ALA C 136 -11.79 -15.03 -25.37
CA ALA C 136 -12.51 -15.55 -24.21
C ALA C 136 -12.98 -14.42 -23.28
N GLU C 137 -12.15 -13.39 -23.09
CA GLU C 137 -12.55 -12.28 -22.23
C GLU C 137 -13.64 -11.44 -22.88
N ALA C 138 -13.52 -11.16 -24.18
CA ALA C 138 -14.55 -10.40 -24.87
C ALA C 138 -15.87 -11.17 -24.87
N TYR C 139 -15.78 -12.48 -24.96
CA TYR C 139 -16.93 -13.37 -24.91
C TYR C 139 -17.55 -13.37 -23.53
N ARG C 140 -16.71 -13.26 -22.49
CA ARG C 140 -17.22 -13.25 -21.13
C ARG C 140 -17.95 -11.96 -20.81
N THR C 141 -17.34 -10.82 -21.11
CA THR C 141 -17.92 -9.55 -20.70
C THR C 141 -18.90 -8.97 -21.72
N GLY C 142 -18.76 -9.33 -22.99
CA GLY C 142 -19.72 -8.95 -24.01
C GLY C 142 -19.35 -7.74 -24.83
N ILE C 143 -18.08 -7.35 -24.88
CA ILE C 143 -17.67 -6.27 -25.78
C ILE C 143 -17.74 -6.73 -27.23
N SER C 144 -17.43 -8.01 -27.50
CA SER C 144 -17.63 -8.58 -28.82
C SER C 144 -19.03 -9.18 -28.93
N ASP C 145 -19.38 -9.65 -30.13
CA ASP C 145 -20.68 -10.26 -30.35
C ASP C 145 -20.78 -11.59 -29.60
N SER C 146 -21.97 -12.18 -29.63
CA SER C 146 -22.16 -13.43 -28.91
C SER C 146 -21.52 -14.59 -29.68
N PRO C 147 -20.86 -15.53 -29.00
CA PRO C 147 -20.38 -16.72 -29.70
C PRO C 147 -21.49 -17.58 -30.25
N PHE C 148 -22.55 -17.71 -29.49
CA PHE C 148 -23.61 -18.66 -29.82
C PHE C 148 -24.89 -18.23 -29.13
N ASP C 149 -26.02 -18.61 -29.72
CA ASP C 149 -27.34 -18.35 -29.16
C ASP C 149 -27.82 -19.56 -28.32
N ASP C 150 -27.10 -19.88 -27.25
CA ASP C 150 -27.22 -20.93 -26.24
C ASP C 150 -27.88 -20.50 -24.92
N GLY C 151 -28.61 -19.39 -24.91
CA GLY C 151 -29.30 -18.98 -23.71
C GLY C 151 -28.39 -18.45 -22.63
N LEU C 152 -27.22 -17.96 -23.01
CA LEU C 152 -26.23 -17.52 -22.04
C LEU C 152 -26.48 -16.08 -21.65
N THR C 153 -26.14 -15.77 -20.42
CA THR C 153 -26.32 -14.42 -19.86
C THR C 153 -24.98 -13.73 -19.81
N VAL C 154 -24.85 -12.63 -20.53
CA VAL C 154 -23.60 -11.89 -20.59
C VAL C 154 -23.45 -11.09 -19.30
N GLY C 155 -22.26 -11.14 -18.70
CA GLY C 155 -21.94 -10.34 -17.54
C GLY C 155 -22.27 -10.96 -16.20
N ASP C 156 -22.71 -12.22 -16.16
CA ASP C 156 -23.11 -12.91 -14.94
C ASP C 156 -22.18 -14.09 -14.72
N VAL C 157 -21.77 -14.29 -13.46
CA VAL C 157 -20.88 -15.39 -13.12
C VAL C 157 -21.64 -16.69 -12.99
N ASN C 158 -20.90 -17.77 -13.07
CA ASN C 158 -21.27 -19.17 -13.00
C ASN C 158 -22.65 -19.42 -13.60
N PRO C 159 -22.87 -18.98 -14.84
CA PRO C 159 -24.19 -19.20 -15.43
C PRO C 159 -24.47 -20.67 -15.68
N GLY C 160 -23.44 -21.48 -15.86
CA GLY C 160 -23.61 -22.91 -15.90
C GLY C 160 -24.28 -23.37 -17.19
N GLY C 161 -24.66 -24.65 -17.20
CA GLY C 161 -25.33 -25.20 -18.36
C GLY C 161 -24.35 -25.57 -19.46
N ARG C 162 -23.87 -24.57 -20.19
CA ARG C 162 -22.86 -24.82 -21.23
C ARG C 162 -21.52 -25.18 -20.60
N PHE C 163 -21.11 -24.41 -19.59
CA PHE C 163 -19.77 -24.52 -19.01
C PHE C 163 -19.65 -25.69 -18.05
N ASP C 164 -20.72 -26.47 -17.89
CA ASP C 164 -20.76 -27.66 -17.05
C ASP C 164 -21.06 -28.85 -17.95
N PRO C 165 -20.04 -29.53 -18.47
CA PRO C 165 -20.33 -30.75 -19.26
C PRO C 165 -20.97 -31.86 -18.44
N LEU C 166 -20.62 -31.99 -17.16
CA LEU C 166 -21.20 -33.02 -16.31
C LEU C 166 -22.57 -32.64 -15.78
N GLY C 167 -22.89 -31.35 -15.72
CA GLY C 167 -24.13 -30.92 -15.11
C GLY C 167 -24.13 -31.02 -13.60
N LEU C 168 -22.99 -30.74 -12.96
CA LEU C 168 -22.93 -30.78 -11.51
C LEU C 168 -23.78 -29.68 -10.88
N ALA C 169 -23.94 -28.56 -11.58
CA ALA C 169 -24.71 -27.45 -11.05
C ALA C 169 -26.16 -27.84 -10.80
N GLU C 170 -26.74 -28.62 -11.71
CA GLU C 170 -28.12 -29.06 -11.57
C GLU C 170 -28.25 -30.35 -10.76
N SER C 171 -27.22 -31.20 -10.76
CA SER C 171 -27.34 -32.46 -10.02
C SER C 171 -27.29 -32.20 -8.51
N GLY C 172 -26.35 -31.38 -8.05
CA GLY C 172 -26.34 -30.95 -6.67
C GLY C 172 -27.10 -29.65 -6.48
N ASP C 173 -27.47 -29.39 -5.22
CA ASP C 173 -28.09 -28.11 -4.89
C ASP C 173 -27.07 -26.99 -5.07
N LEU C 174 -27.44 -25.98 -5.85
CA LEU C 174 -26.46 -25.01 -6.33
C LEU C 174 -25.94 -24.12 -5.18
N GLU C 175 -26.73 -23.89 -4.13
CA GLU C 175 -26.40 -22.79 -3.21
C GLU C 175 -25.15 -23.07 -2.37
N GLU C 176 -25.13 -24.21 -1.69
CA GLU C 176 -23.93 -24.57 -0.95
C GLU C 176 -22.74 -24.80 -1.86
N LEU C 177 -23.00 -25.16 -3.13
CA LEU C 177 -21.90 -25.36 -4.07
C LEU C 177 -21.25 -24.03 -4.45
N LYS C 178 -22.04 -22.96 -4.62
CA LYS C 178 -21.43 -21.63 -4.78
C LYS C 178 -20.71 -21.19 -3.52
N ILE C 179 -21.21 -21.61 -2.37
CA ILE C 179 -20.51 -21.26 -1.14
C ILE C 179 -19.13 -21.88 -1.14
N LYS C 180 -19.04 -23.15 -1.50
CA LYS C 180 -17.73 -23.79 -1.63
C LYS C 180 -16.90 -23.11 -2.71
N GLU C 181 -17.55 -22.67 -3.79
CA GLU C 181 -16.86 -21.99 -4.89
C GLU C 181 -16.13 -20.77 -4.37
N LEU C 182 -16.87 -19.89 -3.69
CA LEU C 182 -16.25 -18.67 -3.19
C LEU C 182 -15.27 -18.96 -2.06
N LYS C 183 -15.53 -19.97 -1.25
CA LYS C 183 -14.64 -20.27 -0.14
C LYS C 183 -13.29 -20.74 -0.62
N HIS C 184 -13.26 -21.70 -1.54
CA HIS C 184 -12.00 -22.13 -2.13
C HIS C 184 -11.37 -20.99 -2.93
N CYS C 185 -12.19 -20.13 -3.54
CA CYS C 185 -11.66 -18.97 -4.25
C CYS C 185 -10.89 -18.07 -3.29
N ARG C 186 -11.47 -17.81 -2.13
CA ARG C 186 -10.84 -16.94 -1.15
C ARG C 186 -9.57 -17.57 -0.60
N LEU C 187 -9.62 -18.89 -0.35
CA LEU C 187 -8.43 -19.58 0.14
C LEU C 187 -7.30 -19.49 -0.86
N SER C 188 -7.60 -19.71 -2.14
CA SER C 188 -6.54 -19.68 -3.15
C SER C 188 -6.02 -18.27 -3.38
N MET C 189 -6.87 -17.25 -3.25
CA MET C 189 -6.39 -15.88 -3.34
C MET C 189 -5.44 -15.54 -2.20
N PHE C 190 -5.81 -15.94 -0.98
CA PHE C 190 -4.90 -15.72 0.14
C PHE C 190 -3.61 -16.51 -0.04
N ALA C 191 -3.71 -17.70 -0.62
CA ALA C 191 -2.52 -18.49 -0.93
C ALA C 191 -1.65 -17.77 -1.95
N TRP C 192 -2.29 -17.17 -2.95
CA TRP C 192 -1.53 -16.47 -3.97
C TRP C 192 -0.86 -15.25 -3.38
N LEU C 193 -1.56 -14.51 -2.49
CA LEU C 193 -0.97 -13.35 -1.79
C LEU C 193 0.24 -13.79 -0.97
N GLY C 194 0.10 -14.92 -0.28
CA GLY C 194 1.24 -15.46 0.44
C GLY C 194 2.40 -15.80 -0.49
N CYS C 195 2.10 -16.44 -1.62
CA CYS C 195 3.16 -16.88 -2.53
C CYS C 195 3.92 -15.70 -3.12
N ILE C 196 3.20 -14.66 -3.51
CA ILE C 196 3.85 -13.48 -4.08
C ILE C 196 4.70 -12.80 -3.01
N PHE C 197 4.15 -12.60 -1.80
CA PHE C 197 4.93 -11.92 -0.78
C PHE C 197 6.10 -12.78 -0.32
N GLN C 198 5.98 -14.09 -0.43
CA GLN C 198 7.03 -14.97 0.01
C GLN C 198 8.14 -15.06 -1.04
N ALA C 199 7.78 -15.16 -2.32
CA ALA C 199 8.76 -14.99 -3.38
C ALA C 199 9.54 -13.70 -3.19
N LEU C 200 8.86 -12.65 -2.73
CA LEU C 200 9.55 -11.43 -2.34
C LEU C 200 10.43 -11.61 -1.10
N ALA C 201 9.99 -12.43 -0.14
CA ALA C 201 10.72 -12.52 1.12
C ALA C 201 11.89 -13.50 1.06
N THR C 202 11.58 -14.78 0.89
CA THR C 202 12.58 -15.84 0.91
C THR C 202 13.39 -15.91 -0.39
N GLN C 203 12.81 -15.50 -1.51
CA GLN C 203 13.45 -15.58 -2.84
C GLN C 203 13.85 -17.02 -3.19
N GLU C 204 12.97 -17.97 -2.86
CA GLU C 204 13.24 -19.37 -3.14
C GLU C 204 12.04 -20.14 -3.68
N GLY C 205 10.82 -19.61 -3.59
CA GLY C 205 9.65 -20.25 -4.14
C GLY C 205 8.81 -20.95 -3.08
N PRO C 206 7.60 -21.38 -3.46
CA PRO C 206 6.66 -21.88 -2.44
C PRO C 206 6.98 -23.28 -1.93
N ILE C 207 7.52 -24.19 -2.75
CA ILE C 207 7.92 -25.46 -2.16
C ILE C 207 9.05 -25.24 -1.19
N ALA C 208 9.95 -24.31 -1.47
CA ALA C 208 11.09 -24.12 -0.60
C ALA C 208 10.64 -23.67 0.79
N ASN C 209 9.60 -22.86 0.82
CA ASN C 209 8.97 -22.48 2.10
C ASN C 209 8.29 -23.68 2.73
N TRP C 210 7.59 -24.46 1.93
CA TRP C 210 6.98 -25.67 2.45
C TRP C 210 8.02 -26.61 3.04
N GLN C 211 9.13 -26.81 2.33
CA GLN C 211 10.17 -27.73 2.78
C GLN C 211 10.91 -27.18 3.99
N SER C 212 11.22 -25.88 3.98
CA SER C 212 11.85 -25.24 5.12
C SER C 212 10.96 -25.35 6.34
N HIS C 213 9.65 -25.22 6.15
CA HIS C 213 8.75 -25.32 7.28
C HIS C 213 8.55 -26.75 7.75
N VAL C 214 8.57 -27.75 6.86
CA VAL C 214 8.26 -29.10 7.34
C VAL C 214 9.50 -29.76 7.92
N ALA C 215 10.67 -29.57 7.29
CA ALA C 215 11.88 -30.21 7.80
C ALA C 215 12.24 -29.69 9.18
N ASP C 216 12.01 -28.40 9.42
CA ASP C 216 12.21 -27.79 10.73
C ASP C 216 11.02 -26.86 10.96
N PRO C 217 9.97 -27.32 11.66
CA PRO C 217 8.81 -26.44 11.89
C PRO C 217 9.13 -25.28 12.79
N VAL C 218 9.85 -25.55 13.87
CA VAL C 218 10.02 -24.54 14.91
C VAL C 218 10.98 -23.44 14.44
N HIS C 219 12.13 -23.84 13.87
CA HIS C 219 13.06 -22.87 13.29
C HIS C 219 12.80 -22.80 11.78
N SER C 220 13.70 -22.10 11.07
CA SER C 220 13.64 -21.90 9.60
C SER C 220 12.27 -21.40 9.12
N ASN C 221 11.53 -20.70 9.99
CA ASN C 221 10.18 -20.22 9.70
C ASN C 221 10.19 -18.75 9.30
N VAL C 222 9.01 -18.10 9.33
CA VAL C 222 8.86 -16.70 8.98
C VAL C 222 9.70 -15.82 9.91
N LEU C 223 9.63 -16.09 11.20
CA LEU C 223 10.25 -15.19 12.17
C LEU C 223 11.74 -15.46 12.30
N THR C 224 12.17 -16.68 12.01
CA THR C 224 13.60 -16.93 11.88
C THR C 224 14.14 -16.28 10.62
N ASN C 225 13.37 -16.36 9.52
CA ASN C 225 13.79 -15.70 8.29
C ASN C 225 13.93 -14.20 8.50
N ALA C 226 13.01 -13.61 9.25
CA ALA C 226 13.17 -12.22 9.64
C ALA C 226 14.39 -12.05 10.55
N ALA C 227 14.59 -12.99 11.47
CA ALA C 227 15.70 -12.89 12.42
C ALA C 227 17.05 -12.90 11.71
N LYS C 228 17.26 -13.87 10.82
CA LYS C 228 18.47 -13.91 10.03
C LYS C 228 18.47 -12.88 8.91
N GLY C 229 17.36 -12.21 8.69
CA GLY C 229 17.24 -11.25 7.61
C GLY C 229 16.71 -11.87 6.34
N PHE C 230 15.98 -11.08 5.58
CA PHE C 230 15.43 -11.51 4.30
C PHE C 230 16.43 -11.37 3.16
N GLY C 231 17.72 -11.17 3.45
CA GLY C 231 18.73 -10.88 2.45
C GLY C 231 19.02 -9.41 2.25
N PHE C 232 18.32 -8.53 2.96
CA PHE C 232 18.47 -7.08 2.82
C PHE C 232 18.93 -6.42 4.11
N TYR C 233 18.86 -7.13 5.22
CA TYR C 233 19.11 -6.58 6.55
C TYR C 233 20.04 -7.48 7.35
MG CLA D . -8.45 7.30 12.45
CHA CLA D . -11.08 9.20 11.39
CHB CLA D . -10.32 4.48 11.79
CHC CLA D . -5.61 5.48 12.21
CHD CLA D . -6.41 10.22 12.24
NA CLA D . -10.38 6.94 11.76
C1A CLA D . -11.32 7.87 11.39
C2A CLA D . -12.57 7.19 10.89
C3A CLA D . -12.45 5.81 11.54
C4A CLA D . -10.93 5.69 11.67
CMA CLA D . -13.11 5.75 12.88
CAA CLA D . -12.31 7.11 9.38
CBA CLA D . -13.34 6.28 8.65
CGA CLA D . -13.09 4.81 8.57
O1A CLA D . -13.48 4.00 9.41
O2A CLA D . -12.37 4.37 7.51
NB CLA D . -8.05 5.38 11.99
C1B CLA D . -8.94 4.35 11.96
C2B CLA D . -8.26 3.06 12.18
C3B CLA D . -6.91 3.31 12.30
C4B CLA D . -6.77 4.79 12.16
CMB CLA D . -9.07 1.84 12.21
CAB CLA D . -5.76 2.46 12.48
CBB CLA D . -5.61 1.15 12.34
NC CLA D . -6.41 7.77 12.40
C1C CLA D . -5.41 6.85 12.37
C2C CLA D . -4.11 7.49 12.38
C3C CLA D . -4.35 8.86 12.32
C4C CLA D . -5.79 9.01 12.34
CMC CLA D . -2.79 6.84 12.40
CAC CLA D . -3.37 9.95 12.37
CBC CLA D . -3.15 10.69 11.08
ND CLA D . -8.66 9.28 12.12
C1D CLA D . -7.76 10.38 12.09
C2D CLA D . -8.51 11.63 11.87
C3D CLA D . -9.81 11.25 11.65
C4D CLA D . -9.82 9.78 11.75
CMD CLA D . -7.89 12.96 11.83
CAD CLA D . -11.16 11.66 11.33
OBD CLA D . -11.63 12.79 11.23
CBD CLA D . -11.97 10.35 11.09
CGD CLA D . -13.25 10.26 11.89
O1D CLA D . -13.36 10.17 13.11
O2D CLA D . -14.38 10.27 11.14
CED CLA D . -15.44 11.09 11.63
C1 CLA D . -11.87 3.01 7.53
C2 CLA D . -10.57 3.08 8.27
C3 CLA D . -9.35 3.21 7.69
C4 CLA D . -9.29 3.27 6.20
C5 CLA D . -8.11 3.28 8.53
C6 CLA D . -6.79 3.52 7.84
C7 CLA D . -6.35 2.26 7.15
C8 CLA D . -5.54 2.45 5.88
C9 CLA D . -5.49 1.12 5.14
C10 CLA D . -4.17 3.05 6.24
C11 CLA D . -2.99 2.73 5.34
C12 CLA D . -1.66 3.16 5.96
C13 CLA D . -0.63 2.04 5.92
C14 CLA D . -0.85 1.08 7.07
C15 CLA D . 0.79 2.58 6.00
MG CLA E . -5.14 -3.86 12.98
CHA CLA E . -7.36 -3.20 10.41
CHB CLA E . -6.88 -6.75 13.62
CHC CLA E . -2.43 -5.20 14.67
CHD CLA E . -2.85 -1.63 11.43
NA CLA E . -6.85 -4.76 12.20
C1A CLA E . -7.65 -4.31 11.14
C2A CLA E . -8.79 -5.28 10.84
C3A CLA E . -8.76 -6.23 12.05
C4A CLA E . -7.40 -5.91 12.68
CMA CLA E . -9.86 -5.96 13.03
CAA CLA E . -8.57 -6.04 9.53
CBA CLA E . -7.14 -6.52 9.23
CGA CLA E . -7.01 -7.01 7.83
O1A CLA E . -7.02 -6.34 6.80
O2A CLA E . -6.84 -8.37 7.73
NB CLA E . -4.73 -5.60 13.91
C1B CLA E . -5.63 -6.57 14.22
C2B CLA E . -5.11 -7.45 15.30
C3B CLA E . -3.86 -7.00 15.59
C4B CLA E . -3.60 -5.85 14.72
CMB CLA E . -5.85 -8.58 15.83
CAB CLA E . -2.89 -7.53 16.51
CBB CLA E . -1.76 -8.16 16.18
NC CLA E . -3.08 -3.41 13.12
C1C CLA E . -2.17 -4.04 13.91
C2C CLA E . -0.85 -3.44 13.82
C3C CLA E . -0.94 -2.49 12.82
C4C CLA E . -2.33 -2.48 12.40
CMC CLA E . 0.36 -3.83 14.54
CAC CLA E . 0.15 -1.61 12.35
CBC CLA E . 0.72 -1.95 11.01
ND CLA E . -5.12 -2.57 11.43
C1D CLA E . -4.13 -1.68 10.94
C2D CLA E . -4.74 -0.82 9.91
C3D CLA E . -6.04 -1.30 9.71
C4D CLA E . -6.16 -2.46 10.61
CMD CLA E . -4.01 0.31 9.32
CAD CLA E . -7.31 -1.20 9.02
OBD CLA E . -7.78 -0.30 8.35
CBD CLA E . -8.11 -2.50 9.31
CGD CLA E . -9.55 -2.25 9.67
O1D CLA E . -10.49 -3.03 9.52
O2D CLA E . -9.83 -1.03 10.21
CED CLA E . -11.08 -0.44 9.86
C1 CLA E . -5.56 -8.94 8.09
C2 CLA E . -4.58 -8.64 7.01
C3 CLA E . -3.33 -9.14 7.03
C4 CLA E . -2.85 -10.02 8.12
C5 CLA E . -2.36 -8.81 5.95
MG CLA F . 8.18 -3.57 27.15
CHA CLA F . 11.11 -5.37 27.73
CHB CLA F . 6.94 -6.32 25.60
CHC CLA F . 5.03 -2.28 27.31
CHD CLA F . 9.29 -1.21 29.46
NA CLA F . 8.93 -5.46 26.71
C1A CLA F . 10.17 -6.04 27.02
C2A CLA F . 10.27 -7.47 26.49
C3A CLA F . 9.01 -7.62 25.62
C4A CLA F . 8.23 -6.39 26.01
CMA CLA F . 9.28 -7.53 24.14
CAA CLA F . 10.27 -8.51 27.60
CBA CLA F . 9.02 -8.55 28.48
CGA CLA F . 9.33 -9.15 29.81
O1A CLA F . 10.29 -9.87 30.12
O2A CLA F . 8.40 -8.81 30.76
NB CLA F . 6.34 -4.23 26.67
C1B CLA F . 6.10 -5.26 25.84
C2B CLA F . 4.84 -5.12 25.12
C3B CLA F . 4.25 -3.99 25.58
C4B CLA F . 5.20 -3.40 26.58
CMB CLA F . 4.42 -6.15 24.18
CAB CLA F . 2.97 -3.46 25.20
CBB CLA F . 1.86 -4.20 25.05
NC CLA F . 7.33 -1.98 28.19
C1C CLA F . 6.02 -1.59 28.09
C2C CLA F . 5.79 -0.41 28.94
C3C CLA F . 6.98 -0.11 29.58
C4C CLA F . 7.96 -1.11 29.08
CMC CLA F . 4.53 0.29 29.14
CAC CLA F . 7.11 1.02 30.52
CBC CLA F . 6.86 0.67 31.96
ND CLA F . 9.84 -3.21 28.22
C1D CLA F . 10.20 -2.15 29.07
C2D CLA F . 11.60 -2.31 29.50
C3D CLA F . 12.02 -3.53 28.98
C4D CLA F . 10.85 -4.08 28.27
CMD CLA F . 12.38 -1.33 30.26
CAD CLA F . 13.08 -4.52 28.89
OBD CLA F . 14.20 -4.48 29.36
CBD CLA F . 12.51 -5.76 28.12
CGD CLA F . 13.32 -6.18 26.93
O1D CLA F . 14.30 -6.93 26.91
O2D CLA F . 12.87 -5.69 25.74
CED CLA F . 13.83 -5.02 24.93
C1 CLA F . 8.69 -9.10 32.15
C2 CLA F . 7.47 -8.80 32.94
C3 CLA F . 7.02 -7.57 33.19
C4 CLA F . 5.79 -7.36 34.00
C5 CLA F . 7.70 -6.34 32.68
MG CHL G . 11.02 -16.21 37.22
CHA CHL G . 10.50 -13.21 38.89
CHB CHL G . 12.24 -17.47 40.21
CHC CHL G . 10.51 -19.39 36.09
CHD CHL G . 9.19 -14.93 34.46
NA CHL G . 11.50 -15.41 39.08
C1A CHL G . 11.22 -14.13 39.58
C2A CHL G . 11.84 -13.97 40.98
C3A CHL G . 12.77 -15.20 41.08
C4A CHL G . 12.12 -16.12 40.07
CMA CHL G . 14.20 -14.91 40.74
CAA CHL G . 10.77 -13.98 42.05
CBA CHL G . 11.38 -13.76 43.45
CGA CHL G . 11.19 -14.87 44.45
O1A CHL G . 11.63 -14.89 45.60
O2A CHL G . 10.47 -15.96 44.06
NB CHL G . 11.33 -18.05 38.00
C1B CHL G . 11.85 -18.36 39.21
C2B CHL G . 11.95 -19.84 39.40
C3B CHL G . 11.43 -20.39 38.27
C4B CHL G . 11.06 -19.27 37.33
CMB CHL G . 12.43 -20.48 40.62
CAB CHL G . 11.44 -21.76 37.88
CBB CHL G . 12.40 -22.66 38.10
NC CHL G . 10.04 -17.00 35.56
C1C CHL G . 9.98 -18.34 35.28
C2C CHL G . 9.24 -18.53 34.03
C3C CHL G . 8.87 -17.26 33.57
C4C CHL G . 9.41 -16.31 34.53
CMC CHL G . 8.85 -19.78 33.39
OMC CHL G . 8.85 -20.84 33.98
CAC CHL G . 8.12 -16.94 32.36
CBC CHL G . 6.66 -16.78 32.68
ND CHL G . 10.07 -14.50 36.73
C1D CHL G . 9.37 -14.10 35.55
C2D CHL G . 8.85 -12.74 35.75
C3D CHL G . 9.26 -12.34 37.00
C4D CHL G . 10.01 -13.48 37.57
CMD CHL G . 8.08 -11.97 34.77
CAD CHL G . 9.25 -11.29 37.99
OBD CHL G . 8.75 -10.17 37.92
CBD CHL G . 10.05 -11.80 39.22
CGD CHL G . 11.22 -10.90 39.49
O1D CHL G . 11.91 -10.31 38.65
O2D CHL G . 11.51 -10.73 40.80
CED CHL G . 10.80 -9.74 41.54
MG CHL H . 5.56 -11.14 25.99
CHA CHL H . 5.85 -11.53 29.44
CHB CHL H . 2.36 -9.99 26.44
CHC CHL H . 5.66 -9.83 22.86
CHD CHL H . 8.96 -12.13 25.65
NA CHL H . 4.32 -10.90 27.65
C1A CHL H . 4.61 -11.10 29.01
C2A CHL H . 3.40 -10.78 29.90
C3A CHL H . 2.26 -10.60 28.86
C4A CHL H . 3.02 -10.49 27.54
CMA CHL H . 1.32 -11.76 28.85
CAA CHL H . 3.58 -9.52 30.74
CBA CHL H . 2.61 -9.54 31.92
NB CHL H . 4.26 -10.11 24.87
C1B CHL H . 2.98 -9.77 25.20
C2B CHL H . 2.33 -9.05 24.07
C3B CHL H . 3.26 -8.97 23.05
C4B CHL H . 4.50 -9.67 23.55
CMB CHL H . 0.97 -8.53 24.20
CAB CHL H . 3.13 -8.48 21.72
CBB CHL H . 2.03 -8.49 20.99
NC CHL H . 7.05 -11.01 24.52
C1C CHL H . 6.87 -10.43 23.30
C2C CHL H . 8.08 -10.52 22.50
C3C CHL H . 9.03 -11.15 23.30
C4C CHL H . 8.35 -11.50 24.55
CMC CHL H . 8.32 -9.93 21.18
OMC CHL H . 7.68 -8.98 20.79
CAC CHL H . 10.42 -11.49 22.95
CBC CHL H . 11.51 -10.73 23.67
ND CHL H . 7.07 -11.71 27.19
C1D CHL H . 8.40 -12.12 26.92
C2D CHL H . 9.06 -12.41 28.19
C3D CHL H . 8.15 -12.20 29.18
C4D CHL H . 6.91 -11.78 28.51
CMD CHL H . 10.44 -12.85 28.29
CAD CHL H . 7.88 -12.26 30.60
OBD CHL H . 8.64 -12.58 31.51
CBD CHL H . 6.40 -11.82 30.81
CGD CHL H . 5.61 -12.88 31.53
O1D CHL H . 5.23 -13.96 31.10
O2D CHL H . 5.30 -12.54 32.82
CED CHL H . 4.46 -13.44 33.55
MG CHL I . 7.52 -10.15 17.32
CHA CHL I . 10.15 -10.83 15.16
CHB CHL I . 6.78 -7.39 15.47
CHC CHL I . 4.25 -10.46 18.28
CHD CHL I . 8.40 -12.94 19.25
NA CHL I . 8.36 -9.27 15.64
C1A CHL I . 9.40 -9.74 14.83
C2A CHL I . 9.55 -8.85 13.59
C3A CHL I . 8.85 -7.54 14.08
C4A CHL I . 7.93 -8.06 15.16
CMA CHL I . 9.81 -6.49 14.57
CAA CHL I . 8.93 -9.56 12.40
CBA CHL I . 8.77 -8.69 11.15
CGA CHL I . 8.50 -9.55 9.95
NB CHL I . 5.83 -9.11 16.95
C1B CHL I . 5.75 -7.98 16.22
C2B CHL I . 4.33 -7.49 16.18
C3B CHL I . 3.58 -8.38 16.93
C4B CHL I . 4.55 -9.41 17.45
CMB CHL I . 3.99 -6.32 15.40
CAB CHL I . 2.21 -8.30 17.33
CBB CHL I . 1.49 -7.19 17.54
NC CHL I . 6.50 -11.46 18.58
C1C CHL I . 5.16 -11.42 18.83
C2C CHL I . 4.80 -12.50 19.76
C3C CHL I . 5.99 -13.17 20.04
C4C CHL I . 7.07 -12.51 19.31
CMC CHL I . 3.48 -12.81 20.35
OMC CHL I . 2.52 -12.08 20.21
CAC CHL I . 6.17 -14.34 20.91
CBC CHL I . 6.70 -13.99 22.28
ND CHL I . 8.94 -11.58 17.29
C1D CHL I . 9.22 -12.63 18.18
C2D CHL I . 10.38 -13.38 17.66
C3D CHL I . 10.80 -12.71 16.52
C4D CHL I . 9.86 -11.60 16.33
CMD CHL I . 10.98 -14.55 18.30
CAD CHL I . 11.76 -12.67 15.43
OBD CHL I . 12.70 -13.41 15.20
CBD CHL I . 11.37 -11.45 14.53
CGD CHL I . 12.48 -10.45 14.48
O1D CHL I . 12.75 -9.62 15.34
O2D CHL I . 13.26 -10.50 13.38
CED CHL I . 14.21 -9.44 13.24
MG CHL J . -9.65 -6.61 28.64
CHA CHL J . -7.65 -4.19 27.19
CHB CHL J . -6.81 -7.94 30.06
CHC CHL J . -11.59 -8.43 30.75
CHD CHL J . -12.47 -4.73 27.63
NA CHL J . -7.61 -6.24 28.48
C1A CHL J . -6.98 -5.21 27.79
C2A CHL J . -5.47 -5.31 27.97
C3A CHL J . -5.27 -6.69 28.60
C4A CHL J . -6.66 -6.99 29.10
CMA CHL J . -4.75 -7.72 27.63
CAA CHL J . -4.98 -4.21 28.90
CBA CHL J . -5.79 -4.05 30.20
CGA CHL J . -5.47 -2.79 30.94
NB CHL J . -9.27 -7.94 30.13
C1B CHL J . -8.05 -8.37 30.55
C2B CHL J . -8.21 -9.37 31.66
C3B CHL J . -9.56 -9.53 31.87
C4B CHL J . -10.25 -8.62 30.88
CMB CHL J . -7.11 -10.05 32.36
CAB CHL J . -10.26 -10.38 32.85
CBB CHL J . -9.79 -11.19 33.81
NC CHL J . -11.68 -6.60 29.10
C1C CHL J . -12.26 -7.46 29.98
C2C CHL J . -13.70 -7.18 30.06
C3C CHL J . -13.94 -6.14 29.17
C4C CHL J . -12.67 -5.77 28.55
CMC CHL J . -14.73 -7.87 30.89
OMC CHL J . -14.51 -8.77 31.67
CAC CHL J . -15.24 -5.55 28.91
CBC CHL J . -16.24 -6.47 28.28
ND CHL J . -10.05 -4.90 27.66
C1D CHL J . -11.25 -4.24 27.29
C2D CHL J . -10.95 -2.98 26.57
C3D CHL J . -9.57 -2.92 26.51
C4D CHL J . -9.07 -4.13 27.20
CMD CHL J . -11.90 -2.01 26.02
CAD CHL J . -8.44 -2.16 26.05
OBD CHL J . -8.39 -1.10 25.45
CBD CHL J . -7.17 -2.95 26.49
CGD CHL J . -6.27 -3.27 25.34
O1D CHL J . -6.03 -4.39 24.87
O2D CHL J . -5.71 -2.17 24.77
CED CHL J . -4.34 -1.91 25.06
NB KC2 K . -7.87 -11.50 18.94
ND KC2 K . -7.93 -7.54 18.68
C1A KC2 K . -10.73 -8.50 17.79
C1B KC2 K . -8.90 -12.34 18.69
C1C KC2 K . -5.11 -10.49 19.62
C1D KC2 K . -6.88 -6.64 18.85
C2A KC2 K . -12.12 -8.97 17.34
C2B KC2 K . -8.48 -13.75 18.82
C2C KC2 K . -3.77 -10.07 19.97
C2D KC2 K . -7.41 -5.34 18.48
C3A KC2 K . -12.07 -10.47 17.65
C3B KC2 K . -7.16 -13.72 19.18
C3C KC2 K . -3.75 -8.70 19.93
C3D KC2 K . -8.67 -5.50 18.00
C4A KC2 K . -10.66 -10.69 18.16
C4B KC2 K . -6.75 -12.29 19.24
C4C KC2 K . -5.09 -8.26 19.52
C4D KC2 K . -8.96 -6.91 18.14
CAA KC2 K . -12.41 -8.69 15.87
CAB KC2 K . -6.24 -14.79 19.45
CAC KC2 K . -2.50 -7.99 20.24
CAD KC2 K . -9.83 -4.88 17.42
CBA KC2 K . -13.82 -8.17 15.67
CBB KC2 K . -5.90 -15.78 18.63
CBC KC2 K . -2.48 -6.67 20.17
CBD KC2 K . -10.91 -5.97 17.23
CED KC2 K . -14.22 -6.21 18.95
CGA KC2 K . -14.88 -9.23 15.72
CGD KC2 K . -12.26 -5.55 17.77
CHA KC2 K . -10.29 -7.23 17.75
CHB KC2 K . -10.18 -11.94 18.32
CHC KC2 K . -5.52 -11.84 19.56
CHD KC2 K . -5.59 -6.98 19.22
CMA KC2 K . -13.21 -11.02 18.45
CMB KC2 K . -9.34 -14.90 18.59
CMC KC2 K . -2.68 -10.94 20.31
CMD KC2 K . -6.62 -4.15 18.60
NA KC2 K . -9.93 -9.54 18.28
NC KC2 K . -5.85 -9.41 19.30
O1A KC2 K . -16.01 -9.14 16.19
O1D KC2 K . -12.91 -4.58 17.40
O2A KC2 K . -14.53 -10.42 15.14
O2D KC2 K . -12.82 -6.34 18.73
OBD KC2 K . -9.98 -3.74 17.04
MG KC2 K . -7.96 -9.47 19.07
MG CLA L . -8.46 5.03 28.54
CHA CLA L . -11.42 4.40 30.40
CHB CLA L . -8.81 8.30 29.46
CHC CLA L . -5.02 5.42 28.32
CHD CLA L . -8.01 1.55 28.56
NA CLA L . -9.89 6.10 29.66
C1A CLA L . -11.03 5.67 30.33
C2A CLA L . -11.81 6.81 30.90
C3A CLA L . -11.32 7.88 29.92
C4A CLA L . -9.88 7.44 29.68
CMA CLA L . -12.14 7.91 28.64
CAA CLA L . -11.53 6.97 32.37
CBA CLA L . -10.10 6.79 32.80
NB CLA L . -7.16 6.53 28.96
C1B CLA L . -7.51 7.84 29.16
C2B CLA L . -6.37 8.77 28.88
C3B CLA L . -5.30 7.97 28.56
C4B CLA L . -5.77 6.54 28.59
CMB CLA L . -6.53 10.23 28.95
CAB CLA L . -3.95 8.33 28.19
CBB CLA L . -3.56 9.35 27.42
NC CLA L . -6.83 3.72 28.28
C1C CLA L . -5.52 4.08 28.09
C2C CLA L . -4.73 2.84 27.85
C3C CLA L . -5.59 1.78 28.04
C4C CLA L . -6.90 2.34 28.28
CMC CLA L . -3.32 2.58 27.58
CAC CLA L . -5.27 0.36 27.85
CBC CLA L . -4.78 -0.23 29.13
ND CLA L . -9.54 3.37 29.04
C1D CLA L . -9.23 2.00 28.97
C2D CLA L . -10.38 1.19 29.40
C3D CLA L . -11.28 2.09 29.93
C4D CLA L . -10.67 3.40 29.75
CMD CLA L . -10.42 -0.26 29.34
CAD CLA L . -12.57 2.30 30.58
OBD CLA L . -13.51 1.53 30.77
CBD CLA L . -12.66 3.78 31.01
CGD CLA L . -13.92 4.40 30.48
O1D CLA L . -14.01 5.31 29.66
O2D CLA L . -15.11 3.91 30.95
CED CLA L . -16.18 4.86 31.14
MG CLA M . -4.03 19.48 19.85
CHA CLA M . -5.16 18.68 23.04
CHB CLA M . -5.20 22.68 20.34
CHC CLA M . -2.06 20.71 17.32
CHD CLA M . -1.84 16.69 20.06
NA CLA M . -5.07 20.46 21.39
C1A CLA M . -5.43 19.96 22.66
C2A CLA M . -6.13 21.02 23.50
C3A CLA M . -6.27 22.21 22.54
C4A CLA M . -5.46 21.77 21.33
CMA CLA M . -7.70 22.53 22.23
CAA CLA M . -5.37 21.42 24.78
CBA CLA M . -3.92 21.83 24.61
CGA CLA M . -3.37 22.21 25.95
O1A CLA M . -3.00 21.44 26.86
O2A CLA M . -3.29 23.56 26.17
NB CLA M . -3.69 21.30 19.03
C1B CLA M . -4.43 22.41 19.22
C2B CLA M . -4.27 23.36 18.08
C3B CLA M . -3.38 22.79 17.22
C4B CLA M . -3.01 21.50 17.82
CMB CLA M . -4.90 24.67 18.04
CAB CLA M . -2.80 23.28 16.00
CBB CLA M . -3.49 23.54 14.90
NC CLA M . -2.34 18.78 18.83
C1C CLA M . -1.73 19.43 17.79
C2C CLA M . -0.60 18.68 17.27
C3C CLA M . -0.46 17.60 18.11
C4C CLA M . -1.57 17.65 19.08
CMC CLA M . 0.31 19.04 16.18
CAC CLA M . 0.57 16.58 17.99
CBC CLA M . 1.62 16.57 19.08
ND CLA M . -3.69 17.92 21.09
C1D CLA M . -2.84 16.79 21.02
C2D CLA M . -3.19 15.85 22.10
C3D CLA M . -4.13 16.50 22.87
C4D CLA M . -4.33 17.83 22.25
CMD CLA M . -2.62 14.52 22.28
CAD CLA M . -4.98 16.43 24.04
OBD CLA M . -5.24 15.49 24.77
CBD CLA M . -5.54 17.87 24.27
CGD CLA M . -7.02 17.80 24.54
O1D CLA M . -7.77 16.85 24.29
O2D CLA M . -7.55 18.92 25.11
CED CLA M . -7.78 18.90 26.51
C1 CLA M . -3.56 24.06 27.50
C2 CLA M . -3.24 25.50 27.52
MG CLA N . 0.02 13.48 26.82
CHA CLA N . -2.26 15.63 28.34
CHB CLA N . -0.16 11.43 29.53
CHC CLA N . 2.87 11.83 25.79
CHD CLA N . 0.68 16.00 24.42
NA CLA N . -1.09 13.51 28.59
C1A CLA N . -2.01 14.48 29.05
C2A CLA N . -2.60 14.05 30.40
C3A CLA N . -2.00 12.64 30.64
C4A CLA N . -1.02 12.49 29.50
CMA CLA N . -1.33 12.60 32.00
CAA CLA N . -4.12 13.96 30.34
CBA CLA N . -4.89 13.19 31.43
CGA CLA N . -5.69 14.10 32.32
O1A CLA N . -6.10 15.25 32.14
O2A CLA N . -5.99 13.48 33.50
NB CLA N . 1.12 11.95 27.52
C1B CLA N . 0.84 11.19 28.59
C2B CLA N . 1.79 10.05 28.70
C3B CLA N . 2.65 10.15 27.64
C4B CLA N . 2.23 11.37 26.88
CMB CLA N . 1.74 9.07 29.79
CAB CLA N . 3.79 9.36 27.26
CBB CLA N . 5.00 9.47 27.79
NC CLA N . 1.45 13.82 25.32
C1C CLA N . 2.49 12.98 25.04
C2C CLA N . 3.27 13.50 23.90
C3C CLA N . 2.69 14.72 23.57
C4C CLA N . 1.54 14.90 24.44
CMC CLA N . 4.47 12.91 23.30
CAC CLA N . 3.09 15.64 22.50
CBC CLA N . 3.96 16.79 22.96
ND CLA N . -0.68 15.32 26.33
C1D CLA N . -0.36 16.23 25.29
C2D CLA N . -1.25 17.40 25.36
C3D CLA N . -2.01 17.22 26.51
C4D CLA N . -1.59 15.93 27.10
CMD CLA N . -1.27 18.51 24.41
CAD CLA N . -3.04 17.76 27.35
OBD CLA N . -3.73 18.77 27.20
CBD CLA N . -3.15 16.83 28.59
CGD CLA N . -2.84 17.57 29.86
O1D CLA N . -2.15 17.19 30.80
O2D CLA N . -3.40 18.81 29.93
CED CLA N . -2.71 19.82 30.69
C1 CLA N . -5.42 14.05 34.70
C2 CLA N . -4.69 12.97 35.41
C3 CLA N . -4.09 13.15 36.59
C4 CLA N . -4.12 14.48 37.26
C5 CLA N . -3.35 12.05 37.27
C6 CLA N . -4.20 11.32 38.29
C7 CLA N . -3.82 11.68 39.72
C8 CLA N . -4.91 11.29 40.71
C9 CLA N . -5.89 12.45 40.86
C10 CLA N . -4.35 10.88 42.08
C11 CLA N . -5.31 9.99 42.86
C12 CLA N . -4.78 9.73 44.27
C13 CLA N . -5.66 8.83 45.13
C14 CLA N . -5.45 7.37 44.77
C15 CLA N . -7.15 9.15 45.09
MG CLA O . 10.24 9.69 11.41
CHA CLA O . 13.54 10.17 10.55
CHB CLA O . 10.68 11.82 14.08
CHC CLA O . 6.85 9.91 11.83
CHD CLA O . 9.72 8.09 8.32
NA CLA O . 11.86 10.79 12.18
C1A CLA O . 13.15 10.86 11.67
C2A CLA O . 14.03 11.78 12.52
C3A CLA O . 13.14 12.06 13.74
C4A CLA O . 11.78 11.53 13.31
CMA CLA O . 13.63 11.30 14.93
CAA CLA O . 14.46 13.01 11.73
CBA CLA O . 13.62 14.27 11.79
CGA CLA O . 12.23 14.09 11.26
O1A CLA O . 11.19 13.99 11.88
O2A CLA O . 12.13 14.04 9.91
NB CLA O . 9.03 10.62 12.71
C1B CLA O . 9.39 11.40 13.76
C2B CLA O . 8.19 11.79 14.55
C3B CLA O . 7.11 11.26 13.91
C4B CLA O . 7.62 10.52 12.74
CMB CLA O . 8.27 12.67 15.70
CAB CLA O . 5.70 11.35 14.20
CBB CLA O . 5.14 10.99 15.35
NC CLA O . 8.58 9.09 10.28
C1C CLA O . 7.28 9.25 10.65
C2C CLA O . 6.38 8.67 9.65
C3C CLA O . 7.20 8.17 8.63
C4C CLA O . 8.57 8.44 9.05
CMC CLA O . 4.92 8.62 9.70
CAC CLA O . 6.76 7.49 7.40
CBC CLA O . 6.26 8.47 6.36
ND CLA O . 11.30 9.29 9.74
C1D CLA O . 10.98 8.50 8.62
C2D CLA O . 12.23 8.18 7.90
C3D CLA O . 13.25 8.78 8.60
C4D CLA O . 12.61 9.48 9.72
CMD CLA O . 12.27 7.32 6.73
CAD CLA O . 14.68 9.00 8.72
OBD CLA O . 15.59 8.58 8.01
CBD CLA O . 14.91 9.95 9.94
CGD CLA O . 15.94 9.49 10.93
O1D CLA O . 16.15 8.34 11.33
O2D CLA O . 16.70 10.51 11.39
CED CLA O . 17.92 10.20 12.08
C1 CLA O . 11.23 13.00 9.45
C2 CLA O . 9.89 13.53 9.14
C3 CLA O . 9.05 12.91 8.30
C4 CLA O . 9.33 11.63 7.62
C5 CLA O . 7.70 13.47 8.04
C6 CLA O . 6.63 12.64 8.73
C7 CLA O . 5.64 12.05 7.75
C8 CLA O . 4.76 13.07 7.02
C9 CLA O . 3.81 13.78 7.96
C10 CLA O . 3.98 12.38 5.92
MG CLA P . 12.99 18.30 14.40
CHA CLA P . 11.98 18.53 11.10
CHB CLA P . 15.12 20.94 13.88
CHC CLA P . 13.50 18.59 17.78
CHD CLA P . 10.17 16.26 15.06
NA CLA P . 13.48 19.48 12.75
C1A CLA P . 12.96 19.39 11.45
C2A CLA P . 13.57 20.45 10.54
C3A CLA P . 14.69 21.05 11.40
C4A CLA P . 14.43 20.47 12.78
CMA CLA P . 16.04 20.69 10.84
CAA CLA P . 12.58 21.54 10.13
CBA CLA P . 11.87 22.28 11.26
CGA CLA P . 10.39 22.33 11.03
O1A CLA P . 9.77 22.43 9.97
O2A CLA P . 9.66 22.30 12.20
NB CLA P . 14.14 19.46 15.58
C1B CLA P . 14.94 20.49 15.19
C2B CLA P . 15.64 21.08 16.35
C3B CLA P . 15.19 20.41 17.47
C4B CLA P . 14.23 19.38 16.98
CMB CLA P . 16.54 22.23 16.28
CAB CLA P . 15.51 20.62 18.86
CBB CLA P . 16.06 19.72 19.67
NC CLA P . 12.04 17.51 16.11
C1C CLA P . 12.45 17.72 17.40
C2C CLA P . 11.61 16.95 18.32
C3C CLA P . 10.62 16.36 17.55
C4C CLA P . 10.93 16.69 16.16
CMC CLA P . 11.72 16.95 19.80
CAC CLA P . 9.53 15.48 18.02
CBC CLA P . 8.19 16.16 18.07
ND CLA P . 11.40 17.56 13.39
C1D CLA P . 10.36 16.67 13.76
C2D CLA P . 9.59 16.28 12.54
C3D CLA P . 10.23 16.91 11.48
C4D CLA P . 11.31 17.72 12.07
CMD CLA P . 8.45 15.37 12.53
CAD CLA P . 10.22 17.18 10.05
OBD CLA P . 9.50 16.78 9.16
CBD CLA P . 11.35 18.21 9.78
CGD CLA P . 12.34 17.65 8.80
O1D CLA P . 13.28 16.88 9.04
O2D CLA P . 12.14 18.04 7.52
CED CLA P . 12.89 17.39 6.50
C1 CLA P . 9.43 21.01 12.82
C2 CLA P . 8.09 20.53 12.38
C3 CLA P . 7.53 19.43 12.89
MG CHL Q . 13.39 -0.61 37.04
CHA CHL Q . 12.48 1.61 34.55
CHB CHL Q . 15.16 1.93 38.51
CHC CHL Q . 12.80 -2.03 40.10
CHD CHL Q . 11.31 -3.06 35.56
NA CHL Q . 13.85 1.37 36.52
C1A CHL Q . 13.33 2.13 35.47
C2A CHL Q . 13.87 3.57 35.51
C3A CHL Q . 15.05 3.44 36.50
C4A CHL Q . 14.70 2.14 37.23
CMA CHL Q . 16.37 3.39 35.80
CAA CHL Q . 12.77 4.55 35.92
CBA CHL Q . 12.44 5.59 34.85
CGA CHL Q . 13.30 6.80 35.02
NB CHL Q . 13.90 -0.15 38.94
C1B CHL Q . 14.65 0.91 39.34
C2B CHL Q . 14.82 0.89 40.83
C3B CHL Q . 14.11 -0.21 41.30
C4B CHL Q . 13.55 -0.90 40.10
CMB CHL Q . 15.56 1.95 41.51
CAB CHL Q . 14.05 -0.79 42.63
CBB CHL Q . 14.98 -0.75 43.57
NC CHL Q . 12.28 -2.26 37.70
C1C CHL Q . 12.18 -2.69 39.00
C2C CHL Q . 11.32 -3.87 39.09
C3C CHL Q . 10.92 -4.15 37.79
C4C CHL Q . 11.55 -3.16 36.92
CMC CHL Q . 10.94 -4.67 40.28
OMC CHL Q . 11.38 -4.45 41.41
CAC CHL Q . 10.05 -5.26 37.33
CBC CHL Q . 10.84 -6.47 36.90
ND CHL Q . 12.19 -0.77 35.44
C1D CHL Q . 11.43 -1.85 34.92
C2D CHL Q . 10.72 -1.39 33.72
C3D CHL Q . 11.09 -0.08 33.54
C4D CHL Q . 12.02 0.26 34.63
CMD CHL Q . 9.80 -2.17 32.92
CAD CHL Q . 10.95 1.09 32.71
OBD CHL Q . 10.29 1.23 31.70
CBD CHL Q . 11.84 2.20 33.33
CGD CHL Q . 12.88 2.59 32.35
O1D CHL Q . 14.10 2.44 32.47
O2D CHL Q . 12.42 3.18 31.21
CED CHL Q . 13.37 3.91 30.46
C18 Q6L R . 0.50 6.84 27.37
C19 Q6L R . 1.37 6.99 26.24
C03 Q6L R . -5.47 4.74 34.44
C05 Q6L R . -7.41 4.36 36.07
C07 Q6L R . -7.15 6.57 34.79
C09 Q6L R . -5.48 2.80 36.04
C10 Q6L R . -7.09 2.85 34.10
C11 Q6L R . -4.86 4.18 33.23
C13 Q6L R . -3.34 4.41 31.29
C14 Q6L R . -2.57 5.30 30.65
C22 Q6L R . 1.98 8.57 23.00
C27 Q6L R . 5.63 10.01 19.90
C28 Q6L R . 5.30 11.45 19.67
C30 Q6L R . 7.65 10.08 18.13
C31 Q6L R . 9.15 10.01 18.02
C33 Q6L R . 10.31 9.19 20.13
C36 Q6L R . 9.65 8.75 17.26
O08 Q6L R . -9.05 6.13 36.25
O39 Q6L R . 12.06 7.82 19.23
C01 Q6L R . -4.72 7.15 35.06
C02 Q6L R . -5.74 6.07 34.63
C04 Q6L R . -6.36 3.71 35.16
C06 Q6L R . -8.12 5.53 35.39
C12 Q6L R . -4.01 4.88 32.47
C15 Q6L R . -1.81 5.04 29.48
C16 Q6L R . -0.82 5.86 29.09
C17 Q6L R . 0.04 5.70 27.92
C20 Q6L R . 1.11 7.82 25.24
C21 Q6L R . 2.06 7.92 24.17
C23 Q6L R . 0.79 9.36 22.53
C24 Q6L R . 3.16 8.48 22.15
C25 Q6L R . 3.70 9.45 21.38
C26 Q6L R . 4.89 9.15 20.64
C29 Q6L R . 6.85 9.44 19.25
C32 Q6L R . 9.83 10.21 19.40
C34 Q6L R . 10.66 7.84 19.49
C35 Q6L R . 9.93 7.54 18.17
C37 Q6L R . 10.94 9.13 16.52
C38 Q6L R . 8.59 8.31 16.23
C40 Q6L R . 9.82 11.53 20.06
C41 Q6L R . 0.36 4.33 27.42
C42 Q6L R . -3.55 2.98 30.92
C18 Q6L S . -0.10 -0.03 15.63
C19 Q6L S . -1.07 0.72 14.86
C03 Q6L S . 6.02 -4.66 20.31
C05 Q6L S . 8.52 -4.03 20.81
C07 Q6L S . 7.90 -5.76 19.04
C09 Q6L S . 6.96 -4.29 22.64
C10 Q6L S . 6.73 -2.35 21.09
C11 Q6L S . 4.80 -3.91 19.96
C13 Q6L S . 2.26 -3.77 19.80
C14 Q6L S . 2.17 -2.86 18.82
C22 Q6L S . -1.63 2.44 11.74
C27 Q6L S . -3.73 5.84 8.78
C28 Q6L S . -2.54 6.32 8.01
C30 Q6L S . -5.20 8.03 8.10
C31 Q6L S . -6.18 9.09 8.56
C33 Q6L S . -6.70 11.42 7.55
C36 Q6L S . -7.66 8.75 8.25
O08 Q6L S . 9.04 -6.39 21.10
O39 Q6L S . -8.94 12.29 7.93
C01 Q6L S . 5.86 -7.10 19.48
C02 Q6L S . 6.48 -5.69 19.53
C04 Q6L S . 7.04 -3.86 21.17
C06 Q6L S . 8.91 -5.36 20.13
C12 Q6L S . 3.54 -4.36 20.12
C15 Q6L S . 0.95 -2.23 18.39
C16 Q6L S . 0.88 -1.51 17.26
C17 Q6L S . -0.30 -0.87 16.67
C20 Q6L S . -0.67 1.58 13.91
C21 Q6L S . -1.57 2.37 13.09
C23 Q6L S . -0.76 1.66 10.82
C24 Q6L S . -2.61 3.35 11.15
C25 Q6L S . -2.65 3.87 9.89
C26 Q6L S . -3.73 4.76 9.58
C29 Q6L S . -5.02 6.62 8.66
C32 Q6L S . -5.82 10.46 7.93
C34 Q6L S . -8.21 11.15 7.49
C35 Q6L S . -8.64 9.93 8.32
C37 Q6L S . -8.22 7.60 9.12
C38 Q6L S . -7.62 8.30 6.79
C40 Q6L S . -4.40 10.81 7.69
C41 Q6L S . -1.64 -1.22 17.23
C42 Q6L S . 1.08 -4.23 20.60
C01 IWJ T . 8.09 6.88 27.88
C02 IWJ T . 9.12 6.38 28.82
C03 IWJ T . 10.36 6.88 28.59
C04 IWJ T . 11.32 7.20 29.74
C05 IWJ T . 11.01 6.44 31.04
C06 IWJ T . 9.53 6.18 31.35
C07 IWJ T . 8.70 5.72 30.11
C08 IWJ T . 7.21 5.83 30.37
C09 IWJ T . 6.38 4.77 30.55
C10 IWJ T . 4.88 4.80 30.82
C11 IWJ T . 4.22 3.63 30.82
C12 IWJ T . 2.81 3.41 31.07
C13 IWJ T . 2.34 2.15 31.11
C14 IWJ T . 0.97 1.72 31.39
C15 IWJ T . 0.78 0.40 31.54
C16 IWJ T . -0.43 -0.29 31.89
C17 IWJ T . -0.53 -1.62 31.80
C18 IWJ T . -1.73 -2.30 32.23
C19 IWJ T . -1.99 -3.62 32.23
C20 IWJ T . -1.09 -4.67 31.65
C21 IWJ T . -3.28 -4.04 32.79
C22 IWJ T . -3.59 -5.18 33.42
C23 IWJ T . -4.93 -5.38 33.92
C24 IWJ T . -5.42 -6.53 34.42
C25 IWJ T . -4.62 -7.79 34.54
C26 IWJ T . -6.80 -6.53 34.89
C28 IWJ T . -7.37 -5.28 35.54
C29 IWJ T . -8.21 -5.63 36.76
C30 IWJ T . -7.40 -5.62 37.97
C31 IWJ T . -6.25 -4.95 38.08
C32 IWJ T . -8.26 -6.12 39.15
C33 IWJ T . -9.65 -5.49 39.28
C34 IWJ T . -9.87 -4.34 38.29
C35 IWJ T . -9.37 -4.65 36.87
C36 IWJ T . -9.02 -3.30 36.23
C37 IWJ T . -10.51 -5.30 36.06
C40 IWJ T . -0.10 2.77 31.53
C41 IWJ T . 4.24 6.14 31.08
C42 IWJ T . 9.46 5.13 32.46
C43 IWJ T . 8.93 7.49 31.91
O27 IWJ T . -7.50 -7.54 34.76
O38 IWJ T . -9.87 -5.05 40.61
O39 IWJ T . -8.76 -6.91 36.58
O44 IWJ T . 12.66 6.94 29.34
C01 IWJ U . 9.08 15.52 0.43
C02 IWJ U . 9.54 16.28 1.61
C03 IWJ U . 9.51 17.62 1.47
C04 IWJ U . 9.25 18.55 2.66
C05 IWJ U . 9.55 17.89 4.02
C06 IWJ U . 9.13 16.41 4.15
C07 IWJ U . 9.61 15.54 2.95
C08 IWJ U . 8.92 14.19 2.82
C09 IWJ U . 9.43 13.03 3.29
C10 IWJ U . 8.81 11.65 3.19
C11 IWJ U . 9.30 10.65 3.93
C12 IWJ U . 8.82 9.29 3.92
C13 IWJ U . 9.70 8.27 3.89
C14 IWJ U . 9.39 6.84 3.86
C15 IWJ U . 10.43 5.98 3.87
C16 IWJ U . 10.34 4.55 3.85
C17 IWJ U . 11.41 3.81 3.54
C18 IWJ U . 11.34 2.38 3.50
C19 IWJ U . 12.30 1.50 3.15
C20 IWJ U . 13.70 1.88 2.75
C21 IWJ U . 11.90 0.09 3.20
C22 IWJ U . 12.41 -1.04 2.66
C23 IWJ U . 11.71 -2.27 2.96
C24 IWJ U . 12.01 -3.56 2.67
C25 IWJ U . 13.24 -3.98 1.94
C26 IWJ U . 11.07 -4.59 3.13
C28 IWJ U . 9.79 -4.25 3.88
C29 IWJ U . 8.63 -4.21 2.89
C30 IWJ U . 7.96 -5.50 2.96
C31 IWJ U . 7.95 -6.29 4.04
C32 IWJ U . 6.91 -5.52 1.84
C33 IWJ U . 5.82 -4.47 2.01
C34 IWJ U . 6.37 -3.07 2.32
C35 IWJ U . 7.66 -3.06 3.16
C36 IWJ U . 7.19 -3.07 4.62
C37 IWJ U . 8.32 -1.70 2.85
C40 IWJ U . 7.96 6.43 3.80
C41 IWJ U . 7.67 11.47 2.23
C42 IWJ U . 7.59 16.35 4.26
C43 IWJ U . 9.71 15.86 5.45
O27 IWJ U . 11.26 -5.77 2.89
O38 IWJ U . 4.88 -4.86 2.99
O39 IWJ U . 9.17 -4.04 1.62
O44 IWJ U . 9.96 19.77 2.53
C18 Q6L V . 6.96 18.35 9.36
C19 Q6L V . 5.84 18.00 10.18
C03 Q6L V . 14.70 20.79 4.98
C05 Q6L V . 17.11 19.78 5.35
C07 Q6L V . 15.79 19.30 3.30
C09 Q6L V . 15.55 19.99 7.23
C10 Q6L V . 16.56 22.03 6.19
C11 Q6L V . 13.58 21.49 5.63
C13 Q6L V . 11.19 21.43 6.52
C14 Q6L V . 10.27 20.50 6.79
C22 Q6L V . 4.23 15.29 11.91
C27 Q6L V . 0.48 13.87 14.72
C28 Q6L V . 0.38 12.39 14.50
C30 Q6L V . -1.83 14.99 14.62
C31 Q6L V . -3.09 15.49 15.22
C33 Q6L V . -4.69 16.05 13.33
C36 Q6L V . -4.05 14.33 15.60
O08 Q6L V . 18.22 19.11 3.29
O39 Q6L V . -7.04 15.85 13.91
C01 Q6L V . 13.45 20.03 2.83
C02 Q6L V . 14.58 19.98 3.88
C04 Q6L V . 15.95 20.64 5.90
C06 Q6L V . 17.12 19.82 3.83
C12 Q6L V . 12.39 20.91 5.89
C15 Q6L V . 9.00 20.68 7.44
C16 Q6L V . 8.46 19.61 8.03
C17 Q6L V . 7.21 19.53 8.78
C20 Q6L V . 5.53 16.72 10.37
C21 Q6L V . 4.43 16.43 11.24
C23 Q6L V . 5.10 14.08 11.88
C24 Q6L V . 3.04 15.28 12.74
C25 Q6L V . 2.69 14.36 13.66
C26 Q6L V . 1.47 14.67 14.35
C29 Q6L V . -0.64 14.54 15.41
C32 Q6L V . -3.67 16.42 14.13
C34 Q6L V . -5.81 15.17 13.92
C35 Q6L V . -5.52 14.70 15.37
C37 Q6L V . -3.86 13.91 17.06
C38 Q6L V . -3.76 13.10 14.72
C40 Q6L V . -3.01 17.72 13.84
C41 Q6L V . 6.33 20.75 8.87
C42 Q6L V . 11.08 22.89 6.84
C01 IWJ W . 3.03 -9.69 -16.14
C02 IWJ W . 3.21 -9.07 -17.47
C03 IWJ W . 2.73 -9.81 -18.50
C04 IWJ W . 2.12 -9.14 -19.75
C05 IWJ W . 2.61 -7.70 -19.96
C06 IWJ W . 2.69 -6.86 -18.66
C07 IWJ W . 3.51 -7.57 -17.55
C08 IWJ W . 3.35 -6.91 -16.20
C09 IWJ W . 4.28 -6.13 -15.60
C10 IWJ W . 4.15 -5.45 -14.25
C11 IWJ W . 5.10 -4.56 -13.88
C12 IWJ W . 5.16 -3.81 -12.65
C13 IWJ W . 6.30 -3.74 -11.92
C14 IWJ W . 6.48 -3.02 -10.65
C15 IWJ W . 7.70 -3.05 -10.07
C16 IWJ W . 8.05 -2.41 -8.84
C17 IWJ W . 9.31 -2.37 -8.42
C18 IWJ W . 9.67 -1.74 -7.17
C19 IWJ W . 10.85 -1.86 -6.53
C20 IWJ W . 11.99 -2.69 -7.04
C21 IWJ W . 10.99 -1.12 -5.27
C22 IWJ W . 11.93 -1.14 -4.30
C23 IWJ W . 11.76 -0.28 -3.17
C24 IWJ W . 12.29 -0.33 -1.93
C25 IWJ W . 13.25 -1.37 -1.44
C26 IWJ W . 11.87 0.73 -1.02
C28 IWJ W . 10.87 1.78 -1.52
C29 IWJ W . 9.78 2.04 -0.47
C30 IWJ W . 9.63 3.48 -0.29
C31 IWJ W . 10.60 4.34 -0.59
C32 IWJ W . 8.53 3.73 0.78
C33 IWJ W . 7.22 2.98 0.55
C34 IWJ W . 7.23 2.26 -0.80
C35 IWJ W . 8.48 1.37 -0.91
C36 IWJ W . 8.54 0.93 -2.38
C37 IWJ W . 8.21 0.12 -0.04
C40 IWJ W . 5.31 -2.28 -10.10
C41 IWJ W . 2.96 -5.81 -13.40
C42 IWJ W . 1.26 -6.59 -18.18
C43 IWJ W . 3.32 -5.51 -18.99
O27 IWJ W . 12.32 0.79 0.12
O38 IWJ W . 6.11 3.85 0.66
O39 IWJ W . 10.17 1.48 0.75
O44 IWJ W . 2.34 -9.92 -20.91
C18 Q6L X . 4.12 13.21 -0.09
C19 Q6L X . 5.34 12.56 -0.44
C03 Q6L X . -2.92 17.21 4.71
C05 Q6L X . -5.22 17.53 5.82
C07 Q6L X . -4.81 18.10 3.35
C09 Q6L X . -3.23 17.40 7.24
C10 Q6L X . -4.05 15.36 6.06
C11 Q6L X . -1.77 16.29 4.52
C13 Q6L X . 0.72 16.02 4.09
C14 Q6L X . 0.95 15.47 2.89
C22 Q6L X . 7.32 11.04 -3.14
C27 Q6L X . 11.15 8.56 -5.06
C28 Q6L X . 10.44 8.00 -6.25
C30 Q6L X . 12.89 6.76 -4.17
C31 Q6L X . 14.31 6.31 -3.86
C33 Q6L X . 16.36 7.73 -4.50
C36 Q6L X . 14.65 6.52 -2.36
O08 Q6L X . -7.03 18.18 4.33
O39 Q6L X . 18.17 7.95 -2.94
C01 Q6L X . -2.74 19.46 3.49
C02 Q6L X . -3.37 18.09 3.77
C04 Q6L X . -3.84 16.89 5.92
C06 Q6L X . -5.78 17.51 4.39
C12 Q6L X . -0.53 16.74 4.30
C15 Q6L X . 2.16 14.77 2.58
C16 Q6L X . 2.47 14.21 1.41
C17 Q6L X . 3.75 13.54 1.17
C20 Q6L X . 5.59 12.06 -1.67
C21 Q6L X . 6.86 11.44 -1.93
C23 Q6L X . 6.54 11.16 -4.42
C24 Q6L X . 8.65 10.45 -3.20
C25 Q6L X . 9.30 10.02 -4.30
C26 Q6L X . 10.61 9.46 -4.21
C29 Q6L X . 12.55 8.09 -4.81
C32 Q6L X . 15.33 6.92 -4.86
C34 Q6L X . 16.75 7.88 -3.03
C35 Q6L X . 16.15 6.77 -2.13
C37 Q6L X . 14.20 5.31 -1.53
C38 Q6L X . 13.97 7.78 -1.78
C40 Q6L X . 15.53 6.27 -6.17
C41 Q6L X . 4.61 13.26 2.38
C42 Q6L X . 1.67 15.94 5.24
MG CLA Y . -9.65 9.35 -9.84
CHA CLA Y . -12.92 8.45 -10.31
CHB CLA Y . -10.52 10.64 -6.77
CHC CLA Y . -6.44 9.13 -8.83
CHD CLA Y . -8.83 7.28 -12.62
NA CLA Y . -11.42 9.53 -8.77
C1A CLA Y . -12.69 9.11 -9.15
C2A CLA Y . -13.69 9.42 -8.06
C3A CLA Y . -12.95 10.47 -7.27
C4A CLA Y . -11.51 10.19 -7.59
CMA CLA Y . -13.36 11.83 -7.72
CAA CLA Y . -13.76 8.16 -7.22
CBA CLA Y . -13.90 8.29 -5.70
CGA CLA Y . -12.80 7.67 -4.93
O1A CLA Y . -12.92 6.70 -4.18
O2A CLA Y . -11.61 8.28 -5.07
NB CLA Y . -8.70 9.70 -8.09
C1B CLA Y . -9.17 10.45 -7.06
C2B CLA Y . -8.08 11.09 -6.30
C3B CLA Y . -6.93 10.66 -6.88
C4B CLA Y . -7.30 9.74 -7.99
CMB CLA Y . -8.28 11.99 -5.14
CAB CLA Y . -5.56 10.90 -6.53
CBB CLA Y . -5.02 10.82 -5.32
NC CLA Y . -7.92 8.52 -10.68
C1C CLA Y . -6.69 8.64 -10.14
C2C CLA Y . -5.71 8.01 -11.01
C3C CLA Y . -6.41 7.40 -12.04
C4C CLA Y . -7.80 7.74 -11.81
CMC CLA Y . -4.26 7.96 -10.85
CAC CLA Y . -5.84 6.74 -13.21
CBC CLA Y . -5.93 5.24 -13.21
ND CLA Y . -10.59 8.32 -11.30
C1D CLA Y . -10.15 7.50 -12.37
C2D CLA Y . -11.31 6.99 -13.13
C3D CLA Y . -12.42 7.41 -12.42
C4D CLA Y . -11.91 8.14 -11.25
CMD CLA Y . -11.24 6.19 -14.35
CAD CLA Y . -13.87 7.38 -12.32
OBD CLA Y . -14.71 7.00 -13.12
CBD CLA Y . -14.21 7.98 -10.91
CGD CLA Y . -15.14 9.14 -11.02
O1D CLA Y . -15.01 10.14 -11.72
O2D CLA Y . -16.22 8.99 -10.23
CED CLA Y . -17.45 9.28 -10.85
C1 CLA Y . -11.01 8.75 -3.86
C2 CLA Y . -9.58 8.47 -4.06
C3 CLA Y . -8.99 7.29 -3.87
C4 CLA Y . -9.75 6.11 -3.37
C5 CLA Y . -7.54 7.17 -4.14
C6 CLA Y . -7.17 6.00 -5.03
C7 CLA Y . -6.31 5.02 -4.26
C8 CLA Y . -6.22 3.66 -4.94
C9 CLA Y . -7.43 2.81 -4.61
C10 CLA Y . -4.94 2.96 -4.50
MG CLA Z . -1.92 13.36 -2.27
CHA CLA Z . -4.51 11.63 -0.76
CHB CLA Z . -2.48 15.94 -0.06
CHC CLA Z . 1.19 14.66 -2.92
CHD CLA Z . -0.96 10.36 -3.90
NA CLA Z . -3.30 13.72 -0.74
C1A CLA Z . -4.30 12.88 -0.25
C2A CLA Z . -5.09 13.54 0.88
C3A CLA Z . -4.62 15.01 0.82
C4A CLA Z . -3.37 14.90 -0.04
CMA CLA Z . -5.60 15.99 0.23
CAA CLA Z . -4.78 12.90 2.23
CBA CLA Z . -3.37 13.07 2.74
CGA CLA Z . -3.26 12.39 4.08
O1A CLA Z . -4.14 12.20 4.91
O2A CLA Z . -2.00 11.96 4.36
NB CLA Z . -0.91 15.00 -1.69
C1B CLA Z . -1.29 15.93 -0.78
C2B CLA Z . -0.26 16.97 -0.61
C3B CLA Z . 0.78 16.62 -1.42
C4B CLA Z . 0.38 15.37 -2.11
CMB CLA Z . -0.38 18.08 0.34
CAB CLA Z . 2.05 17.27 -1.57
CBB CLA Z . 3.22 16.79 -1.15
NC CLA Z . -0.24 12.66 -3.30
C1C CLA Z . 0.91 13.39 -3.49
C2C CLA Z . 1.87 12.63 -4.29
C3C CLA Z . 1.29 11.39 -4.51
C4C CLA Z . -0.03 11.42 -3.91
CMC CLA Z . 3.22 13.05 -4.68
CAC CLA Z . 1.92 10.29 -5.25
CBC CLA Z . 2.39 9.15 -4.37
ND CLA Z . -2.54 11.43 -2.37
C1D CLA Z . -2.13 10.35 -3.19
C2D CLA Z . -3.14 9.26 -3.08
C3D CLA Z . -4.06 9.70 -2.15
C4D CLA Z . -3.64 11.04 -1.74
CMD CLA Z . -3.10 7.98 -3.79
CAD CLA Z . -5.27 9.40 -1.43
OBD CLA Z . -5.98 8.40 -1.45
CBD CLA Z . -5.59 10.60 -0.50
CGD CLA Z . -6.93 11.13 -0.83
O1D CLA Z . -7.18 12.14 -1.49
O2D CLA Z . -7.97 10.38 -0.37
CED CLA Z . -9.26 10.61 -0.96
C1 CLA Z . -1.40 12.39 5.60
C2 CLA Z . -0.13 11.64 5.72
C3 CLA Z . -0.07 10.34 6.09
C4 CLA Z . -1.27 9.55 6.43
C5 CLA Z . 1.24 9.65 6.18
C6 CLA Z . 1.38 8.56 5.15
C7 CLA Z . 1.55 7.21 5.80
C8 CLA Z . 1.78 6.04 4.83
C9 CLA Z . 3.17 6.10 4.22
C10 CLA Z . 0.71 5.95 3.75
MG CLA AA . 11.30 21.90 -12.61
CHA CLA AA . 14.66 22.49 -12.26
CHB CLA AA . 11.00 22.10 -9.20
CHC CLA AA . 7.95 22.47 -12.90
CHD CLA AA . 11.66 22.57 -16.06
NA CLA AA . 12.62 22.21 -11.03
C1A CLA AA . 13.98 22.45 -11.10
C2A CLA AA . 14.57 22.65 -9.71
C3A CLA AA . 13.43 22.26 -8.75
C4A CLA AA . 12.26 22.20 -9.71
CMA CLA AA . 13.71 20.92 -8.12
CAA CLA AA . 15.07 24.07 -9.43
CBA CLA AA . 14.08 25.19 -9.77
CGA CLA AA . 14.72 26.52 -9.60
O1A CLA AA . 15.91 26.79 -9.48
O2A CLA AA . 13.81 27.56 -9.64
NB CLA AA . 9.79 22.24 -11.31
C1B CLA AA . 9.86 22.06 -9.98
C2B CLA AA . 8.51 21.90 -9.40
C3B CLA AA . 7.61 22.00 -10.43
C4B CLA AA . 8.44 22.24 -11.65
CMB CLA AA . 8.38 21.74 -7.97
CAB CLA AA . 6.18 22.00 -10.45
CBB CLA AA . 5.36 21.36 -9.62
NC CLA AA . 10.03 22.38 -14.21
C1C CLA AA . 8.68 22.54 -14.11
C2C CLA AA . 8.09 22.86 -15.41
C3C CLA AA . 9.16 22.91 -16.31
C4C CLA AA . 10.36 22.60 -15.54
CMC CLA AA . 6.68 23.14 -15.69
CAC CLA AA . 9.09 23.21 -17.74
CBC CLA AA . 9.20 24.67 -18.08
ND CLA AA . 12.76 22.34 -13.92
C1D CLA AA . 12.79 22.44 -15.32
C2D CLA AA . 14.18 22.43 -15.79
C3D CLA AA . 14.95 22.42 -14.65
C4D CLA AA . 14.01 22.41 -13.52
CMD CLA AA . 14.61 22.48 -17.18
CAD CLA AA . 16.28 22.44 -14.09
OBD CLA AA . 17.33 22.47 -14.71
CBD CLA AA . 16.14 22.53 -12.54
CGD CLA AA . 16.75 21.38 -11.80
O1D CLA AA . 16.24 20.29 -11.50
O2D CLA AA . 18.02 21.60 -11.38
CED CLA AA . 18.91 20.87 -12.18
C1 CLA AA . 13.89 28.43 -10.79
C2 CLA AA . 12.71 29.32 -10.83
C3 CLA AA . 12.46 30.13 -11.87
C4 CLA AA . 13.35 30.22 -13.05
C5 CLA AA . 11.26 31.02 -11.88
MG CHL BA . 19.67 35.77 -8.59
CHA CHL BA . 17.85 36.13 -11.54
CHB CHL BA . 21.67 38.35 -9.63
CHC CHL BA . 20.44 36.44 -5.31
CHD CHL BA . 17.25 33.41 -7.51
NA CHL BA . 19.83 36.88 -10.35
C1A CHL BA . 18.97 36.90 -11.46
C2A CHL BA . 19.44 37.91 -12.49
C3A CHL BA . 20.87 38.24 -12.01
C4A CHL BA . 20.82 37.79 -10.55
CMA CHL BA . 21.94 37.50 -12.76
CAA CHL BA . 18.54 39.13 -12.50
NB CHL BA . 20.85 37.11 -7.66
C1B CHL BA . 21.60 38.08 -8.25
C2B CHL BA . 22.30 38.89 -7.22
C3B CHL BA . 21.95 38.40 -5.97
C4B CHL BA . 21.04 37.22 -6.24
CMB CHL BA . 23.19 39.99 -7.55
CAB CHL BA . 22.56 38.73 -4.71
CBB CHL BA . 23.31 37.85 -4.04
NC CHL BA . 18.99 35.04 -6.76
C1C CHL BA . 19.44 35.44 -5.53
C2C CHL BA . 18.72 34.70 -4.49
C3C CHL BA . 17.84 33.84 -5.12
C4C CHL BA . 18.03 34.04 -6.55
CMC CHL BA . 18.95 34.81 -3.05
OMC CHL BA . 18.51 34.05 -2.22
CAC CHL BA . 16.92 32.88 -4.50
CBC CHL BA . 15.56 33.45 -4.20
ND CHL BA . 17.97 34.91 -9.29
C1D CHL BA . 17.09 33.94 -8.76
C2D CHL BA . 15.95 33.71 -9.66
C3D CHL BA . 16.22 34.51 -10.76
C4D CHL BA . 17.47 35.25 -10.47
CMD CHL BA . 14.83 32.79 -9.44
CAD CHL BA . 15.76 34.94 -12.07
OBD CHL BA . 14.76 34.59 -12.69
CBD CHL BA . 16.80 35.97 -12.61
CGD CHL BA . 17.40 35.50 -13.89
O1D CHL BA . 17.39 36.06 -14.99
O2D CHL BA . 18.03 34.30 -13.81
CED CHL BA . 18.73 33.84 -14.98
MG CHL CA . 11.46 25.59 -5.24
CHA CHL CA . 12.34 28.73 -6.46
CHB CHL CA . 8.16 26.43 -5.55
CHC CHL CA . 10.67 22.35 -4.70
CHD CHL CA . 14.90 24.73 -5.32
NA CHL CA . 10.45 27.32 -5.85
C1A CHL CA . 11.00 28.54 -6.30
C2A CHL CA . 9.90 29.51 -6.69
C3A CHL CA . 8.62 28.81 -6.21
C4A CHL CA . 9.09 27.41 -5.85
CMA CHL CA . 8.01 29.56 -5.08
CAA CHL CA . 9.88 29.79 -8.18
NB CHL CA . 9.73 24.57 -5.14
C1B CHL CA . 8.49 25.08 -5.27
C2B CHL CA . 7.48 23.99 -5.10
C3B CHL CA . 8.15 22.81 -4.83
C4B CHL CA . 9.61 23.18 -4.86
CMB CHL CA . 6.04 24.26 -5.20
CAB CHL CA . 7.53 21.51 -4.72
CBB CHL CA . 7.97 20.27 -4.96
NC CHL CA . 12.60 23.85 -5.04
C1C CHL CA . 12.05 22.62 -4.81
C2C CHL CA . 13.11 21.60 -4.73
C3C CHL CA . 14.30 22.30 -4.91
C4C CHL CA . 13.98 23.71 -5.08
CMC CHL CA . 13.01 20.14 -4.49
OMC CHL CA . 11.95 19.55 -4.37
CAC CHL CA . 15.63 21.71 -4.89
CBC CHL CA . 16.02 21.44 -3.49
ND CHL CA . 13.21 26.45 -5.76
C1D CHL CA . 14.55 25.99 -5.69
C2D CHL CA . 15.45 27.05 -6.16
C3D CHL CA . 14.65 28.11 -6.47
C4D CHL CA . 13.27 27.70 -6.19
CMD CHL CA . 16.89 26.91 -6.23
CAD CHL CA . 14.64 29.46 -6.95
OBD CHL CA . 15.59 30.15 -7.27
CBD CHL CA . 13.15 29.91 -6.96
CGD CHL CA . 13.00 31.12 -6.11
O1D CHL CA . 12.88 31.18 -4.88
O2D CHL CA . 13.02 32.27 -6.82
CED CHL CA . 12.48 33.45 -6.21
MG CHL DA . 12.45 16.79 -2.23
CHA CHL DA . 14.80 14.42 -1.24
CHB CHL DA . 10.45 14.30 -3.35
CHC CHL DA . 9.75 18.87 -1.86
CHD CHL DA . 14.58 19.29 -1.10
NA CHL DA . 12.64 14.73 -2.30
C1A CHL DA . 13.64 13.92 -1.76
C2A CHL DA . 13.23 12.45 -1.84
C3A CHL DA . 12.20 12.53 -3.01
C4A CHL DA . 11.71 13.96 -2.92
CMA CHL DA . 12.83 12.25 -4.33
CAA CHL DA . 12.76 11.97 -0.47
CBA CHL DA . 11.82 10.79 -0.59
CGA CHL DA . 11.60 10.01 0.66
O1A CHL DA . 11.50 10.44 1.82
O2A CHL DA . 11.47 8.67 0.41
NB CHL DA . 10.47 16.62 -2.55
C1B CHL DA . 9.85 15.53 -3.06
C2B CHL DA . 8.37 15.79 -3.16
C3B CHL DA . 8.14 17.08 -2.70
C4B CHL DA . 9.49 17.62 -2.33
CMB CHL DA . 7.49 14.74 -3.64
CAB CHL DA . 6.93 17.89 -2.66
CBB CHL DA . 5.80 17.77 -3.36
NC CHL DA . 12.21 18.75 -1.60
C1C CHL DA . 11.01 19.41 -1.52
C2C CHL DA . 11.20 20.78 -1.06
C3C CHL DA . 12.57 20.89 -0.87
C4C CHL DA . 13.22 19.62 -1.22
CMC CHL DA . 10.23 21.87 -0.81
OMC CHL DA . 9.02 21.74 -0.97
CAC CHL DA . 13.21 22.08 -0.39
CBC CHL DA . 13.40 23.20 -1.37
ND CHL DA . 14.26 16.90 -1.37
C1D CHL DA . 15.04 18.00 -0.99
C2D CHL DA . 16.31 17.54 -0.41
C3D CHL DA . 16.27 16.17 -0.49
C4D CHL DA . 14.98 15.82 -1.11
CMD CHL DA . 17.38 18.37 0.10
CAD CHL DA . 16.97 14.93 -0.21
OBD CHL DA . 18.07 14.78 0.29
CBD CHL DA . 16.03 13.77 -0.65
CGD CHL DA . 16.70 12.77 -1.54
O1D CHL DA . 16.97 11.61 -1.27
O2D CHL DA . 17.03 13.23 -2.75
CED CHL DA . 17.78 12.31 -3.54
C1 CHL DA . 10.49 8.16 -0.52
C2 CHL DA . 9.14 8.25 0.10
C3 CHL DA . 8.06 7.75 -0.49
C4 CHL DA . 8.14 7.05 -1.81
C5 CHL DA . 6.71 7.85 0.17
C6 CHL DA . 5.62 8.43 -0.72
MG CHL EA . -4.22 30.19 -6.34
CHA CHL EA . -3.57 27.41 -8.38
CHB CHL EA . -1.08 31.35 -7.06
CHC CHL EA . -5.09 33.15 -4.93
CHD CHL EA . -7.59 29.12 -6.13
NA CHL EA . -2.58 29.41 -7.38
C1A CHL EA . -2.50 28.24 -8.16
C2A CHL EA . -1.05 28.08 -8.72
C3A CHL EA . -0.26 29.14 -7.91
C4A CHL EA . -1.38 30.05 -7.43
CMA CHL EA . 0.56 28.48 -6.83
CAA CHL EA . -0.86 28.24 -10.22
CBA CHL EA . -2.02 28.66 -11.10
CGA CHL EA . -2.15 30.14 -11.19
O1A CHL EA . -1.81 30.97 -10.35
O2A CHL EA . -2.78 30.55 -12.33
NB CHL EA . -3.26 31.93 -6.05
C1B CHL EA . -1.98 32.21 -6.40
C2B CHL EA . -1.64 33.62 -6.00
C3B CHL EA . -2.76 34.16 -5.37
C4B CHL EA . -3.80 33.07 -5.40
CMB CHL EA . -0.31 34.14 -6.27
CAB CHL EA . -3.02 35.50 -4.86
CBB CHL EA . -2.41 36.67 -5.10
NC CHL EA . -6.03 30.99 -5.64
C1C CHL EA . -6.15 32.22 -5.07
C2C CHL EA . -7.56 32.48 -4.69
C3C CHL EA . -8.26 31.32 -5.05
C4C CHL EA . -7.29 30.40 -5.64
CMC CHL EA . -8.14 33.66 -4.04
OMC CHL EA . -7.48 34.62 -3.69
CAC CHL EA . -9.69 31.03 -4.83
CBC CHL EA . -10.54 30.94 -6.08
ND CHL EA . -5.36 28.68 -7.06
C1D CHL EA . -6.73 28.36 -6.86
C2D CHL EA . -7.05 27.13 -7.61
C3D CHL EA . -5.88 26.73 -8.21
C4D CHL EA . -4.85 27.72 -7.83
CMD CHL EA . -8.37 26.51 -7.64
CAD CHL EA . -5.24 25.73 -9.04
OBD CHL EA . -5.73 24.75 -9.58
CBD CHL EA . -3.75 26.14 -9.21
CGD CHL EA . -2.85 25.03 -8.79
O1D CHL EA . -2.03 24.43 -9.49
O2D CHL EA . -2.99 24.70 -7.49
CED CHL EA . -1.86 24.97 -6.66
C1 CHL EA . -1.99 30.35 -13.51
C2 CHL EA . -2.53 31.06 -14.68
C3 CHL EA . -1.92 31.00 -15.88
C4 CHL EA . -2.56 31.73 -17.00
C5 CHL EA . -0.63 30.28 -16.16
C6 CHL EA . 0.36 31.22 -16.80
C7 CHL EA . 1.82 30.80 -16.57
C8 CHL EA . 2.80 31.67 -15.77
C9 CHL EA . 2.42 33.13 -15.59
C10 CHL EA . 4.17 31.62 -16.44
C11 CHL EA . 4.80 30.22 -16.62
C12 CHL EA . 5.93 30.27 -17.63
C13 CHL EA . 6.52 28.89 -17.87
C14 CHL EA . 8.01 28.94 -17.52
C15 CHL EA . 6.21 28.47 -19.31
C16 CHL EA . 6.80 27.10 -19.65
C17 CHL EA . 6.41 26.60 -21.03
C18 CHL EA . 7.47 26.92 -22.10
C19 CHL EA . 8.77 26.12 -21.97
C20 CHL EA . 6.87 26.63 -23.47
NB KC2 FA . -1.08 23.22 1.40
ND KC2 FA . -2.54 20.58 -1.24
C1A KC2 FA . -4.95 21.31 0.54
C1B KC2 FA . -1.78 23.84 2.37
C1C KC2 FA . 1.16 22.36 -0.47
C1D KC2 FA . -1.88 19.94 -2.31
C2A KC2 FA . -6.15 21.73 1.40
C2B KC2 FA . -0.90 24.80 3.09
C2C KC2 FA . 2.25 21.97 -1.37
C2D KC2 FA . -2.82 19.04 -2.96
C3A KC2 FA . -5.45 22.50 2.52
C3B KC2 FA . 0.33 24.72 2.49
C3C KC2 FA . 1.74 21.18 -2.36
C3D KC2 FA . -4.02 19.18 -2.32
C4A KC2 FA . -4.03 22.74 2.03
C4B KC2 FA . 0.24 23.71 1.42
C4C KC2 FA . 0.33 21.00 -2.02
C4D KC2 FA . -3.80 20.17 -1.27
CAA KC2 FA . -6.85 20.59 2.09
CAB KC2 FA . 1.54 25.42 2.79
CAC KC2 FA . 2.66 20.66 -3.40
CAD KC2 FA . -5.40 18.76 -2.25
CBA KC2 FA . -8.31 20.47 1.76
CBB KC2 FA . 2.08 25.56 4.00
CBC KC2 FA . 2.24 19.78 -4.29
CBD KC2 FA . -6.06 19.55 -1.10
CED KC2 FA . -9.56 19.77 -2.02
CGA KC2 FA . -9.02 21.78 1.75
CGD KC2 FA . -7.30 20.25 -1.54
CHA KC2 FA . -4.98 20.44 -0.51
CHB KC2 FA . -3.13 23.58 2.66
CHC KC2 FA . 1.25 23.31 0.57
CHD KC2 FA . -0.58 20.15 -2.66
CMA KC2 FA . -6.20 23.64 3.07
CMB KC2 FA . -1.36 25.63 4.19
CMC KC2 FA . 3.65 22.31 -1.30
CMD KC2 FA . -2.45 18.18 -4.04
NA KC2 FA . -3.76 21.95 0.97
NC KC2 FA . 0.03 21.71 -0.86
O1A KC2 FA . -9.03 22.65 0.88
O1D KC2 FA . -7.59 21.43 -1.36
O2A KC2 FA . -9.76 21.98 2.86
O2D KC2 FA . -8.18 19.50 -2.24
OBD KC2 FA . -5.98 17.95 -2.94
MG KC2 FA . -1.82 21.82 0.15
MG CLA GA . -6.91 23.88 -16.45
CHA CLA GA . -9.07 26.63 -16.18
CHB CLA GA . -8.26 23.26 -19.53
CHC CLA GA . -4.16 21.99 -17.31
CHD CLA GA . -5.10 25.19 -13.72
NA CLA GA . -8.43 24.74 -17.58
C1A CLA GA . -9.20 25.87 -17.29
C2A CLA GA . -10.18 26.14 -18.41
C3A CLA GA . -10.18 24.83 -19.20
C4A CLA GA . -8.86 24.23 -18.77
CMA CLA GA . -11.32 23.98 -18.69
CAA CLA GA . -9.79 27.38 -19.21
CBA CLA GA . -8.32 27.56 -19.61
CGA CLA GA . -8.11 26.74 -20.82
O1A CLA GA . -8.74 26.78 -21.88
O2A CLA GA . -7.09 25.83 -20.69
NB CLA GA . -6.29 22.91 -18.11
C1B CLA GA . -7.05 22.64 -19.20
C2B CLA GA . -6.47 21.56 -20.02
C3B CLA GA . -5.30 21.19 -19.40
C4B CLA GA . -5.18 22.02 -18.18
CMB CLA GA . -7.08 21.06 -21.25
CAB CLA GA . -4.35 20.19 -19.80
CBB CLA GA . -3.19 20.41 -20.42
NC CLA GA . -5.02 23.56 -15.59
C1C CLA GA . -4.07 22.69 -16.07
C2C CLA GA . -2.91 22.68 -15.19
C3C CLA GA . -3.14 23.66 -14.23
C4C CLA GA . -4.47 24.20 -14.48
CMC CLA GA . -1.69 21.87 -15.32
CAC CLA GA . -2.24 24.00 -13.11
CBC CLA GA . -1.28 25.11 -13.47
ND CLA GA . -7.12 25.36 -15.09
C1D CLA GA . -6.33 25.76 -13.98
C2D CLA GA . -7.05 26.83 -13.24
C3D CLA GA . -8.12 27.19 -14.04
C4D CLA GA . -8.07 26.29 -15.21
CMD CLA GA . -6.63 27.39 -11.96
CAD CLA GA . -9.32 28.01 -14.19
OBD CLA GA . -9.87 28.73 -13.37
CBD CLA GA . -9.83 27.84 -15.66
CGD CLA GA . -11.33 27.73 -15.82
O1D CLA GA . -11.97 26.77 -16.25
O2D CLA GA . -12.09 28.78 -15.41
CED CLA GA . -13.49 28.70 -15.73
C1 CLA GA . -6.59 25.42 -21.97
C2 CLA GA . -5.39 24.57 -21.83
C3 CLA GA . -4.50 24.43 -22.82
C4 CLA GA . -4.67 25.13 -24.13
C5 CLA GA . -3.33 23.53 -22.55
C6 CLA GA . -1.98 23.88 -23.14
C7 CLA GA . -1.06 24.47 -22.11
C8 CLA GA . 0.14 25.13 -22.78
C9 CLA GA . 1.03 24.12 -23.49
C10 CLA GA . 0.96 25.90 -21.76
C11 CLA GA . 1.28 27.30 -22.22
C12 CLA GA . 1.68 28.21 -21.08
C13 CLA GA . 2.21 29.57 -21.54
C14 CLA GA . 2.33 30.43 -20.31
C15 CLA GA . 1.35 30.19 -22.65
C16 CLA GA . 1.61 31.66 -22.95
C17 CLA GA . 0.75 32.12 -24.10
C18 CLA GA . 0.84 33.63 -24.27
C19 CLA GA . 2.10 34.02 -25.01
MG CLA HA . -8.96 9.29 -25.54
CHA CLA HA . -9.49 12.73 -25.68
CHB CLA HA . -11.33 8.89 -27.97
CHC CLA HA . -7.88 6.08 -26.07
CHD CLA HA . -6.04 9.92 -23.65
NA CLA HA . -10.21 10.60 -26.60
C1A CLA HA . -10.29 12.01 -26.52
C2A CLA HA . -11.33 12.56 -27.48
C3A CLA HA . -12.05 11.29 -27.96
C4A CLA HA . -11.13 10.17 -27.50
CMA CLA HA . -13.42 11.17 -27.37
CAA CLA HA . -10.66 13.27 -28.67
CBA CLA HA . -11.62 13.67 -29.78
CGA CLA HA . -10.93 14.43 -30.87
O1A CLA HA . -11.44 15.02 -31.83
O2A CLA HA . -9.57 14.44 -30.77
NB CLA HA . -9.43 7.84 -26.84
C1B CLA HA . -10.56 7.80 -27.59
C2B CLA HA . -10.92 6.40 -27.97
C3B CLA HA . -9.95 5.59 -27.43
C4B CLA HA . -9.00 6.49 -26.72
CMB CLA HA . -12.09 6.07 -28.77
CAB CLA HA . -9.76 4.16 -27.48
CBB CLA HA . -9.74 3.43 -28.60
NC CLA HA . -7.30 8.19 -24.91
C1C CLA HA . -7.08 6.86 -25.21
C2C CLA HA . -5.86 6.39 -24.56
C3C CLA HA . -5.31 7.50 -23.93
C4C CLA HA . -6.22 8.62 -24.14
CMC CLA HA . -5.29 5.04 -24.62
CAC CLA HA . -4.08 7.52 -23.13
CBC CLA HA . -2.86 7.92 -23.93
ND CLA HA . -8.05 10.88 -24.67
C1D CLA HA . -6.86 10.98 -23.89
C2D CLA HA . -6.70 12.40 -23.44
C3D CLA HA . -7.71 13.10 -24.08
C4D CLA HA . -8.48 12.12 -24.88
CMD CLA HA . -5.67 12.89 -22.54
CAD CLA HA . -8.34 14.40 -24.29
OBD CLA HA . -8.13 15.46 -23.72
CBD CLA HA . -9.38 14.22 -25.43
CGD CLA HA . -10.70 14.87 -25.15
O1D CLA HA . -11.43 14.73 -24.16
O2D CLA HA . -11.10 15.72 -26.14
CED CLA HA . -12.51 15.92 -26.31
C1 CLA HA . -8.83 13.72 -31.77
C2 CLA HA . -7.44 13.69 -31.25
C3 CLA HA . -6.43 13.00 -31.83
C4 CLA HA . -6.63 12.20 -33.06
C5 CLA HA . -5.04 13.01 -31.28
C6 CLA HA . -4.09 13.89 -32.04
C7 CLA HA . -4.42 15.35 -31.82
C8 CLA HA . -3.29 16.21 -31.26
C9 CLA HA . -2.13 16.28 -32.25
C10 CLA HA . -2.84 15.72 -29.87
C11 CLA HA . -1.98 16.72 -29.13
C12 CLA HA . -0.59 16.17 -28.87
C13 CLA HA . 0.22 17.06 -27.94
C14 CLA HA . 0.48 18.44 -28.51
C15 CLA HA . 1.54 16.39 -27.59
MG CLA IA . -2.90 16.70 -24.88
CHA CLA IA . -5.61 17.93 -26.65
CHB CLA IA . -1.89 19.88 -24.27
CHC CLA IA . 0.15 15.55 -23.80
CHD CLA IA . -3.60 13.47 -26.11
NA CLA IA . -3.66 18.58 -25.38
C1A CLA IA . -4.82 18.90 -26.11
C2A CLA IA . -5.01 20.43 -26.20
C3A CLA IA . -3.83 20.98 -25.38
C4A CLA IA . -3.06 19.74 -24.97
CMA CLA IA . -2.98 21.90 -26.23
CAA CLA IA . -6.31 20.89 -25.53
CBA CLA IA . -6.56 22.39 -25.49
CGA CLA IA . -7.48 22.83 -26.59
O1A CLA IA . -8.68 22.59 -26.76
O2A CLA IA . -6.85 23.64 -27.50
NB CLA IA . -1.21 17.55 -24.19
C1B CLA IA . -1.04 18.86 -23.88
C2B CLA IA . 0.20 19.07 -23.10
C3B CLA IA . 0.79 17.83 -22.97
C4B CLA IA . -0.10 16.87 -23.66
CMB CLA IA . 0.61 20.40 -22.66
CAB CLA IA . 2.03 17.39 -22.36
CBB CLA IA . 3.18 18.07 -22.30
NC CLA IA . -1.94 14.85 -24.91
C1C CLA IA . -0.71 14.58 -24.37
C2C CLA IA . -0.36 13.17 -24.52
C3C CLA IA . -1.41 12.60 -25.23
C4C CLA IA . -2.39 13.65 -25.45
CMC CLA IA . 0.86 12.50 -24.07
CAC CLA IA . -1.56 11.19 -25.63
CBC CLA IA . -1.08 10.95 -27.05
ND CLA IA . -4.26 15.82 -26.07
C1D CLA IA . -4.48 14.47 -26.42
C2D CLA IA . -5.76 14.36 -27.15
C3D CLA IA . -6.25 15.66 -27.25
C4D CLA IA . -5.26 16.53 -26.59
CMD CLA IA . -6.33 13.10 -27.61
CAD CLA IA . -7.32 16.50 -27.74
OBD CLA IA . -8.36 16.19 -28.29
CBD CLA IA . -6.91 17.98 -27.42
CGD CLA IA . -6.80 18.81 -28.67
O1D CLA IA . -5.82 18.97 -29.38
O2D CLA IA . -7.97 19.42 -29.01
CED CLA IA . -8.68 18.95 -30.15
MG CLA JA . 6.97 2.94 -16.36
CHA CLA JA . 9.57 0.86 -17.31
CHB CLA JA . 6.72 4.02 -19.60
CHC CLA JA . 3.66 3.82 -15.92
CHD CLA JA . 6.51 0.67 -13.65
NA CLA JA . 8.06 2.60 -18.11
C1A CLA JA . 9.09 1.67 -18.29
C2A CLA JA . 9.60 1.75 -19.73
C3A CLA JA . 8.83 2.94 -20.36
C4A CLA JA . 7.80 3.24 -19.28
CMA CLA JA . 9.74 4.07 -20.71
CAA CLA JA . 9.44 0.45 -20.49
CBA CLA JA . 8.04 -0.02 -20.87
CGA CLA JA . 7.56 -1.00 -19.88
O1A CLA JA . 8.16 -1.94 -19.36
O2A CLA JA . 6.26 -0.78 -19.55
NB CLA JA . 5.50 3.72 -17.52
C1B CLA JA . 5.67 4.31 -18.72
C2B CLA JA . 4.58 5.28 -19.02
C3B CLA JA . 3.69 5.23 -17.97
C4B CLA JA . 4.27 4.23 -17.02
CMB CLA JA . 4.54 5.98 -20.29
CAB CLA JA . 2.43 5.88 -17.70
CBB CLA JA . 1.50 6.25 -18.58
NC CLA JA . 5.45 2.45 -14.98
C1C CLA JA . 4.20 2.97 -14.93
C2C CLA JA . 3.42 2.47 -13.80
C3C CLA JA . 4.18 1.44 -13.25
C4C CLA JA . 5.44 1.46 -13.99
CMC CLA JA . 2.07 2.86 -13.41
CAC CLA JA . 3.79 0.61 -12.09
CBC CLA JA . 2.76 -0.47 -12.25
ND CLA JA . 7.91 1.38 -15.48
C1D CLA JA . 7.68 0.64 -14.31
C2D CLA JA . 8.83 -0.20 -13.97
C3D CLA JA . 9.63 -0.13 -15.09
C4D CLA JA . 8.95 0.78 -16.04
CMD CLA JA . 8.99 -0.91 -12.70
CAD CLA JA . 10.85 -0.55 -15.74
OBD CLA JA . 11.81 -1.18 -15.29
CBD CLA JA . 10.75 -0.08 -17.21
CGD CLA JA . 11.98 0.64 -17.64
O1D CLA JA . 12.48 1.58 -17.04
O2D CLA JA . 12.56 0.17 -18.77
CED CLA JA . 13.87 0.67 -19.04
C1 CLA JA . 5.97 -0.72 -18.15
C2 CLA JA . 4.51 -0.54 -18.06
C3 CLA JA . 3.76 -0.95 -17.04
C4 CLA JA . 4.34 -1.67 -15.88
C5 CLA JA . 2.29 -0.70 -17.09
C6 CLA JA . 1.69 -0.18 -15.79
C7 CLA JA . 0.84 -1.26 -15.17
C8 CLA JA . -0.56 -1.32 -15.78
C9 CLA JA . -1.54 -1.02 -14.67
C10 CLA JA . -0.84 -2.67 -16.41
MG CLA KA . 7.05 0.73 -26.40
CHA CLA KA . 5.60 -1.86 -24.64
CHB CLA KA . 7.61 -1.42 -29.02
CHC CLA KA . 7.73 3.39 -28.43
CHD CLA KA . 5.75 2.98 -23.96
NA CLA KA . 6.69 -1.30 -26.74
C1A CLA KA . 6.09 -2.22 -25.86
C2A CLA KA . 6.01 -3.61 -26.48
C3A CLA KA . 6.83 -3.47 -27.78
C4A CLA KA . 7.07 -1.96 -27.87
CMA CLA KA . 8.12 -4.25 -27.73
CAA CLA KA . 4.58 -4.07 -26.76
CBA CLA KA . 3.68 -3.01 -27.36
CGA CLA KA . 2.35 -3.62 -27.69
NB CLA KA . 7.53 0.94 -28.34
C1B CLA KA . 7.85 -0.04 -29.21
C2B CLA KA . 8.51 0.52 -30.42
C3B CLA KA . 8.55 1.88 -30.25
C4B CLA KA . 7.93 2.15 -28.93
CMB CLA KA . 8.94 -0.33 -31.53
CAB CLA KA . 9.03 2.93 -31.11
CBB CLA KA . 10.20 2.94 -31.75
NC CLA KA . 6.81 2.81 -26.21
C1C CLA KA . 7.19 3.72 -27.16
C2C CLA KA . 6.92 5.08 -26.68
C3C CLA KA . 6.33 4.95 -25.43
C4C CLA KA . 6.28 3.52 -25.14
CMC CLA KA . 7.18 6.32 -27.42
CAC CLA KA . 5.86 6.01 -24.53
CBC CLA KA . 4.36 6.18 -24.53
ND CLA KA . 5.98 0.66 -24.68
C1D CLA KA . 5.60 1.64 -23.73
C2D CLA KA . 5.02 0.98 -22.54
C3D CLA KA . 5.02 -0.37 -22.84
C4D CLA KA . 5.59 -0.51 -24.19
CMD CLA KA . 4.56 1.64 -21.33
CAD CLA KA . 4.66 -1.69 -22.37
OBD CLA KA . 4.18 -2.02 -21.30
CBD CLA KA . 4.99 -2.67 -23.53
CGD CLA KA . 5.94 -3.75 -23.13
O1D CLA KA . 7.06 -4.01 -23.57
O2D CLA KA . 5.44 -4.51 -22.12
CED CLA KA . 6.19 -4.35 -20.93
MG CHL LA . 16.18 27.94 -21.39
CHA CHL LA . 14.24 25.08 -21.81
CHB CHL LA . 17.05 27.70 -24.69
CHC CHL LA . 16.88 31.26 -21.36
CHD CHL LA . 14.95 28.21 -18.07
NA CHL LA . 15.83 26.55 -22.91
C1A CHL LA . 14.97 25.44 -22.91
C2A CHL LA . 15.00 24.72 -24.25
C3A CHL LA . 16.22 25.36 -24.96
C4A CHL LA . 16.40 26.63 -24.14
CMA CHL LA . 17.45 24.48 -24.99
NB CHL LA . 16.86 29.25 -22.77
C1B CHL LA . 17.19 28.96 -24.06
C2B CHL LA . 17.66 30.19 -24.75
C3B CHL LA . 17.61 31.24 -23.83
C4B CHL LA . 17.10 30.62 -22.55
CMB CHL LA . 18.05 30.08 -26.16
CAB CHL LA . 17.99 32.66 -23.95
CBB CHL LA . 18.60 33.36 -24.90
NC CHL LA . 15.96 29.45 -19.96
C1C CHL LA . 16.33 30.75 -20.17
C2C CHL LA . 16.09 31.54 -18.94
C3C CHL LA . 15.53 30.67 -18.02
C4C CHL LA . 15.50 29.35 -18.65
CMC CHL LA . 16.23 32.99 -18.75
OMC CHL LA . 16.24 33.75 -19.69
CAC CHL LA . 15.11 30.99 -16.64
CBC CHL LA . 16.23 30.74 -15.64
ND CHL LA . 14.93 26.93 -20.17
C1D CHL LA . 14.55 27.13 -18.82
C2D CHL LA . 13.57 26.08 -18.45
C3D CHL LA . 13.43 25.27 -19.55
C4D CHL LA . 14.29 25.84 -20.60
CMD CHL LA . 12.89 25.94 -17.18
CAD CHL LA . 12.78 24.11 -20.10
OBD CHL LA . 11.99 23.36 -19.55
CBD CHL LA . 13.29 23.94 -21.56
CGD CHL LA . 13.93 22.60 -21.69
O1D CHL LA . 14.55 21.98 -20.81
O2D CHL LA . 13.81 22.03 -22.92
CED CHL LA . 14.80 21.08 -23.31
C18 Q6L MA . 1.85 16.66 -19.18
C19 Q6L MA . 1.06 17.84 -19.33
C03 Q6L MA . 6.83 8.94 -19.51
C05 Q6L MA . 9.42 8.86 -19.52
C07 Q6L MA . 8.02 7.03 -18.41
C09 Q6L MA . 8.27 11.01 -19.31
C10 Q6L MA . 8.19 9.79 -21.48
C11 Q6L MA . 5.62 9.53 -20.14
C13 Q6L MA . 3.58 11.00 -19.93
C14 Q6L MA . 3.37 12.21 -19.37
C22 Q6L MA . 0.81 21.39 -18.56
C27 Q6L MA . -1.73 25.63 -18.17
C28 Q6L MA . -0.89 26.38 -17.19
C30 Q6L MA . -3.35 27.74 -18.47
C31 Q6L MA . -4.59 28.33 -19.09
C33 Q6L MA . -5.98 30.28 -18.15
C36 Q6L MA . -4.26 29.19 -20.33
O08 Q6L MA . 10.39 6.76 -18.83
O39 Q6L MA . -6.76 31.98 -19.67
C01 Q6L MA . 6.07 8.01 -17.21
C02 Q6L MA . 6.86 7.98 -18.53
C04 Q6L MA . 8.15 9.62 -19.94
C06 Q6L MA . 9.21 7.37 -19.33
C12 Q6L MA . 4.78 10.33 -19.47
C15 Q6L MA . 2.30 13.13 -19.61
C16 Q6L MA . 2.35 14.34 -19.01
C17 Q6L MA . 1.37 15.41 -19.16
C20 Q6L MA . 1.48 19.03 -18.93
C21 Q6L MA . 0.63 20.17 -19.08
C23 Q6L MA . 1.98 21.80 -17.71
C24 Q6L MA . -0.22 22.38 -18.85
C25 Q6L MA . -0.42 23.54 -18.19
C26 Q6L MA . -1.50 24.39 -18.59
C29 Q6L MA . -2.94 26.31 -18.72
C32 Q6L MA . -5.46 29.04 -18.02
C34 Q6L MA . -5.65 31.14 -19.37
C35 Q6L MA . -5.31 30.29 -20.60
C37 Q6L MA . -4.16 28.29 -21.56
C38 Q6L MA . -2.90 29.88 -20.14
C40 Q6L MA . -5.66 28.41 -16.69
C41 Q6L MA . -0.07 15.05 -19.27
C42 Q6L MA . 2.69 10.34 -20.95
C18 Q6L NA . -1.66 10.50 -7.77
C19 Q6L NA . -0.44 11.24 -7.81
C03 Q6L NA . -8.50 5.08 -9.30
C05 Q6L NA . -9.93 3.25 -10.51
C07 Q6L NA . -10.97 5.36 -9.52
C09 Q6L NA . -8.54 2.69 -8.56
C10 Q6L NA . -7.47 3.25 -10.75
C11 Q6L NA . -7.11 5.56 -9.22
C13 Q6L NA . -4.79 5.58 -8.30
C14 Q6L NA . -4.53 6.71 -7.62
C22 Q6L NA . 1.21 14.43 -7.48
C27 Q6L NA . 5.41 17.17 -7.74
C28 Q6L NA . 4.91 18.54 -7.43
C30 Q6L NA . 8.00 17.82 -8.37
C31 Q6L NA . 9.33 17.28 -8.85
C33 Q6L NA . 11.11 18.09 -10.51
C36 Q6L NA . 10.44 17.27 -7.75
O08 Q6L NA . -12.10 4.06 -11.24
O39 Q6L NA . 13.45 17.62 -10.01
C01 Q6L NA . -9.82 6.65 -7.70
C02 Q6L NA . -9.64 5.77 -8.97
C04 Q6L NA . -8.63 3.61 -9.79
C06 Q6L NA . -10.83 4.47 -10.77
C12 Q6L NA . -6.16 5.12 -8.39
C15 Q6L NA . -3.23 7.26 -7.52
C16 Q6L NA . -3.07 8.59 -7.46
C17 Q6L NA . -1.77 9.20 -7.42
C20 Q6L NA . -0.40 12.57 -7.84
C21 Q6L NA . 0.90 13.19 -7.88
C23 Q6L NA . 0.25 15.41 -6.88
C24 Q6L NA . 2.62 14.81 -7.64
C25 Q6L NA . 3.18 16.03 -7.66
C26 Q6L NA . 4.61 16.09 -7.82
C29 Q6L NA . 6.87 16.91 -7.95
C32 Q6L NA . 9.81 17.94 -10.18
C34 Q6L NA . 12.21 17.99 -9.43
C35 Q6L NA . 11.84 17.00 -8.31
C37 Q6L NA . 10.12 16.23 -6.66
C38 Q6L NA . 10.51 18.64 -7.06
C40 Q6L NA . 8.90 18.86 -10.88
C41 Q6L NA . -0.65 8.28 -7.05
C42 Q6L NA . -3.73 4.78 -9.00
C1 NEX OA . -1.13 43.01 0.55
C2 NEX OA . -2.51 42.93 1.21
C3 NEX OA . -3.62 43.62 0.40
C4 NEX OA . -3.70 42.96 -0.97
C5 NEX OA . -2.40 43.11 -1.76
C6 NEX OA . -1.26 42.61 -0.95
C7 NEX OA . -0.34 41.89 -1.42
C8 NEX OA . 0.46 41.14 -2.04
C9 NEX OA . 0.30 39.70 -2.13
C10 NEX OA . 1.29 39.00 -2.73
C11 NEX OA . 1.26 37.55 -2.92
C12 NEX OA . 2.23 36.85 -3.53
C13 NEX OA . 2.13 35.38 -3.73
C14 NEX OA . 2.98 34.84 -4.61
C15 NEX OA . 2.97 33.42 -4.96
C16 NEX OA . -0.22 42.08 1.34
C17 NEX OA . -0.58 44.41 0.67
C18 NEX OA . -2.59 42.35 -3.09
C19 NEX OA . -1.00 39.15 -1.56
C20 NEX OA . 1.07 34.61 -2.97
O3 NEX OA . -4.86 43.50 1.09
O4 NEX OA . -2.17 44.49 -2.05
C21 NEX OA . 8.09 26.82 -12.83
C22 NEX OA . 9.18 26.12 -13.59
C23 NEX OA . 10.58 26.55 -13.21
C24 NEX OA . 10.81 26.10 -11.78
C25 NEX OA . 9.74 26.51 -10.76
C26 NEX OA . 8.30 26.74 -11.31
C27 NEX OA . 7.25 26.02 -10.49
C28 NEX OA . 6.49 26.81 -9.75
C29 NEX OA . 5.39 26.37 -8.84
C30 NEX OA . 4.70 27.19 -8.02
C31 NEX OA . 4.93 28.63 -7.93
C32 NEX OA . 4.21 29.41 -7.12
C33 NEX OA . 4.45 30.88 -7.04
C34 NEX OA . 3.68 31.53 -6.16
C35 NEX OA . 3.75 32.96 -5.89
C36 NEX OA . 6.76 26.16 -13.23
C37 NEX OA . 7.97 28.28 -13.27
C38 NEX OA . 9.83 25.77 -9.42
C39 NEX OA . 5.04 24.91 -8.83
C40 NEX OA . 5.52 31.55 -7.86
O23 NEX OA . 11.52 25.90 -14.06
O24 NEX OA . 9.11 27.79 -10.76
C01 IWJ PA . 7.74 17.85 -22.11
C02 IWJ PA . 8.91 18.56 -22.64
C03 IWJ PA . 9.55 17.91 -23.66
C04 IWJ PA . 10.46 18.68 -24.62
C05 IWJ PA . 10.97 20.01 -24.03
C06 IWJ PA . 9.84 20.84 -23.40
C07 IWJ PA . 9.00 20.05 -22.36
C08 IWJ PA . 7.63 20.66 -22.21
C09 IWJ PA . 7.25 21.47 -21.18
C10 IWJ PA . 5.91 22.13 -20.96
C11 IWJ PA . 5.82 23.00 -19.93
C12 IWJ PA . 4.70 23.78 -19.50
C13 IWJ PA . 4.71 24.37 -18.29
C14 IWJ PA . 3.70 25.24 -17.70
C15 IWJ PA . 3.97 25.79 -16.50
C16 IWJ PA . 3.14 26.71 -15.79
C17 IWJ PA . 3.58 27.29 -14.66
C18 IWJ PA . 2.79 28.26 -13.96
C19 IWJ PA . 2.73 28.57 -12.65
C20 IWJ PA . 3.51 27.89 -11.56
C21 IWJ PA . 1.83 29.68 -12.32
C22 IWJ PA . 2.09 30.71 -11.50
C23 IWJ PA . 1.10 31.71 -11.30
C24 IWJ PA . 0.95 32.58 -10.28
C25 IWJ PA . 1.85 32.66 -9.09
C26 IWJ PA . -0.18 33.48 -10.40
C28 IWJ PA . -0.37 34.32 -11.65
C29 IWJ PA . -1.65 35.15 -11.52
C30 IWJ PA . -1.33 36.40 -10.87
C31 IWJ PA . -0.10 36.90 -10.73
C32 IWJ PA . -2.63 37.17 -10.61
C33 IWJ PA . -3.51 37.36 -11.86
C34 IWJ PA . -2.85 36.77 -13.11
C35 IWJ PA . -2.28 35.37 -12.89
C36 IWJ PA . -1.24 35.17 -14.00
C37 IWJ PA . -3.44 34.37 -13.12
C40 IWJ PA . 2.45 25.51 -18.49
C41 IWJ PA . 4.78 21.80 -21.89
C42 IWJ PA . 10.45 22.08 -22.72
C43 IWJ PA . 8.94 21.32 -24.54
O27 IWJ PA . -1.02 33.56 -9.51
O38 IWJ PA . -3.82 38.73 -12.06
O39 IWJ PA . -2.56 34.45 -10.72
O44 IWJ PA . 11.56 17.88 -25.04
C18 Q6L QA . 1.18 -2.66 -21.49
C19 Q6L QA . 0.23 -1.64 -21.20
C03 Q6L QA . 6.83 -8.76 -23.47
C05 Q6L QA . 9.28 -9.11 -24.35
C07 Q6L QA . 8.39 -10.33 -22.27
C09 Q6L QA . 8.20 -6.91 -24.50
C10 Q6L QA . 7.41 -8.77 -25.94
C11 Q6L QA . 5.57 -8.00 -23.62
C13 Q6L QA . 3.17 -7.70 -24.24
C14 Q6L QA . 3.04 -6.70 -23.37
C22 Q6L QA . -0.31 1.72 -19.83
C27 Q6L QA . -3.35 5.11 -18.49
C28 Q6L QA . -2.15 6.00 -18.34
C30 Q6L QA . -5.06 6.95 -19.41
C31 Q6L QA . -6.47 7.22 -19.90
C33 Q6L QA . -8.32 5.82 -18.79
C36 Q6L QA . -7.08 8.51 -19.26
O08 Q6L QA . 10.19 -8.68 -22.12
O39 Q6L QA . -10.20 6.97 -17.77
C01 Q6L QA . 5.95 -10.42 -21.68
C02 Q6L QA . 7.04 -9.75 -22.54
C04 Q6L QA . 7.91 -8.42 -24.52
C06 Q6L QA . 9.60 -9.67 -22.95
C12 Q6L QA . 4.41 -8.46 -24.12
C15 Q6L QA . 1.94 -5.79 -23.25
C16 Q6L QA . 1.98 -4.76 -22.39
C17 Q6L QA . 0.91 -3.79 -22.18
C20 Q6L QA . 0.59 -0.44 -20.70
C21 Q6L QA . -0.43 0.52 -20.45
C23 Q6L QA . 0.97 2.29 -19.29
C24 Q6L QA . -1.54 2.50 -19.68
C25 Q6L QA . -2.04 3.02 -18.55
C26 Q6L QA . -3.27 3.76 -18.59
C29 Q6L QA . -4.69 5.75 -18.55
C32 Q6L QA . -7.37 5.97 -19.75
C34 Q6L QA . -8.81 7.06 -18.03
C35 Q6L QA . -8.54 8.35 -18.81
C37 Q6L QA . -7.00 9.68 -20.26
C38 Q6L QA . -6.27 8.91 -18.01
C40 Q6L QA . -7.33 4.89 -20.76
C41 Q6L QA . -0.43 -4.10 -22.76
C42 Q6L QA . 2.17 -8.08 -25.29
C18 Q6L RA . -1.10 -7.35 -12.02
C19 Q6L RA . 0.21 -7.61 -11.48
C03 Q6L RA . -8.89 -3.64 -16.21
C05 Q6L RA . -11.20 -2.80 -16.94
C07 Q6L RA . -10.88 -4.08 -14.77
C09 Q6L RA . -9.36 -2.83 -18.58
C10 Q6L RA . -9.34 -1.18 -16.66
C11 Q6L RA . -7.47 -3.30 -16.00
C13 Q6L RA . -5.17 -4.11 -15.22
C14 Q6L RA . -4.68 -5.02 -14.36
C22 Q6L RA . 2.36 -10.04 -9.71
C27 Q6L RA . 6.80 -11.27 -7.71
C28 Q6L RA . 6.53 -12.61 -7.09
C30 Q6L RA . 9.44 -11.45 -7.68
C31 Q6L RA . 10.83 -10.85 -7.76
C33 Q6L RA . 12.72 -12.52 -8.28
C36 Q6L RA . 11.08 -10.13 -9.12
O08 Q6L RA . -12.96 -2.91 -15.27
O39 Q6L RA . 14.42 -11.76 -9.82
C01 Q6L RA . -9.74 -6.03 -15.81
C02 Q6L RA . -9.61 -4.52 -15.46
C04 Q6L RA . -9.68 -2.63 -17.08
C06 Q6L RA . -11.56 -2.87 -15.45
C12 Q6L RA . -6.59 -4.19 -15.52
C15 Q6L RA . -3.31 -5.12 -13.95
C16 Q6L RA . -2.84 -6.15 -13.22
C17 Q6L RA . -1.45 -6.28 -12.76
C20 Q6L RA . 0.53 -8.77 -10.88
C21 Q6L RA . 1.86 -8.96 -10.35
C23 Q6L RA . 1.59 -11.29 -9.42
C24 Q6L RA . 3.76 -9.98 -9.27
C25 Q6L RA . 4.58 -10.95 -8.82
C26 Q6L RA . 5.92 -10.59 -8.46
C29 Q6L RA . 8.15 -10.68 -7.47
C32 Q6L RA . 11.89 -11.94 -7.40
C34 Q6L RA . 13.01 -11.88 -9.66
C35 Q6L RA . 12.36 -10.49 -9.89
C37 Q6L RA . 11.00 -8.60 -8.91
C38 Q6L RA . 9.98 -10.50 -10.14
C40 Q6L RA . 11.84 -12.61 -6.09
C41 Q6L RA . -0.50 -5.19 -13.16
C42 Q6L RA . -4.37 -3.05 -15.91
C18 Q6L SA . 0.02 -7.53 12.12
C19 Q6L SA . 1.43 -7.27 12.02
C03 Q6L SA . -8.42 -10.55 12.34
C05 Q6L SA . -10.74 -10.17 11.18
C07 Q6L SA . -10.52 -10.68 13.65
C09 Q6L SA . -9.36 -12.09 10.57
C10 Q6L SA . -8.64 -9.78 9.91
C11 Q6L SA . -6.95 -10.38 12.14
C13 Q6L SA . -4.66 -11.36 11.65
C14 Q6L SA . -4.00 -10.29 12.11
C22 Q6L SA . 4.21 -4.93 12.07
C27 Q6L SA . 9.02 -4.14 11.18
C28 Q6L SA . 8.92 -2.79 10.53
C30 Q6L SA . 10.99 -5.29 9.80
C31 Q6L SA . 12.47 -5.34 9.51
C33 Q6L SA . 14.27 -5.65 11.34
C36 Q6L SA . 12.89 -6.73 8.95
O08 Q6L SA . -12.52 -9.64 12.75
O39 Q6L SA . 16.20 -7.01 10.76
C01 Q6L SA . -8.43 -11.53 14.75
C02 Q6L SA . -9.02 -10.77 13.55
C04 Q6L SA . -9.27 -10.63 11.05
C06 Q6L SA . -11.12 -9.73 12.59
C12 Q6L SA . -6.10 -11.38 11.86
C15 Q6L SA . -2.58 -10.10 12.00
C16 Q6L SA . -1.95 -8.94 12.30
C17 Q6L SA . -0.50 -8.76 12.19
C20 Q6L SA . 1.98 -6.06 11.85
C21 Q6L SA . 3.40 -5.98 11.77
C23 Q6L SA . 3.74 -3.60 12.58
C24 Q6L SA . 5.65 -5.17 11.90
C25 Q6L SA . 6.67 -4.29 12.02
C26 Q6L SA . 8.01 -4.75 11.82
C29 Q6L SA . 10.34 -4.84 11.10
C32 Q6L SA . 13.37 -4.85 10.70
C34 Q6L SA . 14.78 -6.94 10.67
C35 Q6L SA . 14.38 -7.04 9.19
C37 Q6L SA . 12.61 -6.79 7.45
C38 Q6L SA . 12.10 -7.85 9.64
C40 Q6L SA . 13.68 -3.41 10.79
C41 Q6L SA . 0.34 -10.01 12.18
C42 Q6L SA . -4.04 -12.51 10.94
MG CLA TA . -13.22 -10.47 -0.51
CHA CLA TA . -15.89 -9.44 1.33
CHB CLA TA . -14.02 -8.02 -2.83
CHC CLA TA . -10.02 -10.49 -1.62
CHD CLA TA . -12.13 -12.27 2.36
NA CLA TA . -14.75 -9.08 -0.75
C1A CLA TA . -15.76 -8.77 0.16
C2A CLA TA . -16.71 -7.70 -0.40
C3A CLA TA . -16.33 -7.72 -1.88
C4A CLA TA . -14.92 -8.29 -1.85
CMA CLA TA . -17.17 -8.73 -2.58
CAA CLA TA . -16.62 -6.32 0.25
CBA CLA TA . -15.35 -5.53 0.00
CGA CLA TA . -15.46 -4.66 -1.22
O1A CLA TA . -16.37 -4.62 -2.06
O2A CLA TA . -14.41 -3.81 -1.40
NB CLA TA . -12.24 -9.46 -1.94
C1B CLA TA . -12.74 -8.56 -2.84
C2B CLA TA . -11.71 -8.21 -3.85
C3B CLA TA . -10.60 -8.92 -3.50
C4B CLA TA . -10.90 -9.70 -2.28
CMB CLA TA . -11.93 -7.27 -4.93
CAB CLA TA . -9.30 -8.94 -4.06
CBB CLA TA . -8.98 -9.59 -5.16
NC CLA TA . -11.46 -11.35 0.16
C1C CLA TA . -10.28 -11.32 -0.49
C2C CLA TA . -9.27 -12.11 0.23
C3C CLA TA . -9.86 -12.50 1.42
C4C CLA TA . -11.23 -12.03 1.35
CMC CLA TA . -7.88 -12.37 -0.15
CAC CLA TA . -9.28 -13.30 2.50
CBC CLA TA . -9.58 -14.77 2.35
ND CLA TA . -13.89 -10.96 1.32
C1D CLA TA . -13.39 -11.76 2.38
C2D CLA TA . -14.39 -11.89 3.44
C3D CLA TA . -15.39 -11.03 3.09
C4D CLA TA . -15.00 -10.43 1.79
CMD CLA TA . -14.25 -12.72 4.63
CAD CLA TA . -16.67 -10.45 3.45
OBD CLA TA . -17.41 -10.69 4.39
CBD CLA TA . -16.94 -9.37 2.36
CGD CLA TA . -18.26 -9.57 1.71
O1D CLA TA . -18.52 -9.99 0.58
O2D CLA TA . -19.25 -9.23 2.52
CED CLA TA . -20.54 -9.52 2.04
C1 CLA TA . -13.12 -4.38 -1.72
C2 CLA TA . -12.27 -3.26 -2.16
C3 CLA TA . -10.92 -3.19 -2.06
C4 CLA TA . -10.23 -1.98 -2.55
C5 CLA TA . -10.06 -4.27 -1.47
C6 CLA TA . -9.59 -3.91 -0.08
C7 CLA TA . -8.12 -3.50 -0.01
C8 CLA TA . -7.21 -4.62 0.46
C9 CLA TA . -6.98 -4.51 1.96
C10 CLA TA . -5.87 -4.57 -0.27
MG CLA UA . -7.09 -7.86 -9.48
CHA CLA UA . -8.71 -5.14 -8.07
CHB CLA UA . -8.11 -6.72 -12.58
CHC CLA UA . -4.53 -9.54 -11.03
CHD CLA UA . -5.25 -8.14 -6.44
NA CLA UA . -8.28 -6.27 -10.17
C1A CLA UA . -8.85 -5.24 -9.42
C2A CLA UA . -9.61 -4.26 -10.32
C3A CLA UA . -9.77 -5.08 -11.61
C4A CLA UA . -8.62 -6.08 -11.48
CMA CLA UA . -11.07 -5.84 -11.61
CAA CLA UA . -8.84 -2.95 -10.45
CBA CLA UA . -7.95 -2.75 -11.67
CGA CLA UA . -6.91 -1.72 -11.38
O1A CLA UA . -5.94 -1.79 -10.63
O2A CLA UA . -7.09 -0.54 -12.07
NB CLA UA . -6.48 -8.11 -11.40
C1B CLA UA . -7.07 -7.63 -12.54
C2B CLA UA . -6.45 -8.22 -13.75
C3B CLA UA . -5.43 -9.01 -13.31
C4B CLA UA . -5.43 -8.95 -11.83
CMB CLA UA . -6.82 -7.92 -15.13
CAB CLA UA . -4.48 -9.70 -14.13
CBB CLA UA . -3.92 -10.87 -13.96
NC CLA UA . -5.34 -8.82 -8.83
C1C CLA UA . -4.49 -9.53 -9.62
C2C CLA UA . -3.40 -10.11 -8.86
C3C CLA UA . -3.53 -9.60 -7.57
C4C CLA UA . -4.75 -8.80 -7.56
CMC CLA UA . -2.31 -10.96 -9.35
CAC CLA UA . -2.65 -9.88 -6.43
CBC CLA UA . -1.51 -8.90 -6.33
ND CLA UA . -7.09 -7.05 -7.63
C1D CLA UA . -6.33 -7.28 -6.45
C2D CLA UA . -6.89 -6.52 -5.31
C3D CLA UA . -7.89 -5.74 -5.88
C4D CLA UA . -7.89 -6.04 -7.32
CMD CLA UA . -6.43 -6.57 -3.92
CAD CLA UA . -8.91 -4.75 -5.65
OBD CLA UA . -9.41 -4.39 -4.60
CBD CLA UA . -9.33 -4.22 -7.05
CGD CLA UA . -10.83 -4.19 -7.22
O1D CLA UA . -11.56 -5.10 -7.59
O2D CLA UA . -11.40 -3.01 -6.86
CED CLA UA . -12.26 -3.07 -5.73
C1 CLA UA . -6.13 -0.31 -13.12
C2 CLA UA . -6.59 0.86 -13.93
C3 CLA UA . -6.03 1.30 -15.08
C4 CLA UA . -6.60 2.49 -15.76
C5 CLA UA . -4.82 0.68 -15.73
C6 CLA UA . -4.91 0.47 -17.23
MG CLA VA . 1.25 -24.27 -15.64
CHA CLA VA . 4.38 -25.00 -16.99
CHB CLA VA . 1.33 -21.30 -17.22
CHC CLA VA . -2.11 -23.90 -15.16
CHD CLA VA . 0.95 -27.67 -14.75
NA CLA VA . 2.64 -23.32 -16.87
C1A CLA VA . 3.89 -23.77 -17.31
C2A CLA VA . 4.56 -22.73 -18.20
C3A CLA VA . 3.66 -21.47 -18.05
C4A CLA VA . 2.45 -22.07 -17.35
CMA CLA VA . 4.19 -20.39 -17.12
CAA CLA VA . 4.59 -23.22 -19.63
CBA CLA VA . 3.31 -23.90 -20.04
NB CLA VA . -0.15 -22.95 -16.24
C1B CLA VA . 0.17 -21.69 -16.59
C2B CLA VA . -0.86 -20.73 -16.17
C3B CLA VA . -1.86 -21.42 -15.58
C4B CLA VA . -1.41 -22.84 -15.63
CMB CLA VA . -0.67 -19.33 -16.42
CAB CLA VA . -3.11 -21.01 -15.02
CBB CLA VA . -3.88 -19.93 -15.31
NC CLA VA . -0.28 -25.54 -14.99
C1C CLA VA . -1.58 -25.16 -14.83
C2C CLA VA . -2.39 -26.26 -14.32
C3C CLA VA . -1.53 -27.35 -14.26
C4C CLA VA . -0.21 -26.89 -14.68
CMC CLA VA . -3.81 -26.24 -13.97
CAC CLA VA . -1.90 -28.69 -13.78
CBC CLA VA . -2.64 -29.52 -14.81
ND CLA VA . 2.42 -25.92 -15.62
C1D CLA VA . 2.19 -27.24 -15.18
C2D CLA VA . 3.45 -28.00 -15.29
C3D CLA VA . 4.35 -27.17 -15.93
C4D CLA VA . 3.63 -25.91 -16.19
CMD CLA VA . 3.67 -29.37 -14.83
CAD CLA VA . 5.70 -27.00 -16.44
OBD CLA VA . 6.68 -27.71 -16.29
CBD CLA VA . 5.70 -25.68 -17.27
CGD CLA VA . 6.87 -24.84 -16.84
O1D CLA VA . 7.25 -24.61 -15.69
O2D CLA VA . 7.58 -24.28 -17.85
CED CLA VA . 8.03 -22.95 -17.64
MG CHL WA . 3.91 -28.97 -30.50
CHA CHL WA . 2.59 -31.63 -28.66
CHB CHL WA . 4.06 -31.12 -33.16
CHC CHL WA . 4.71 -26.30 -32.52
CHD CHL WA . 2.54 -26.78 -28.14
NA CHL WA . 3.71 -31.02 -30.73
C1A CHL WA . 3.27 -31.98 -29.80
C2A CHL WA . 3.58 -33.39 -30.28
C3A CHL WA . 4.24 -33.15 -31.66
C4A CHL WA . 3.95 -31.67 -31.90
CMA CHL WA . 5.72 -33.41 -31.65
CAA CHL WA . 2.32 -34.24 -30.43
NB CHL WA . 4.32 -28.76 -32.46
C1B CHL WA . 4.32 -29.74 -33.38
C2B CHL WA . 4.71 -29.18 -34.71
C3B CHL WA . 4.93 -27.84 -34.55
C4B CHL WA . 4.68 -27.54 -33.10
CMB CHL WA . 4.77 -29.98 -35.93
CAB CHL WA . 5.07 -26.84 -35.59
CBB CHL WA . 4.16 -25.88 -35.75
NC CHL WA . 3.68 -26.90 -30.34
C1C CHL WA . 4.12 -25.98 -31.25
C2C CHL WA . 3.77 -24.62 -30.80
C3C CHL WA . 3.14 -24.77 -29.56
C4C CHL WA . 3.10 -26.21 -29.28
CMC CHL WA . 4.05 -23.33 -31.45
OMC CHL WA . 4.72 -23.25 -32.45
CAC CHL WA . 2.63 -23.69 -28.71
CBC CHL WA . 3.72 -23.06 -27.88
ND CHL WA . 2.82 -29.09 -28.80
C1D CHL WA . 2.34 -28.11 -27.92
C2D CHL WA . 1.59 -28.73 -26.81
C3D CHL WA . 1.66 -30.09 -27.05
C4D CHL WA . 2.43 -30.26 -28.29
CMD CHL WA . 0.95 -28.01 -25.72
CAD CHL WA . 1.28 -31.40 -26.58
OBD CHL WA . 0.64 -31.71 -25.58
CBD CHL WA . 1.87 -32.42 -27.60
CGD CHL WA . 2.77 -33.38 -26.90
O1D CHL WA . 4.00 -33.44 -26.96
O2D CHL WA . 2.12 -34.25 -26.08
CED CHL WA . 2.92 -35.12 -25.29
MG CHL XA . 0.75 -19.73 -22.00
CHA CHL XA . 0.05 -22.48 -23.94
CHB CHL XA . -2.58 -19.67 -21.08
CHC CHL XA . 1.54 -17.35 -19.74
CHD CHL XA . 4.24 -20.52 -22.29
NA CHL XA . -0.98 -20.74 -22.62
C1A CHL XA . -1.05 -21.83 -23.49
C2A CHL XA . -2.49 -22.30 -23.71
C3A CHL XA . -3.34 -21.29 -22.92
C4A CHL XA . -2.25 -20.49 -22.15
CMA CHL XA . -4.27 -20.68 -23.93
CAA CHL XA . -2.74 -23.70 -23.19
NB CHL XA . -0.33 -18.70 -20.66
C1B CHL XA . -1.65 -18.82 -20.41
C2B CHL XA . -2.05 -17.82 -19.36
C3B CHL XA . -0.91 -17.11 -19.01
C4B CHL XA . 0.21 -17.69 -19.82
CMB CHL XA . -3.44 -17.73 -18.91
CAB CHL XA . -0.66 -16.18 -17.94
CBB CHL XA . -1.30 -16.05 -16.80
NC CHL XA . 2.56 -19.06 -21.18
C1C CHL XA . 2.66 -18.04 -20.28
C2C CHL XA . 4.07 -17.81 -19.91
C3C CHL XA . 4.81 -18.74 -20.62
C4C CHL XA . 3.86 -19.49 -21.43
CMC CHL XA . 4.62 -16.89 -18.91
OMC CHL XA . 3.91 -16.34 -18.09
CAC CHL XA . 6.27 -18.90 -20.63
CBC CHL XA . 6.83 -20.10 -19.93
ND CHL XA . 1.93 -21.12 -22.86
C1D CHL XA . 3.33 -21.32 -22.90
C2D CHL XA . 3.62 -22.51 -23.72
C3D CHL XA . 2.39 -22.97 -24.13
C4D CHL XA . 1.37 -22.09 -23.57
CMD CHL XA . 4.96 -23.02 -24.01
CAD CHL XA . 1.71 -23.98 -24.87
OBD CHL XA . 2.23 -24.89 -25.47
CBD CHL XA . 0.19 -23.71 -24.80
CGD CHL XA . -0.40 -23.47 -26.16
O1D CHL XA . -0.64 -22.38 -26.70
O2D CHL XA . -0.71 -24.60 -26.85
CED CHL XA . -1.89 -24.59 -27.65
MG CHL YA . 4.84 -13.15 -16.28
CHA CHL YA . 8.02 -12.08 -15.38
CHB CHL YA . 3.72 -12.37 -13.15
CHC CHL YA . 1.64 -13.23 -17.38
CHD CHL YA . 6.00 -13.84 -19.55
NA CHL YA . 5.76 -12.41 -14.56
C1A CHL YA . 7.07 -11.97 -14.39
C2A CHL YA . 7.24 -11.34 -13.01
C3A CHL YA . 5.96 -11.86 -12.27
C4A CHL YA . 5.06 -12.26 -13.40
CMA CHL YA . 6.21 -12.98 -11.30
CAA CHL YA . 7.54 -9.84 -13.19
CBA CHL YA . 6.56 -8.85 -12.59
CGA CHL YA . 7.17 -7.49 -12.48
O1A CHL YA . 7.59 -6.84 -13.42
O2A CHL YA . 7.22 -6.85 -11.24
NB CHL YA . 3.03 -12.86 -15.43
C1B CHL YA . 2.76 -12.59 -14.14
C2B CHL YA . 1.29 -12.46 -13.92
C3B CHL YA . 0.67 -12.67 -15.12
C4B CHL YA . 1.80 -12.96 -16.07
CMB CHL YA . 0.72 -12.14 -12.62
CAB CHL YA . -0.73 -12.81 -15.47
CBB CHL YA . -1.72 -13.29 -14.72
NC CHL YA . 3.98 -13.48 -18.14
C1C CHL YA . 2.63 -13.49 -18.34
C2C CHL YA . 2.29 -13.82 -19.72
C3C CHL YA . 3.50 -13.94 -20.34
C4C CHL YA . 4.60 -13.76 -19.36
CMC CHL YA . 0.94 -13.69 -20.28
OMC CHL YA . 0.47 -12.62 -19.94
CAC CHL YA . 3.60 -14.28 -21.75
CBC CHL YA . 3.18 -13.16 -22.68
ND CHL YA . 6.58 -13.01 -17.29
C1D CHL YA . 6.93 -13.38 -18.62
C2D CHL YA . 8.37 -13.06 -18.81
C3D CHL YA . 8.84 -12.57 -17.60
C4D CHL YA . 7.69 -12.57 -16.69
CMD CHL YA . 9.10 -13.26 -20.05
CAD CHL YA . 9.99 -12.04 -16.87
OBD CHL YA . 11.13 -11.88 -17.24
CBD CHL YA . 9.49 -11.72 -15.43
CGD CHL YA . 10.24 -12.48 -14.37
O1D CHL YA . 9.77 -13.35 -13.66
O2D CHL YA . 11.55 -12.16 -14.17
CED CHL YA . 12.06 -12.42 -12.87
C1 CHL YA . 7.29 -7.46 -9.92
C2 CHL YA . 6.67 -6.61 -8.91
C3 CHL YA . 5.40 -6.16 -8.97
C4 CHL YA . 4.48 -6.43 -10.12
C5 CHL YA . 4.87 -5.33 -7.86
C6 CHL YA . 3.59 -5.87 -7.25
MG CHL ZA . -15.59 -18.23 -21.31
CHA CHL ZA . -14.02 -19.17 -18.34
CHB CHL ZA . -13.31 -20.09 -23.02
CHC CHL ZA . -17.72 -18.20 -23.97
CHD CHL ZA . -17.92 -16.38 -19.41
NA CHL ZA . -13.92 -19.34 -20.76
C1A CHL ZA . -13.48 -19.70 -19.49
C2A CHL ZA . -12.43 -20.79 -19.63
C3A CHL ZA . -11.81 -20.37 -20.98
C4A CHL ZA . -13.08 -19.90 -21.67
CMA CHL ZA . -10.76 -19.30 -20.87
CAA CHL ZA . -13.07 -22.17 -19.72
CBA CHL ZA . -13.31 -22.85 -18.38
CGA CHL ZA . -14.06 -24.12 -18.58
NB CHL ZA . -15.52 -19.00 -23.17
C1B CHL ZA . -14.49 -19.71 -23.70
C2B CHL ZA . -14.81 -20.09 -25.11
C3B CHL ZA . -16.07 -19.58 -25.41
C4B CHL ZA . -16.54 -18.86 -24.16
CMB CHL ZA . -13.84 -20.89 -25.86
CAB CHL ZA . -16.84 -19.57 -26.65
CBB CHL ZA . -16.47 -19.78 -27.91
NC CHL ZA . -17.49 -17.42 -21.63
C1C CHL ZA . -18.18 -17.52 -22.80
C2C CHL ZA . -19.46 -16.81 -22.67
C3C CHL ZA . -19.50 -16.31 -21.38
C4C CHL ZA . -18.25 -16.68 -20.74
CMC CHL ZA . -20.53 -16.74 -23.67
OMC CHL ZA . -21.65 -16.39 -23.36
CAC CHL ZA . -20.57 -15.52 -20.75
CBC CHL ZA . -21.49 -16.36 -19.90
ND CHL ZA . -15.95 -17.83 -19.37
C1D CHL ZA . -16.92 -17.02 -18.74
C2D CHL ZA . -16.72 -17.08 -17.28
C3D CHL ZA . -15.62 -17.88 -17.08
C4D CHL ZA . -15.17 -18.32 -18.41
CMD CHL ZA . -17.57 -16.37 -16.32
CAD CHL ZA . -14.72 -18.44 -16.10
OBD CHL ZA . -14.74 -18.35 -14.88
CBD CHL ZA . -13.68 -19.31 -16.87
CGD CHL ZA . -12.28 -18.87 -16.56
O1D CHL ZA . -11.23 -19.49 -16.71
O2D CHL ZA . -12.22 -17.63 -16.03
CED CHL ZA . -11.95 -16.56 -16.94
NB KC2 AB . -9.14 -8.71 -20.20
ND KC2 AB . -9.94 -9.71 -16.41
C1A KC2 AB . -12.22 -7.78 -17.22
C1B KC2 AB . -9.83 -7.87 -20.97
C1C KC2 AB . -7.04 -10.69 -19.25
C1D KC2 AB . -9.25 -10.62 -15.60
C2A KC2 AB . -13.34 -6.85 -17.69
C2B KC2 AB . -9.22 -7.77 -22.32
C2C KC2 AB . -6.02 -11.63 -18.86
C2D KC2 AB . -9.92 -10.66 -14.31
C3A KC2 AB . -12.85 -6.36 -19.07
C3B KC2 AB . -8.13 -8.60 -22.30
C3C KC2 AB . -6.29 -12.05 -17.58
C3D KC2 AB . -11.00 -9.83 -14.38
C4A KC2 AB . -11.63 -7.22 -19.33
C4B KC2 AB . -8.06 -9.21 -20.95
C4C KC2 AB . -7.48 -11.31 -17.19
C4D KC2 AB . -10.98 -9.26 -15.72
CAA KC2 AB . -13.41 -5.62 -16.82
CAB KC2 AB . -7.15 -8.89 -23.31
CAC KC2 AB . -5.40 -13.03 -16.93
CAD KC2 AB . -12.16 -9.28 -13.69
CBA KC2 AB . -14.70 -5.46 -16.06
CBB KC2 AB . -6.35 -8.02 -23.92
CBC KC2 AB . -5.61 -13.41 -15.68
CBD KC2 AB . -12.89 -8.35 -14.71
CED KC2 AB . -16.38 -8.05 -13.81
CGA KC2 AB . -15.86 -5.17 -16.94
CGD KC2 AB . -14.34 -8.73 -14.84
CHA KC2 AB . -12.09 -8.41 -15.99
CHB KC2 AB . -10.97 -7.19 -20.54
CHC KC2 AB . -7.12 -10.09 -20.53
CHD KC2 AB . -8.14 -11.35 -15.96
CMA KC2 AB . -13.84 -6.44 -20.19
CMB KC2 AB . -9.71 -6.93 -23.38
CMC KC2 AB . -4.91 -12.08 -19.68
CMD KC2 AB . -9.41 -11.49 -13.28
NA KC2 AB . -11.27 -7.95 -18.25
NC KC2 AB . -7.90 -10.48 -18.23
O1A KC2 AB . -15.87 -4.65 -18.05
O1D KC2 AB . -14.92 -9.09 -15.85
O2A KC2 AB . -17.05 -5.52 -16.38
O2D KC2 AB . -15.08 -8.63 -13.71
OBD KC2 AB . -12.53 -9.47 -12.55
MG KC2 AB . -9.50 -9.11 -18.26
MG CLA BB . -16.36 -23.69 -10.45
CHA CLA BB . -19.54 -23.67 -11.91
CHB CLA BB . -17.48 -26.07 -8.28
CHC CLA BB . -13.11 -24.54 -9.72
CHD CLA BB . -15.22 -21.81 -13.21
NA CLA BB . -18.20 -24.61 -10.12
C1A CLA BB . -19.40 -24.48 -10.83
C2A CLA BB . -20.52 -25.30 -10.21
C3A CLA BB . -19.90 -25.66 -8.86
C4A CLA BB . -18.41 -25.45 -9.08
CMA CLA BB . -20.34 -24.59 -7.91
CAA CLA BB . -20.94 -26.50 -11.05
CBA CLA BB . -19.82 -27.51 -11.22
NB CLA BB . -15.48 -25.10 -9.31
C1B CLA BB . -16.11 -25.89 -8.40
C2B CLA BB . -15.12 -26.51 -7.48
C3B CLA BB . -13.89 -26.08 -7.88
C4B CLA BB . -14.10 -25.17 -9.03
CMB CLA BB . -15.54 -27.40 -6.40
CAB CLA BB . -12.58 -26.36 -7.34
CBB CLA BB . -12.23 -26.45 -6.06
NC CLA BB . -14.50 -23.18 -11.26
C1C CLA BB . -13.28 -23.58 -10.75
C2C CLA BB . -12.20 -22.97 -11.53
C3C CLA BB . -12.81 -22.26 -12.56
C4C CLA BB . -14.24 -22.39 -12.38
CMC CLA BB . -10.76 -23.12 -11.30
CAC CLA BB . -12.12 -21.48 -13.59
CBC CLA BB . -11.83 -22.32 -14.82
ND CLA BB . -17.15 -22.74 -12.04
C1D CLA BB . -16.58 -21.97 -13.07
C2D CLA BB . -17.67 -21.46 -13.96
C3D CLA BB . -18.81 -22.10 -13.55
C4D CLA BB . -18.43 -22.92 -12.40
CMD CLA BB . -17.51 -20.56 -15.08
CAD CLA BB . -20.22 -22.29 -13.80
OBD CLA BB . -20.94 -21.78 -14.66
CBD CLA BB . -20.73 -23.36 -12.79
CGD CLA BB . -21.91 -22.88 -11.99
O1D CLA BB . -21.95 -22.68 -10.77
O2D CLA BB . -23.03 -22.62 -12.71
CED CLA BB . -24.26 -22.66 -11.98
MG CLA CB . -14.36 -24.55 7.19
CHA CLA CB . -15.99 -26.27 4.65
CHB CLA CB . -16.58 -25.91 9.43
CHC CLA CB . -12.33 -23.63 9.78
CHD CLA CB . -11.63 -24.12 4.97
NA CLA CB . -16.02 -25.83 7.04
C1A CLA CB . -16.56 -26.43 5.88
C2A CLA CB . -17.77 -27.30 6.20
C3A CLA CB . -18.02 -27.02 7.70
C4A CLA CB . -16.80 -26.19 8.11
CMA CLA CB . -19.37 -26.39 7.92
CAA CLA CB . -17.59 -28.80 5.88
CBA CLA CB . -17.46 -29.80 7.03
CGA CLA CB . -16.68 -30.99 6.55
O1A CLA CB . -17.07 -32.16 6.44
O2A CLA CB . -15.39 -30.70 6.18
NB CLA CB . -14.42 -24.79 9.19
C1B CLA CB . -15.50 -25.16 9.90
C2B CLA CB . -15.41 -24.65 11.30
C3B CLA CB . -14.21 -24.01 11.41
C4B CLA CB . -13.56 -24.11 10.07
CMB CLA CB . -16.44 -24.92 12.30
CAB CLA CB . -13.56 -23.37 12.52
CBB CLA CB . -14.11 -22.42 13.27
NC CLA CB . -12.36 -23.92 7.33
C1C CLA CB . -11.75 -23.53 8.49
C2C CLA CB . -10.39 -23.06 8.23
C3C CLA CB . -10.14 -23.29 6.87
C4C CLA CB . -11.40 -23.81 6.32
CMC CLA CB . -9.44 -22.53 9.23
CAC CLA CB . -8.91 -22.94 6.10
CBC CLA CB . -7.62 -23.64 6.49
ND CLA CB . -13.90 -24.97 5.27
C1D CLA CB . -12.77 -24.67 4.46
C2D CLA CB . -13.05 -25.03 3.05
C3D CLA CB . -14.30 -25.60 3.07
C4D CLA CB . -14.76 -25.60 4.47
CMD CLA CB . -12.16 -24.80 1.92
CAD CLA CB . -15.33 -26.25 2.29
OBD CLA CB . -15.36 -26.42 1.08
CBD CLA CB . -16.43 -26.75 3.28
CGD CLA CB . -17.78 -26.17 3.01
O1D CLA CB . -18.15 -25.00 3.12
O2D CLA CB . -18.69 -27.09 2.60
CED CLA CB . -19.95 -27.15 3.27
C1 CLA CB . -14.40 -30.35 7.16
C2 CLA CB . -14.05 -31.59 7.90
C3 CLA CB . -13.17 -32.50 7.46
C4 CLA CB . -12.86 -33.70 8.25
C5 CLA CB . -12.45 -32.35 6.15
MG CLA DB . -11.14 -28.60 -1.18
CHA CLA DB . -14.33 -29.93 -0.88
CHB CLA DB . -11.00 -29.72 -4.40
CHC CLA DB . -7.74 -28.00 -1.29
CHD CLA DB . -11.02 -28.25 2.33
NA CLA DB . -12.46 -29.65 -2.43
C1A CLA DB . -13.77 -30.08 -2.13
C2A CLA DB . -14.39 -30.77 -3.35
C3A CLA DB . -13.34 -30.58 -4.47
C4A CLA DB . -12.17 -29.94 -3.73
CMA CLA DB . -12.92 -31.91 -5.06
CAA CLA DB . -15.67 -30.08 -3.82
CBA CLA DB . -16.22 -30.78 -5.03
CGA CLA DB . -17.71 -30.61 -5.13
O1A CLA DB . -18.50 -30.08 -4.33
O2A CLA DB . -18.23 -31.12 -6.28
NB CLA DB . -9.69 -28.76 -2.58
C1B CLA DB . -9.83 -29.21 -3.83
C2B CLA DB . -8.54 -29.18 -4.56
C3B CLA DB . -7.60 -28.69 -3.69
C4B CLA DB . -8.34 -28.43 -2.41
CMB CLA DB . -8.38 -29.65 -5.93
CAB CLA DB . -6.19 -28.52 -3.87
CBB CLA DB . -5.24 -29.17 -3.20
NC CLA DB . -9.68 -28.11 0.24
C1C CLA DB . -8.37 -27.84 -0.03
C2C CLA DB . -7.67 -27.45 1.19
C3C CLA DB . -8.57 -27.63 2.22
C4C CLA DB . -9.83 -28.03 1.62
CMC CLA DB . -6.26 -27.04 1.32
CAC CLA DB . -8.35 -27.38 3.65
CBC CLA DB . -8.95 -26.09 4.10
ND CLA DB . -12.33 -28.98 0.40
C1D CLA DB . -12.18 -28.72 1.79
C2D CLA DB . -13.46 -28.96 2.47
C3D CLA DB . -14.35 -29.36 1.49
C4D CLA DB . -13.58 -29.40 0.22
CMD CLA DB . -13.69 -28.80 3.90
CAD CLA DB . -15.69 -29.79 1.19
OBD CLA DB . -16.68 -29.83 1.91
CBD CLA DB . -15.70 -30.23 -0.31
CGD CLA DB . -16.06 -31.69 -0.43
O1D CLA DB . -15.42 -32.58 -0.98
O2D CLA DB . -17.26 -32.03 0.14
CED CLA DB . -18.43 -31.74 -0.60
C1 CLA DB . -18.51 -32.54 -6.27
C2 CLA DB . -19.91 -32.72 -5.81
C3 CLA DB . -20.41 -33.84 -5.23
C4 CLA DB . -21.84 -33.85 -4.84
C5 CLA DB . -19.64 -35.11 -4.95
C6 CLA DB . -19.64 -35.47 -3.48
MG CLA EB . 3.28 -17.89 4.06
CHA CLA EB . 6.45 -18.76 5.20
CHB CLA EB . 2.30 -21.14 4.49
CHC CLA EB . -0.02 -16.95 3.83
CHD CLA EB . 4.15 -14.50 4.58
NA CLA EB . 4.23 -19.64 4.73
C1A CLA EB . 5.55 -19.80 5.17
C2A CLA EB . 5.82 -21.24 5.57
C3A CLA EB . 4.57 -21.99 5.09
C4A CLA EB . 3.61 -20.85 4.76
CMA CLA EB . 4.86 -22.79 3.87
CAA CLA EB . 5.94 -21.32 7.09
NB CLA EB . 1.50 -18.85 4.18
C1B CLA EB . 1.32 -20.20 4.18
C2B CLA EB . -0.08 -20.53 3.84
C3B CLA EB . -0.75 -19.35 3.65
C4B CLA EB . 0.25 -18.27 3.86
CMB CLA EB . -0.54 -21.91 3.81
CAB CLA EB . -2.13 -19.08 3.36
CBB CLA EB . -2.88 -19.75 2.49
NC CLA EB . 2.28 -16.06 4.13
C1C CLA EB . 0.93 -15.88 3.97
C2C CLA EB . 0.60 -14.46 4.00
C3C CLA EB . 1.76 -13.78 4.32
C4C CLA EB . 2.80 -14.79 4.40
CMC CLA EB . -0.72 -13.84 3.83
CAC CLA EB . 1.93 -12.32 4.52
CBC CLA EB . 1.91 -11.94 5.98
ND CLA EB . 4.88 -16.82 4.67
C1D CLA EB . 5.14 -15.43 4.70
C2D CLA EB . 6.59 -15.19 4.86
C3D CLA EB . 7.14 -16.45 5.02
C4D CLA EB . 6.03 -17.42 4.97
CMD CLA EB . 7.22 -13.88 4.79
CAD CLA EB . 8.35 -17.21 5.26
OBD CLA EB . 9.51 -16.81 5.31
CBD CLA EB . 7.94 -18.69 5.47
CGD CLA EB . 8.82 -19.57 4.63
O1D CLA EB . 9.63 -19.22 3.77
O2D CLA EB . 8.71 -20.91 4.90
CED CLA EB . 9.45 -21.44 6.00
MG CLA FB . 2.90 -25.09 10.32
CHA CLA FB . 2.84 -22.10 12.05
CHB CLA FB . 4.11 -26.66 13.12
CHC CLA FB . 2.23 -28.14 8.92
CHD CLA FB . 1.18 -23.51 7.65
NA CLA FB . 3.41 -24.46 12.24
C1A CLA FB . 3.31 -23.16 12.77
C2A CLA FB . 3.79 -23.11 14.22
C3A CLA FB . 4.38 -24.53 14.44
C4A CLA FB . 3.94 -25.29 13.20
CMA CLA FB . 5.89 -24.49 14.58
CAA CLA FB . 2.61 -22.88 15.14
NB CLA FB . 3.09 -27.00 10.92
C1B CLA FB . 3.75 -27.44 12.02
C2B CLA FB . 4.03 -28.90 11.91
C3B CLA FB . 3.50 -29.33 10.73
C4B CLA FB . 2.91 -28.13 10.08
CMB CLA FB . 4.68 -29.67 12.96
CAB CLA FB . 3.49 -30.64 10.15
CBB CLA FB . 2.40 -31.36 9.88
NC CLA FB . 1.87 -25.71 8.61
C1C CLA FB . 1.71 -27.01 8.23
C2C CLA FB . 0.92 -27.08 7.01
C3C CLA FB . 0.66 -25.77 6.63
C4C CLA FB . 1.28 -24.91 7.63
CMC CLA FB . 0.44 -28.29 6.33
CAC CLA FB . -0.10 -25.34 5.46
CBC CLA FB . -1.56 -25.10 5.80
ND CLA FB . 2.17 -23.26 9.88
C1D CLA FB . 1.58 -22.71 8.71
C2D CLA FB . 1.48 -21.25 8.85
C3D CLA FB . 1.94 -20.96 10.12
C4D CLA FB . 2.35 -22.24 10.71
CMD CLA FB . 0.95 -20.32 7.85
CAD CLA FB . 2.24 -19.92 11.07
OBD CLA FB . 2.13 -18.70 10.96
CBD CLA FB . 2.75 -20.62 12.36
CGD CLA FB . 4.05 -20.04 12.81
O1D CLA FB . 4.54 -20.06 13.93
O2D CLA FB . 4.74 -19.44 11.80
CED CLA FB . 5.54 -20.30 11.00
MG CHL GB . 2.85 -35.93 -16.88
CHA CHL GB . 2.10 -34.27 -13.92
CHB CHL GB . 3.76 -38.65 -14.96
CHC CHL GB . 2.43 -37.94 -19.61
CHD CHL GB . 1.38 -33.23 -18.68
NA CHL GB . 3.07 -36.30 -14.83
C1A CHL GB . 2.70 -35.48 -13.75
C2A CHL GB . 3.04 -36.14 -12.40
C3A CHL GB . 3.94 -37.31 -12.83
C4A CHL GB . 3.58 -37.45 -14.31
CMA CHL GB . 5.40 -37.02 -12.60
CAA CHL GB . 1.83 -36.58 -11.58
CBA CHL GB . 0.63 -37.04 -12.41
CGA CHL GB . -0.47 -37.49 -11.50
O1A CHL GB . -0.43 -38.29 -10.56
NB CHL GB . 3.06 -37.91 -17.22
C1B CHL GB . 3.46 -38.85 -16.32
C2B CHL GB . 3.52 -40.18 -16.99
C3B CHL GB . 3.16 -40.02 -18.31
C4B CHL GB . 2.85 -38.55 -18.46
CMB CHL GB . 3.90 -41.40 -16.28
CAB CHL GB . 2.89 -41.06 -19.25
CBB CHL GB . 1.78 -41.16 -20.00
NC CHL GB . 2.06 -35.64 -18.80
C1C CHL GB . 2.00 -36.59 -19.77
C2C CHL GB . 1.39 -36.04 -21.00
C3C CHL GB . 1.11 -34.71 -20.71
C4C CHL GB . 1.55 -34.45 -19.35
CMC CHL GB . 1.15 -36.73 -22.28
OMC CHL GB . 1.53 -37.87 -22.52
CAC CHL GB . 0.49 -33.70 -21.61
CBC CHL GB . -0.99 -33.50 -21.31
ND CHL GB . 1.96 -34.17 -16.48
C1D CHL GB . 1.43 -33.13 -17.31
C2D CHL GB . 0.88 -32.06 -16.46
C3D CHL GB . 1.12 -32.44 -15.16
C4D CHL GB . 1.78 -33.75 -15.22
CMD CHL GB . 0.25 -30.85 -16.98
CAD CHL GB . 0.98 -32.10 -13.76
OBD CHL GB . 0.49 -31.11 -13.25
CBD CHL GB . 1.59 -33.26 -12.93
CGD CHL GB . 2.60 -32.72 -11.97
O1D CHL GB . 3.66 -32.15 -12.24
O2D CHL GB . 2.26 -32.89 -10.65
CED CHL GB . 1.15 -32.17 -10.11
C18 Q6L HB . -8.72 -26.64 -7.96
C19 Q6L HB . -7.69 -26.10 -7.10
C03 Q6L HB . -15.71 -28.57 -13.38
C05 Q6L HB . -18.12 -28.34 -14.41
C07 Q6L HB . -17.17 -30.60 -13.68
C09 Q6L HB . -16.23 -27.22 -15.47
C10 Q6L HB . -17.05 -26.40 -13.26
C11 Q6L HB . -14.54 -27.82 -12.83
C13 Q6L HB . -12.17 -26.97 -12.96
C14 Q6L HB . -11.72 -27.23 -11.72
C22 Q6L HB . -6.76 -24.72 -3.79
C27 Q6L HB . -2.94 -23.49 -0.68
C28 Q6L HB . -3.46 -23.54 0.73
C30 Q6L HB . -0.40 -22.86 0.10
C31 Q6L HB . 1.04 -22.73 -0.37
C33 Q6L HB . 3.00 -21.11 0.04
C36 Q6L HB . 1.94 -23.90 0.13
C01 Q6L HB . -14.69 -30.93 -13.64
C02 Q6L HB . -15.84 -29.94 -13.41
C04 Q6L HB . -16.77 -27.68 -14.10
C06 Q6L HB . -18.36 -29.63 -13.63
C12 Q6L HB . -13.34 -27.69 -13.44
C15 Q6L HB . -10.59 -26.58 -11.10
C16 Q6L HB . -10.00 -27.04 -9.98
C17 Q6L HB . -8.87 -26.40 -9.28
C20 Q6L HB . -7.89 -25.71 -5.83
C21 Q6L HB . -6.78 -25.22 -5.05
C23 Q6L HB . -7.97 -24.57 -2.92
C24 Q6L HB . -5.45 -24.32 -3.27
C25 Q6L HB . -5.02 -24.19 -2.00
C26 Q6L HB . -3.65 -23.77 -1.79
C29 Q6L HB . -1.52 -23.09 -0.90
C32 Q6L HB . 1.66 -21.33 -0.09
C34 Q6L HB . 3.98 -22.30 0.23
C35 Q6L HB . 3.42 -23.65 -0.24
C37 Q6L HB . 1.47 -25.21 -0.49
C38 Q6L HB . 1.87 -24.03 1.66
C40 Q6L HB . 0.81 -20.18 0.26
C41 Q6L HB . -7.97 -25.51 -10.08
C42 Q6L HB . -11.53 -25.99 -13.89
C18 Q6L IB . -6.16 -11.45 -4.77
C19 Q6L IB . -5.33 -12.17 -5.68
C03 Q6L IB . -10.32 -7.88 2.83
C05 Q6L IB . -11.61 -8.35 5.10
C07 Q6L IB . -12.83 -7.62 2.96
C09 Q6L IB . -10.01 -6.52 4.96
C10 Q6L IB . -9.21 -8.88 4.90
C11 Q6L IB . -9.18 -8.60 2.21
C13 Q6L IB . -7.29 -8.87 0.58
C14 Q6L IB . -7.22 -8.90 -0.77
C22 Q6L IB . -4.80 -13.63 -9.00
C27 Q6L IB . -1.83 -16.19 -12.16
C28 Q6L IB . -2.74 -16.57 -13.29
C30 Q6L IB . 0.31 -17.61 -13.13
C31 Q6L IB . 1.69 -18.12 -12.80
C33 Q6L IB . 2.85 -20.40 -12.87
C36 Q6L IB . 2.81 -17.53 -13.73
O08 Q6L IB . -14.03 -8.36 4.93
O39 Q6L IB . 5.23 -20.45 -13.37
C01 Q6L IB . -11.69 -6.98 0.81
C02 Q6L IB . -11.52 -7.59 2.22
C04 Q6L IB . -10.31 -7.92 4.40
C06 Q6L IB . -12.82 -8.54 4.19
C12 Q6L IB . -8.41 -8.16 1.20
C15 Q6L IB . -6.22 -9.57 -1.56
C16 Q6L IB . -6.54 -10.15 -2.74
C17 Q6L IB . -5.68 -10.89 -3.64
C20 Q6L IB . -5.68 -12.53 -6.92
C21 Q6L IB . -4.69 -13.22 -7.72
C23 Q6L IB . -6.00 -13.42 -9.86
C24 Q6L IB . -3.62 -14.29 -9.57
C25 Q6L IB . -3.47 -14.89 -10.77
C26 Q6L IB . -2.19 -15.46 -11.09
C29 Q6L IB . -0.40 -16.63 -12.20
C32 Q6L IB . 1.74 -19.66 -12.66
C34 Q6L IB . 4.00 -19.83 -13.71
C35 Q6L IB . 4.14 -18.30 -13.61
C37 Q6L IB . 3.07 -16.06 -13.38
C38 Q6L IB . 2.40 -17.55 -15.20
C40 Q6L IB . 0.48 -20.44 -12.64
C41 Q6L IB . -4.25 -11.03 -3.25
C42 Q6L IB . -6.29 -9.49 1.50
C01 IWJ JB . 3.94 -10.93 14.52
C02 IWJ JB . 3.87 -12.40 14.69
C03 IWJ JB . 3.50 -12.82 15.92
C04 IWJ JB . 2.74 -14.14 16.13
C05 IWJ JB . 2.81 -15.10 14.93
C06 IWJ JB . 2.75 -14.42 13.55
C07 IWJ JB . 3.80 -13.27 13.43
C08 IWJ JB . 3.56 -12.41 12.22
C09 IWJ JB . 4.48 -12.25 11.24
C10 IWJ JB . 4.34 -11.39 10.00
C11 IWJ JB . 5.31 -11.47 9.07
C12 IWJ JB . 5.32 -10.72 7.85
C13 IWJ JB . 6.31 -10.89 6.95
C14 IWJ JB . 6.41 -10.13 5.70
C15 IWJ JB . 7.46 -10.36 4.90
C16 IWJ JB . 7.65 -9.63 3.69
C17 IWJ JB . 8.86 -9.54 3.13
C18 IWJ JB . 9.05 -8.77 1.94
C19 IWJ JB . 10.25 -8.37 1.47
C20 IWJ JB . 11.55 -8.72 2.12
C21 IWJ JB . 10.24 -7.55 0.27
C22 IWJ JB . 10.99 -6.45 0.01
C23 IWJ JB . 10.77 -5.81 -1.25
C24 IWJ JB . 11.60 -5.18 -2.12
C25 IWJ JB . 13.07 -4.94 -1.95
C26 IWJ JB . 10.94 -4.75 -3.33
C28 IWJ JB . 9.55 -5.30 -3.63
C29 IWJ JB . 8.52 -4.21 -3.90
C30 IWJ JB . 7.91 -4.47 -5.19
C31 IWJ JB . 8.61 -5.10 -6.13
C32 IWJ JB . 6.89 -3.35 -5.50
C33 IWJ JB . 5.92 -3.00 -4.37
C34 IWJ JB . 6.04 -4.00 -3.21
C35 IWJ JB . 7.50 -4.15 -2.77
C36 IWJ JB . 7.54 -5.45 -1.93
C37 IWJ JB . 7.83 -2.97 -1.83
C40 IWJ JB . 5.34 -9.14 5.39
C41 IWJ JB . 3.13 -10.51 9.87
C42 IWJ JB . 1.33 -13.90 13.31
C43 IWJ JB . 3.05 -15.48 12.48
O27 IWJ JB . 11.48 -3.98 -4.11
O38 IWJ JB . 4.58 -2.94 -4.83
O39 IWJ JB . 9.16 -2.98 -3.97
O44 IWJ JB . 3.17 -14.79 17.32
C18 Q6L KB . -0.41 -18.24 12.70
C19 Q6L KB . -1.64 -18.21 11.96
C03 Q6L KB . 7.36 -18.96 17.55
C05 Q6L KB . 9.36 -20.13 16.35
C07 Q6L KB . 9.44 -17.62 17.05
C09 Q6L KB . 7.20 -20.13 15.28
C10 Q6L KB . 7.55 -21.49 17.35
C11 Q6L KB . 5.93 -19.11 17.90
C13 Q6L KB . 3.51 -18.69 17.23
C14 Q6L KB . 2.87 -18.45 16.08
C22 Q6L KB . -3.07 -17.82 8.63
C27 Q6L KB . -6.89 -17.91 5.99
C28 Q6L KB . -6.17 -19.08 5.40
C30 Q6L KB . -9.39 -18.84 5.72
C31 Q6L KB . -10.83 -18.61 6.12
C33 Q6L KB . -11.23 -16.38 7.35
C36 Q6L KB . -11.70 -18.07 4.95
O08 Q6L KB . 10.00 -18.37 14.75
O39 Q6L KB . -13.15 -15.39 6.25
C01 Q6L KB . 7.54 -16.44 18.11
C02 Q6L KB . 8.02 -17.77 17.50
C04 Q6L KB . 7.86 -20.13 16.66
C06 Q6L KB . 9.97 -18.73 16.13
C12 Q6L KB . 4.95 -18.64 17.11
C15 Q6L KB . 1.47 -18.41 15.82
C16 Q6L KB . 1.08 -18.23 14.55
C17 Q6L KB . -0.28 -18.16 14.04
C20 Q6L KB . -1.64 -18.20 10.62
C21 Q6L KB . -2.89 -18.15 9.92
C23 Q6L KB . -1.96 -17.42 7.71
C24 Q6L KB . -4.44 -17.82 8.12
C25 Q6L KB . -4.97 -16.91 7.26
C26 Q6L KB . -6.33 -16.98 6.80
C29 Q6L KB . -8.34 -17.74 5.67
C32 Q6L KB . -10.95 -17.70 7.38
C34 Q6L KB . -11.78 -15.70 6.08
C35 Q6L KB . -11.63 -16.53 4.78
C37 Q6L KB . -13.17 -18.46 5.16
C38 Q6L KB . -11.22 -18.69 3.62
C40 Q6L KB . -10.64 -18.25 8.72
C41 Q6L KB . -1.40 -18.02 15.02
C42 Q6L KB . 2.86 -19.00 18.55
#